data_5F2G
#
_entry.id   5F2G
#
_cell.length_a   63.712
_cell.length_b   106.858
_cell.length_c   238.445
_cell.angle_alpha   90.00
_cell.angle_beta   90.00
_cell.angle_gamma   90.00
#
_symmetry.space_group_name_H-M   'P 21 21 21'
#
loop_
_entity.id
_entity.type
_entity.pdbx_description
1 polymer 'Tagatose 1,6-diphosphate aldolase 2'
2 non-polymer 1,6-di-O-phosphono-D-fructose
3 non-polymer 'CALCIUM ION'
4 non-polymer 1,3-DIHYDROXYACETONEPHOSPHATE
5 water water
#
_entity_poly.entity_id   1
_entity_poly.type   'polypeptide(L)'
_entity_poly.pdbx_seq_one_letter_code
;MTITLTENKRKSMEKLSVDGVISALAFDQRGALKRMMAQHQTKEPTVEQIEELKSLVSEELTPFASSILLDPEYGLPASR
VRSEEAGLLLAYEKTGYDATTTSRLPDCLDVWSAKRIKEAGAEAVKFLLYYDIDGDQDVNEQKKAYIERIGSECRAEDIP
FYLQILTYDEKIADNASPEFAKVKAHKVNEAMKVFSKERFGVDVLKVEVPVNMKFVEGFADGEVLFTKEEAAQAFRDQEA
STDLPYIYLSAGVSAKLFQDTLVFAAESGAKFNGVLCGRATWAGSVKVYIEEGPQAAREWLRTEGFKNIDELNKVLDKTA
SPWTEKM
;
_entity_poly.pdbx_strand_id   A,B,C,D
#
loop_
_chem_comp.id
_chem_comp.type
_chem_comp.name
_chem_comp.formula
13P non-polymer 1,3-DIHYDROXYACETONEPHOSPHATE 'C3 H7 O6 P'
CA non-polymer 'CALCIUM ION' 'Ca 2'
P6F non-polymer 1,6-di-O-phosphono-D-fructose 'C6 H14 O12 P2'
#
# COMPACT_ATOMS: atom_id res chain seq x y z
N THR A 4 -7.69 -22.17 -3.07
CA THR A 4 -8.09 -23.49 -2.61
C THR A 4 -9.57 -23.53 -2.25
N LEU A 5 -10.22 -24.63 -2.60
CA LEU A 5 -11.59 -24.85 -2.26
C LEU A 5 -11.70 -26.10 -1.42
N THR A 6 -12.59 -26.07 -0.45
CA THR A 6 -12.92 -27.26 0.28
C THR A 6 -13.67 -28.22 -0.64
N GLU A 7 -13.80 -29.45 -0.22
CA GLU A 7 -14.43 -30.45 -1.04
C GLU A 7 -15.85 -30.04 -1.38
N ASN A 8 -16.60 -29.58 -0.41
CA ASN A 8 -17.96 -29.15 -0.62
C ASN A 8 -18.11 -27.88 -1.45
N LYS A 9 -17.25 -26.92 -1.24
CA LYS A 9 -17.26 -25.72 -2.05
C LYS A 9 -16.95 -26.09 -3.51
N ARG A 10 -16.02 -26.99 -3.75
CA ARG A 10 -15.68 -27.41 -5.09
C ARG A 10 -16.85 -28.07 -5.77
N LYS A 11 -17.53 -28.93 -5.04
CA LYS A 11 -18.69 -29.60 -5.59
C LYS A 11 -19.78 -28.61 -5.95
N SER A 12 -19.99 -27.63 -5.10
CA SER A 12 -20.93 -26.60 -5.39
C SER A 12 -20.53 -25.74 -6.61
N MET A 13 -19.27 -25.38 -6.71
CA MET A 13 -18.78 -24.65 -7.88
C MET A 13 -19.01 -25.46 -9.16
N GLU A 14 -18.81 -26.77 -9.06
CA GLU A 14 -19.02 -27.65 -10.21
C GLU A 14 -20.48 -27.66 -10.65
N LYS A 15 -21.39 -27.53 -9.68
CA LYS A 15 -22.83 -27.55 -9.98
C LYS A 15 -23.29 -26.25 -10.62
N LEU A 16 -22.48 -25.20 -10.48
CA LEU A 16 -22.81 -23.88 -11.02
C LEU A 16 -22.15 -23.61 -12.36
N SER A 17 -21.27 -24.50 -12.80
N SER A 17 -21.27 -24.51 -12.77
CA SER A 17 -20.48 -24.24 -13.99
CA SER A 17 -20.40 -24.30 -13.92
C SER A 17 -20.35 -25.49 -14.86
C SER A 17 -20.48 -25.47 -14.92
N VAL A 18 -19.87 -25.29 -16.08
CA VAL A 18 -19.62 -26.38 -17.01
C VAL A 18 -18.20 -26.23 -17.54
N ASP A 19 -17.40 -27.28 -17.40
CA ASP A 19 -15.98 -27.29 -17.78
C ASP A 19 -15.28 -26.01 -17.31
N GLY A 20 -15.56 -25.63 -16.07
CA GLY A 20 -14.89 -24.51 -15.42
C GLY A 20 -15.38 -23.13 -15.83
N VAL A 21 -16.46 -23.07 -16.59
CA VAL A 21 -17.01 -21.79 -17.03
C VAL A 21 -18.42 -21.59 -16.48
N ILE A 22 -18.63 -20.41 -15.92
CA ILE A 22 -19.92 -20.07 -15.32
C ILE A 22 -20.77 -19.33 -16.35
N SER A 23 -21.82 -20.00 -16.83
CA SER A 23 -22.71 -19.40 -17.81
C SER A 23 -24.04 -19.19 -17.13
N ALA A 24 -24.04 -18.28 -16.16
CA ALA A 24 -25.15 -18.15 -15.22
C ALA A 24 -26.14 -17.07 -15.67
N LEU A 25 -27.40 -17.36 -15.41
CA LEU A 25 -28.50 -16.45 -15.68
C LEU A 25 -28.86 -15.70 -14.42
N ALA A 26 -28.89 -14.38 -14.49
CA ALA A 26 -29.17 -13.55 -13.32
C ALA A 26 -30.60 -13.04 -13.36
N PHE A 27 -31.39 -13.40 -12.35
CA PHE A 27 -32.73 -12.83 -12.23
C PHE A 27 -33.14 -12.70 -10.78
N ASP A 28 -32.28 -12.10 -9.97
CA ASP A 28 -32.62 -11.76 -8.59
C ASP A 28 -33.06 -10.32 -8.51
N GLN A 29 -33.25 -9.70 -9.67
CA GLN A 29 -33.72 -8.32 -9.74
C GLN A 29 -35.05 -8.17 -9.03
N ARG A 30 -35.16 -7.11 -8.22
N ARG A 30 -34.93 -7.19 -8.20
CA ARG A 30 -36.41 -6.80 -7.52
CA ARG A 30 -36.04 -6.64 -7.53
C ARG A 30 -36.85 -5.36 -7.79
C ARG A 30 -35.57 -5.22 -7.58
N GLY A 31 -36.40 -4.40 -6.98
CA GLY A 31 -36.54 -2.98 -7.30
C GLY A 31 -36.31 -2.58 -8.75
N ALA A 32 -35.22 -3.07 -9.33
CA ALA A 32 -34.92 -2.86 -10.74
C ALA A 32 -35.98 -3.45 -11.68
N LEU A 33 -36.47 -4.64 -11.36
CA LEU A 33 -37.52 -5.28 -12.14
C LEU A 33 -38.83 -4.53 -12.01
N LYS A 34 -39.07 -4.04 -10.82
CA LYS A 34 -40.24 -3.26 -10.54
C LYS A 34 -40.23 -1.98 -11.35
N ARG A 35 -39.07 -1.35 -11.43
CA ARG A 35 -38.90 -0.16 -12.24
C ARG A 35 -39.10 -0.43 -13.73
N MET A 36 -38.57 -1.53 -14.25
CA MET A 36 -38.81 -1.90 -15.64
C MET A 36 -40.28 -2.11 -15.90
N MET A 37 -40.93 -2.78 -14.97
CA MET A 37 -42.33 -3.08 -15.08
C MET A 37 -43.13 -1.78 -15.08
N ALA A 38 -42.61 -0.78 -14.37
CA ALA A 38 -43.31 0.49 -14.16
C ALA A 38 -43.51 1.20 -15.46
N GLN A 39 -42.55 1.00 -16.35
CA GLN A 39 -42.50 1.65 -17.61
C GLN A 39 -43.71 1.24 -18.47
N HIS A 40 -44.46 0.22 -18.07
CA HIS A 40 -45.46 -0.37 -18.96
C HIS A 40 -46.85 -0.52 -18.45
N GLN A 41 -47.11 -0.15 -17.22
CA GLN A 41 -48.47 -0.26 -16.70
C GLN A 41 -48.86 0.68 -15.57
N THR A 42 -50.16 0.81 -15.42
CA THR A 42 -50.73 1.77 -14.49
C THR A 42 -50.52 1.37 -13.06
N LYS A 43 -50.91 0.14 -12.80
CA LYS A 43 -50.99 -0.36 -11.46
C LYS A 43 -49.64 -0.75 -10.94
N GLU A 44 -49.57 -0.99 -9.64
CA GLU A 44 -48.39 -1.52 -9.05
C GLU A 44 -48.27 -2.97 -9.49
N PRO A 45 -47.07 -3.43 -9.75
CA PRO A 45 -46.95 -4.88 -9.97
C PRO A 45 -47.27 -5.70 -8.74
N THR A 46 -48.00 -6.75 -8.93
CA THR A 46 -48.29 -7.69 -7.87
C THR A 46 -47.21 -8.73 -7.58
N VAL A 47 -47.28 -9.31 -6.40
CA VAL A 47 -46.36 -10.38 -6.04
C VAL A 47 -46.46 -11.52 -7.03
N GLU A 48 -47.69 -11.85 -7.42
CA GLU A 48 -47.95 -12.97 -8.32
C GLU A 48 -47.29 -12.74 -9.68
N GLN A 49 -47.32 -11.51 -10.16
CA GLN A 49 -46.75 -11.17 -11.46
C GLN A 49 -45.24 -11.28 -11.42
N ILE A 50 -44.64 -10.78 -10.34
CA ILE A 50 -43.19 -10.85 -10.17
C ILE A 50 -42.76 -12.32 -10.06
N GLU A 51 -43.45 -13.09 -9.23
CA GLU A 51 -43.12 -14.51 -9.07
C GLU A 51 -43.30 -15.29 -10.37
N GLU A 52 -44.36 -14.98 -11.11
CA GLU A 52 -44.65 -15.70 -12.35
C GLU A 52 -43.57 -15.46 -13.40
N LEU A 53 -43.27 -14.20 -13.68
CA LEU A 53 -42.27 -13.86 -14.68
C LEU A 53 -40.93 -14.49 -14.36
N LYS A 54 -40.59 -14.53 -13.07
CA LYS A 54 -39.35 -15.18 -12.66
C LYS A 54 -39.40 -16.68 -12.95
N SER A 55 -40.56 -17.28 -12.72
CA SER A 55 -40.72 -18.70 -12.98
C SER A 55 -40.70 -19.01 -14.48
N LEU A 56 -41.24 -18.12 -15.30
CA LEU A 56 -41.22 -18.29 -16.74
C LEU A 56 -39.79 -18.23 -17.29
N VAL A 57 -39.00 -17.29 -16.79
CA VAL A 57 -37.62 -17.17 -17.22
C VAL A 57 -36.83 -18.39 -16.78
N SER A 58 -37.05 -18.83 -15.55
CA SER A 58 -36.37 -20.00 -15.03
C SER A 58 -36.71 -21.24 -15.86
N GLU A 59 -38.00 -21.46 -16.08
CA GLU A 59 -38.46 -22.63 -16.83
C GLU A 59 -37.91 -22.67 -18.26
N GLU A 60 -37.94 -21.53 -18.94
CA GLU A 60 -37.64 -21.51 -20.37
C GLU A 60 -36.15 -21.39 -20.67
N LEU A 61 -35.39 -20.69 -19.82
CA LEU A 61 -34.01 -20.37 -20.16
C LEU A 61 -32.94 -21.14 -19.40
N THR A 62 -33.26 -21.71 -18.24
CA THR A 62 -32.22 -22.40 -17.47
C THR A 62 -31.74 -23.69 -18.16
N PRO A 63 -32.51 -24.24 -19.12
CA PRO A 63 -31.89 -25.36 -19.85
C PRO A 63 -30.61 -24.96 -20.60
N PHE A 64 -30.39 -23.67 -20.76
CA PHE A 64 -29.26 -23.15 -21.52
C PHE A 64 -28.26 -22.40 -20.65
N ALA A 65 -28.37 -22.55 -19.34
CA ALA A 65 -27.47 -21.91 -18.39
C ALA A 65 -26.89 -22.94 -17.42
N SER A 66 -25.68 -22.70 -16.94
CA SER A 66 -25.06 -23.63 -16.01
C SER A 66 -25.66 -23.45 -14.61
N SER A 67 -26.29 -22.31 -14.38
CA SER A 67 -26.94 -22.02 -13.11
C SER A 67 -27.80 -20.77 -13.23
N ILE A 68 -28.63 -20.54 -12.21
CA ILE A 68 -29.46 -19.34 -12.19
C ILE A 68 -29.37 -18.69 -10.81
N LEU A 69 -29.30 -17.36 -10.81
CA LEU A 69 -29.32 -16.56 -9.58
C LEU A 69 -30.71 -16.01 -9.39
N LEU A 70 -31.28 -16.29 -8.23
CA LEU A 70 -32.62 -15.82 -7.88
C LEU A 70 -32.60 -15.16 -6.51
N ASP A 71 -33.66 -14.43 -6.21
CA ASP A 71 -33.83 -13.75 -4.93
C ASP A 71 -34.76 -14.57 -4.03
N PRO A 72 -34.45 -14.65 -2.73
CA PRO A 72 -35.38 -15.40 -1.87
C PRO A 72 -36.76 -14.77 -1.74
N GLU A 73 -36.90 -13.48 -2.04
CA GLU A 73 -38.18 -12.79 -1.83
C GLU A 73 -39.26 -13.23 -2.81
N TYR A 74 -38.93 -13.26 -4.11
CA TYR A 74 -39.89 -13.61 -5.16
C TYR A 74 -39.49 -14.84 -5.97
N GLY A 75 -38.28 -15.33 -5.76
CA GLY A 75 -37.69 -16.30 -6.68
C GLY A 75 -37.69 -17.75 -6.26
N LEU A 76 -38.21 -18.06 -5.07
CA LEU A 76 -38.12 -19.45 -4.62
C LEU A 76 -38.99 -20.41 -5.44
N PRO A 77 -40.21 -19.98 -5.85
CA PRO A 77 -40.94 -20.86 -6.76
C PRO A 77 -40.17 -21.10 -8.07
N ALA A 78 -39.60 -20.03 -8.62
CA ALA A 78 -38.79 -20.14 -9.83
C ALA A 78 -37.62 -21.10 -9.64
N SER A 79 -37.01 -21.09 -8.46
CA SER A 79 -35.84 -21.94 -8.22
C SER A 79 -36.21 -23.42 -8.30
N ARG A 80 -37.45 -23.75 -7.97
CA ARG A 80 -37.90 -25.13 -7.93
C ARG A 80 -38.27 -25.69 -9.32
N VAL A 81 -38.38 -24.83 -10.31
CA VAL A 81 -38.73 -25.29 -11.67
C VAL A 81 -37.59 -25.05 -12.66
N ARG A 82 -36.40 -24.78 -12.13
CA ARG A 82 -35.23 -24.65 -12.98
C ARG A 82 -34.86 -26.01 -13.54
N SER A 83 -34.15 -26.01 -14.68
CA SER A 83 -33.61 -27.24 -15.25
C SER A 83 -32.86 -28.08 -14.22
N GLU A 84 -33.03 -29.39 -14.30
CA GLU A 84 -32.31 -30.32 -13.43
C GLU A 84 -30.80 -30.18 -13.59
N GLU A 85 -30.34 -29.68 -14.74
CA GLU A 85 -28.92 -29.57 -15.02
C GLU A 85 -28.32 -28.25 -14.52
N ALA A 86 -29.16 -27.33 -14.08
CA ALA A 86 -28.72 -25.99 -13.67
C ALA A 86 -28.62 -25.83 -12.15
N GLY A 87 -27.53 -25.22 -11.71
CA GLY A 87 -27.33 -24.94 -10.30
C GLY A 87 -28.09 -23.71 -9.85
N LEU A 88 -28.05 -23.42 -8.55
CA LEU A 88 -28.80 -22.32 -7.95
C LEU A 88 -27.92 -21.43 -7.07
N LEU A 89 -27.99 -20.13 -7.33
CA LEU A 89 -27.46 -19.12 -6.39
C LEU A 89 -28.62 -18.32 -5.84
N LEU A 90 -28.54 -17.93 -4.58
CA LEU A 90 -29.54 -17.05 -3.98
C LEU A 90 -28.92 -15.76 -3.46
N ALA A 91 -29.59 -14.64 -3.74
CA ALA A 91 -29.16 -13.33 -3.27
C ALA A 91 -29.43 -13.16 -1.77
N TYR A 92 -28.56 -12.41 -1.11
CA TYR A 92 -28.58 -12.29 0.35
C TYR A 92 -28.80 -10.83 0.77
N GLU A 93 -28.57 -9.90 -0.16
CA GLU A 93 -28.68 -8.47 0.16
C GLU A 93 -30.08 -7.92 -0.09
N LYS A 94 -30.47 -6.91 0.68
CA LYS A 94 -31.66 -6.12 0.38
C LYS A 94 -31.41 -5.34 -0.91
N THR A 95 -32.49 -5.07 -1.64
CA THR A 95 -32.37 -4.46 -2.95
C THR A 95 -32.09 -2.95 -2.85
N GLY A 96 -31.33 -2.43 -3.81
CA GLY A 96 -31.14 -1.00 -3.95
C GLY A 96 -30.31 -0.36 -2.85
N TYR A 97 -30.48 0.96 -2.71
CA TYR A 97 -29.76 1.74 -1.71
C TYR A 97 -30.51 3.02 -1.39
N ASP A 98 -30.16 3.64 -0.27
CA ASP A 98 -30.74 4.92 0.13
C ASP A 98 -30.12 6.05 -0.68
N ALA A 99 -30.95 6.73 -1.47
CA ALA A 99 -30.48 7.76 -2.38
C ALA A 99 -30.34 9.12 -1.72
N THR A 100 -30.74 9.21 -0.45
CA THR A 100 -30.65 10.48 0.29
C THR A 100 -29.26 10.66 0.90
N THR A 101 -28.45 9.61 0.84
CA THR A 101 -27.06 9.67 1.32
C THR A 101 -26.14 8.99 0.32
N THR A 102 -24.83 9.14 0.53
CA THR A 102 -23.84 8.64 -0.40
C THR A 102 -23.14 7.36 0.07
N SER A 103 -23.52 6.87 1.24
CA SER A 103 -22.80 5.76 1.87
C SER A 103 -23.17 4.39 1.29
N ARG A 104 -24.41 4.25 0.81
CA ARG A 104 -24.92 3.00 0.25
C ARG A 104 -24.48 1.76 1.03
N LEU A 105 -24.82 1.72 2.32
CA LEU A 105 -24.34 0.66 3.19
C LEU A 105 -25.06 -0.66 2.95
N PRO A 106 -24.33 -1.79 3.03
CA PRO A 106 -24.93 -3.10 2.76
C PRO A 106 -25.82 -3.59 3.90
N ASP A 107 -26.82 -4.39 3.56
CA ASP A 107 -27.75 -4.90 4.55
C ASP A 107 -28.36 -6.22 4.05
N CYS A 108 -28.14 -7.28 4.82
CA CYS A 108 -28.68 -8.59 4.51
C CYS A 108 -30.19 -8.61 4.70
N LEU A 109 -30.86 -9.48 3.94
CA LEU A 109 -32.28 -9.72 4.13
C LEU A 109 -32.55 -10.12 5.59
N ASP A 110 -33.60 -9.56 6.18
CA ASP A 110 -33.81 -9.63 7.62
C ASP A 110 -33.96 -11.05 8.20
N VAL A 111 -34.63 -11.96 7.49
CA VAL A 111 -34.89 -13.30 8.06
C VAL A 111 -34.09 -14.38 7.35
N TRP A 112 -32.95 -13.99 6.78
CA TRP A 112 -32.08 -14.93 6.10
C TRP A 112 -30.69 -14.95 6.71
N SER A 113 -30.03 -16.10 6.54
CA SER A 113 -28.65 -16.29 6.92
C SER A 113 -28.03 -17.15 5.84
N ALA A 114 -26.72 -17.31 5.87
CA ALA A 114 -26.06 -18.21 4.92
C ALA A 114 -26.58 -19.64 5.13
N LYS A 115 -26.83 -19.99 6.38
CA LYS A 115 -27.33 -21.32 6.70
C LYS A 115 -28.71 -21.55 6.08
N ARG A 116 -29.57 -20.55 6.15
CA ARG A 116 -30.92 -20.66 5.58
C ARG A 116 -30.89 -20.68 4.05
N ILE A 117 -29.94 -19.96 3.47
CA ILE A 117 -29.78 -19.95 2.02
C ILE A 117 -29.39 -21.35 1.55
N LYS A 118 -28.47 -21.97 2.27
CA LYS A 118 -28.06 -23.33 1.97
C LYS A 118 -29.22 -24.31 2.16
N GLU A 119 -30.01 -24.09 3.21
CA GLU A 119 -31.16 -24.95 3.50
C GLU A 119 -32.23 -24.80 2.43
N ALA A 120 -32.25 -23.67 1.73
CA ALA A 120 -33.22 -23.41 0.68
C ALA A 120 -32.76 -23.99 -0.67
N GLY A 121 -31.61 -24.67 -0.65
CA GLY A 121 -31.16 -25.44 -1.80
C GLY A 121 -30.11 -24.77 -2.66
N ALA A 122 -29.61 -23.61 -2.24
CA ALA A 122 -28.64 -22.88 -3.05
C ALA A 122 -27.25 -23.52 -2.96
N GLU A 123 -26.50 -23.40 -4.05
CA GLU A 123 -25.12 -23.87 -4.11
C GLU A 123 -24.16 -22.68 -4.03
N ALA A 124 -24.70 -21.49 -3.85
CA ALA A 124 -23.88 -20.32 -3.57
C ALA A 124 -24.70 -19.20 -2.93
N VAL A 125 -24.03 -18.45 -2.06
CA VAL A 125 -24.55 -17.21 -1.51
C VAL A 125 -24.02 -16.05 -2.35
N LYS A 126 -24.94 -15.24 -2.87
CA LYS A 126 -24.57 -14.04 -3.62
C LYS A 126 -24.91 -12.80 -2.80
N PHE A 127 -23.98 -11.85 -2.76
CA PHE A 127 -24.20 -10.57 -2.07
C PHE A 127 -23.68 -9.41 -2.89
N LEU A 128 -24.51 -8.38 -3.03
N LEU A 128 -24.52 -8.38 -3.05
CA LEU A 128 -24.16 -7.18 -3.81
CA LEU A 128 -24.16 -7.19 -3.80
C LEU A 128 -23.70 -6.07 -2.89
C LEU A 128 -23.68 -6.09 -2.86
N LEU A 129 -22.49 -5.57 -3.13
CA LEU A 129 -21.92 -4.45 -2.39
C LEU A 129 -21.67 -3.27 -3.34
N TYR A 130 -22.19 -2.11 -2.98
CA TYR A 130 -21.81 -0.85 -3.61
C TYR A 130 -20.53 -0.36 -2.97
N TYR A 131 -19.51 -0.05 -3.79
CA TYR A 131 -18.22 0.35 -3.26
C TYR A 131 -17.56 1.47 -4.06
N ASP A 132 -17.19 2.53 -3.35
CA ASP A 132 -16.39 3.62 -3.89
C ASP A 132 -15.05 3.60 -3.17
N ILE A 133 -14.04 3.10 -3.85
CA ILE A 133 -12.70 2.95 -3.28
C ILE A 133 -12.18 4.29 -2.77
N ASP A 134 -12.63 5.39 -3.39
CA ASP A 134 -12.17 6.72 -3.02
C ASP A 134 -13.08 7.40 -2.00
N GLY A 135 -14.13 6.71 -1.55
CA GLY A 135 -15.12 7.32 -0.68
C GLY A 135 -14.68 7.42 0.77
N ASP A 136 -15.62 7.78 1.64
CA ASP A 136 -15.35 7.95 3.06
C ASP A 136 -14.73 6.68 3.68
N GLN A 137 -13.61 6.85 4.36
CA GLN A 137 -12.85 5.69 4.86
C GLN A 137 -13.60 4.94 5.97
N ASP A 138 -14.37 5.66 6.79
CA ASP A 138 -15.13 5.01 7.86
C ASP A 138 -16.30 4.20 7.29
N VAL A 139 -16.93 4.73 6.25
CA VAL A 139 -17.97 3.99 5.54
C VAL A 139 -17.39 2.69 4.99
N ASN A 140 -16.20 2.77 4.39
CA ASN A 140 -15.60 1.60 3.79
C ASN A 140 -15.10 0.60 4.82
N GLU A 141 -14.71 1.10 5.99
CA GLU A 141 -14.34 0.20 7.08
C GLU A 141 -15.55 -0.61 7.52
N GLN A 142 -16.71 0.04 7.57
CA GLN A 142 -17.95 -0.65 7.93
C GLN A 142 -18.33 -1.67 6.86
N LYS A 143 -18.11 -1.32 5.59
CA LYS A 143 -18.42 -2.23 4.50
C LYS A 143 -17.51 -3.45 4.54
N LYS A 144 -16.23 -3.23 4.78
CA LYS A 144 -15.27 -4.33 4.82
C LYS A 144 -15.58 -5.28 5.99
N ALA A 145 -15.91 -4.71 7.15
CA ALA A 145 -16.31 -5.54 8.30
C ALA A 145 -17.53 -6.41 7.94
N TYR A 146 -18.48 -5.81 7.23
CA TYR A 146 -19.71 -6.51 6.88
C TYR A 146 -19.42 -7.70 5.95
N ILE A 147 -18.54 -7.50 4.97
CA ILE A 147 -18.21 -8.57 4.04
C ILE A 147 -17.41 -9.68 4.75
N GLU A 148 -16.56 -9.30 5.70
CA GLU A 148 -15.86 -10.27 6.54
C GLU A 148 -16.84 -11.22 7.21
N ARG A 149 -17.93 -10.67 7.76
CA ARG A 149 -18.94 -11.47 8.44
C ARG A 149 -19.55 -12.50 7.49
N ILE A 150 -19.94 -12.04 6.30
CA ILE A 150 -20.59 -12.91 5.33
C ILE A 150 -19.61 -13.99 4.84
N GLY A 151 -18.37 -13.59 4.58
CA GLY A 151 -17.34 -14.52 4.16
C GLY A 151 -17.11 -15.60 5.20
N SER A 152 -17.19 -15.22 6.47
CA SER A 152 -17.05 -16.16 7.57
C SER A 152 -18.25 -17.11 7.64
N GLU A 153 -19.45 -16.57 7.45
CA GLU A 153 -20.66 -17.39 7.39
C GLU A 153 -20.51 -18.49 6.35
N CYS A 154 -20.06 -18.08 5.17
CA CYS A 154 -19.97 -18.98 4.04
C CYS A 154 -18.89 -20.03 4.24
N ARG A 155 -17.83 -19.66 4.94
CA ARG A 155 -16.81 -20.62 5.32
C ARG A 155 -17.40 -21.69 6.24
N ALA A 156 -18.17 -21.23 7.24
CA ALA A 156 -18.76 -22.14 8.23
C ALA A 156 -19.79 -23.07 7.59
N GLU A 157 -20.62 -22.53 6.71
CA GLU A 157 -21.67 -23.31 6.06
C GLU A 157 -21.11 -24.06 4.85
N ASP A 158 -19.85 -23.77 4.51
CA ASP A 158 -19.16 -24.48 3.45
C ASP A 158 -19.91 -24.32 2.14
N ILE A 159 -20.25 -23.08 1.82
CA ILE A 159 -21.01 -22.73 0.62
C ILE A 159 -20.29 -21.57 -0.09
N PRO A 160 -20.07 -21.68 -1.41
CA PRO A 160 -19.35 -20.62 -2.13
C PRO A 160 -19.94 -19.23 -1.96
N PHE A 161 -19.05 -18.25 -1.78
CA PHE A 161 -19.43 -16.86 -1.58
C PHE A 161 -19.17 -16.09 -2.87
N TYR A 162 -20.25 -15.69 -3.53
CA TYR A 162 -20.19 -14.85 -4.72
C TYR A 162 -20.42 -13.41 -4.32
N LEU A 163 -19.36 -12.60 -4.36
CA LEU A 163 -19.47 -11.19 -4.04
C LEU A 163 -19.61 -10.38 -5.32
N GLN A 164 -20.72 -9.66 -5.43
CA GLN A 164 -20.90 -8.71 -6.52
C GLN A 164 -20.48 -7.31 -6.08
N ILE A 165 -19.67 -6.66 -6.89
CA ILE A 165 -19.28 -5.27 -6.63
C ILE A 165 -19.83 -4.36 -7.72
N LEU A 166 -20.61 -3.37 -7.30
CA LEU A 166 -21.02 -2.29 -8.18
C LEU A 166 -20.35 -1.02 -7.71
N THR A 167 -19.58 -0.39 -8.59
CA THR A 167 -18.83 0.79 -8.20
C THR A 167 -19.63 2.05 -8.40
N TYR A 168 -19.26 3.09 -7.67
CA TYR A 168 -19.85 4.40 -7.83
C TYR A 168 -18.90 5.45 -7.29
N ASP A 169 -19.23 6.71 -7.49
CA ASP A 169 -18.49 7.81 -6.91
C ASP A 169 -19.46 8.66 -6.09
N GLU A 170 -19.10 8.92 -4.84
CA GLU A 170 -19.95 9.71 -3.94
C GLU A 170 -20.34 11.06 -4.54
N LYS A 171 -19.51 11.60 -5.42
CA LYS A 171 -19.69 12.95 -5.95
C LYS A 171 -20.13 12.99 -7.41
N ILE A 172 -20.28 11.81 -8.03
CA ILE A 172 -20.80 11.72 -9.39
C ILE A 172 -22.16 11.04 -9.38
N ALA A 173 -23.19 11.76 -9.82
CA ALA A 173 -24.56 11.26 -9.78
C ALA A 173 -24.81 10.12 -10.78
N ASP A 174 -24.25 10.24 -11.98
CA ASP A 174 -24.56 9.33 -13.09
C ASP A 174 -23.35 8.49 -13.49
N ASN A 175 -23.43 7.18 -13.23
N ASN A 175 -23.44 7.18 -13.26
CA ASN A 175 -22.36 6.26 -13.61
CA ASN A 175 -22.35 6.27 -13.60
C ASN A 175 -22.19 6.17 -15.12
C ASN A 175 -22.30 5.95 -15.10
N ALA A 176 -23.23 6.53 -15.86
CA ALA A 176 -23.20 6.44 -17.32
C ALA A 176 -22.53 7.67 -17.94
N SER A 177 -22.19 8.64 -17.11
CA SER A 177 -21.61 9.90 -17.59
C SER A 177 -20.18 9.70 -18.05
N PRO A 178 -19.69 10.60 -18.94
CA PRO A 178 -18.28 10.53 -19.32
C PRO A 178 -17.35 10.78 -18.14
N GLU A 179 -17.79 11.57 -17.16
CA GLU A 179 -16.98 11.83 -15.99
C GLU A 179 -16.72 10.55 -15.20
N PHE A 180 -17.73 9.72 -15.03
CA PHE A 180 -17.53 8.47 -14.32
C PHE A 180 -16.70 7.50 -15.15
N ALA A 181 -16.96 7.50 -16.46
CA ALA A 181 -16.22 6.63 -17.38
C ALA A 181 -14.72 6.80 -17.21
N LYS A 182 -14.29 8.03 -16.96
CA LYS A 182 -12.87 8.33 -16.84
C LYS A 182 -12.23 7.76 -15.57
N VAL A 183 -13.05 7.45 -14.57
CA VAL A 183 -12.52 6.87 -13.32
C VAL A 183 -12.99 5.42 -13.09
N LYS A 184 -13.79 4.88 -14.00
CA LYS A 184 -14.38 3.56 -13.80
C LYS A 184 -13.34 2.45 -13.60
N ALA A 185 -12.29 2.45 -14.40
CA ALA A 185 -11.28 1.40 -14.33
C ALA A 185 -10.65 1.39 -12.94
N HIS A 186 -10.33 2.57 -12.43
CA HIS A 186 -9.80 2.73 -11.09
C HIS A 186 -10.76 2.17 -10.04
N LYS A 187 -12.03 2.56 -10.13
CA LYS A 187 -13.04 2.12 -9.16
C LYS A 187 -13.18 0.60 -9.16
N VAL A 188 -13.28 0.01 -10.34
CA VAL A 188 -13.52 -1.42 -10.47
C VAL A 188 -12.31 -2.24 -10.05
N ASN A 189 -11.15 -1.90 -10.61
CA ASN A 189 -9.97 -2.74 -10.42
C ASN A 189 -9.42 -2.66 -9.01
N GLU A 190 -9.45 -1.48 -8.39
CA GLU A 190 -8.96 -1.34 -7.02
C GLU A 190 -9.91 -2.01 -6.04
N ALA A 191 -11.20 -1.96 -6.31
CA ALA A 191 -12.17 -2.67 -5.48
C ALA A 191 -11.94 -4.19 -5.52
N MET A 192 -11.65 -4.71 -6.69
CA MET A 192 -11.39 -6.12 -6.84
C MET A 192 -10.16 -6.52 -6.03
N LYS A 193 -9.18 -5.66 -6.05
CA LYS A 193 -7.96 -5.91 -5.35
C LYS A 193 -8.22 -6.03 -3.85
N VAL A 194 -9.01 -5.12 -3.33
CA VAL A 194 -9.30 -5.10 -1.92
C VAL A 194 -10.04 -6.38 -1.51
N PHE A 195 -11.05 -6.71 -2.26
CA PHE A 195 -11.95 -7.78 -1.89
C PHE A 195 -11.45 -9.15 -2.33
N SER A 196 -10.29 -9.20 -2.95
CA SER A 196 -9.58 -10.42 -3.16
C SER A 196 -8.72 -10.84 -1.98
N LYS A 197 -8.61 -9.98 -1.00
CA LYS A 197 -7.86 -10.31 0.20
C LYS A 197 -8.49 -11.53 0.86
N GLU A 198 -7.65 -12.40 1.39
CA GLU A 198 -8.07 -13.62 2.05
C GLU A 198 -9.15 -13.42 3.11
N ARG A 199 -9.05 -12.33 3.87
CA ARG A 199 -9.93 -12.12 5.00
C ARG A 199 -11.40 -11.99 4.62
N PHE A 200 -11.71 -11.75 3.35
CA PHE A 200 -13.11 -11.54 2.96
C PHE A 200 -13.80 -12.83 2.49
N GLY A 201 -13.02 -13.90 2.33
CA GLY A 201 -13.59 -15.22 2.08
C GLY A 201 -14.36 -15.37 0.78
N VAL A 202 -14.07 -14.53 -0.21
CA VAL A 202 -14.77 -14.58 -1.49
C VAL A 202 -14.27 -15.75 -2.34
N ASP A 203 -15.20 -16.43 -3.00
CA ASP A 203 -14.83 -17.49 -3.93
C ASP A 203 -14.92 -17.05 -5.38
N VAL A 204 -15.90 -16.20 -5.69
CA VAL A 204 -16.06 -15.65 -7.04
C VAL A 204 -16.49 -14.19 -6.96
N LEU A 205 -15.86 -13.35 -7.77
CA LEU A 205 -16.25 -11.95 -7.91
C LEU A 205 -17.16 -11.76 -9.12
N LYS A 206 -18.33 -11.17 -8.89
CA LYS A 206 -19.19 -10.72 -9.99
C LYS A 206 -18.96 -9.25 -10.18
N VAL A 207 -18.39 -8.86 -11.32
CA VAL A 207 -17.90 -7.50 -11.49
C VAL A 207 -18.30 -6.88 -12.82
N GLU A 208 -18.17 -5.56 -12.87
CA GLU A 208 -18.37 -4.81 -14.10
C GLU A 208 -17.14 -4.94 -14.97
N VAL A 209 -17.32 -4.82 -16.28
CA VAL A 209 -16.16 -4.61 -17.14
C VAL A 209 -15.58 -3.26 -16.74
N PRO A 210 -14.26 -3.12 -16.79
CA PRO A 210 -13.57 -1.94 -16.23
C PRO A 210 -13.60 -0.73 -17.15
N VAL A 211 -14.48 -0.75 -18.15
N VAL A 211 -14.48 -0.76 -18.15
CA VAL A 211 -14.59 0.31 -19.15
CA VAL A 211 -14.62 0.33 -19.11
C VAL A 211 -16.05 0.52 -19.54
C VAL A 211 -16.09 0.56 -19.41
N ASN A 212 -16.43 1.77 -19.84
CA ASN A 212 -17.73 2.02 -20.46
C ASN A 212 -17.51 1.96 -21.97
N MET A 213 -17.89 0.83 -22.55
CA MET A 213 -17.58 0.55 -23.96
C MET A 213 -18.20 1.58 -24.91
N LYS A 214 -19.24 2.27 -24.46
CA LYS A 214 -19.92 3.24 -25.31
C LYS A 214 -19.04 4.47 -25.59
N PHE A 215 -17.90 4.56 -24.91
CA PHE A 215 -16.96 5.67 -25.11
C PHE A 215 -15.62 5.20 -25.68
N VAL A 216 -15.58 3.95 -26.16
CA VAL A 216 -14.36 3.37 -26.71
C VAL A 216 -14.41 3.40 -28.23
N GLU A 217 -13.32 3.85 -28.86
CA GLU A 217 -13.25 3.92 -30.32
C GLU A 217 -13.59 2.56 -30.92
N GLY A 218 -14.41 2.58 -31.97
CA GLY A 218 -14.87 1.36 -32.60
C GLY A 218 -16.19 0.87 -32.05
N PHE A 219 -16.51 1.29 -30.82
CA PHE A 219 -17.79 0.94 -30.18
C PHE A 219 -18.65 2.18 -29.98
N ALA A 220 -18.00 3.33 -29.84
CA ALA A 220 -18.70 4.57 -29.55
C ALA A 220 -19.47 5.09 -30.76
N ASP A 221 -20.71 5.49 -30.52
CA ASP A 221 -21.52 6.15 -31.54
C ASP A 221 -21.44 7.67 -31.40
N GLY A 222 -20.95 8.12 -30.24
CA GLY A 222 -20.78 9.54 -29.98
C GLY A 222 -19.35 9.88 -29.61
N GLU A 223 -19.17 10.65 -28.54
CA GLU A 223 -17.85 11.04 -28.07
C GLU A 223 -16.98 9.83 -27.77
N VAL A 224 -15.69 9.95 -28.11
CA VAL A 224 -14.72 8.89 -27.84
C VAL A 224 -13.72 9.35 -26.78
N LEU A 225 -13.65 8.62 -25.68
CA LEU A 225 -12.76 8.96 -24.58
C LEU A 225 -11.51 8.09 -24.58
N PHE A 226 -11.63 6.87 -25.12
CA PHE A 226 -10.55 5.89 -25.04
C PHE A 226 -10.25 5.24 -26.39
N THR A 227 -8.97 5.13 -26.72
CA THR A 227 -8.53 4.28 -27.82
C THR A 227 -8.80 2.83 -27.45
N LYS A 228 -8.73 1.93 -28.43
CA LYS A 228 -8.91 0.52 -28.13
C LYS A 228 -7.78 0.00 -27.25
N GLU A 229 -6.58 0.53 -27.45
CA GLU A 229 -5.44 0.06 -26.67
C GLU A 229 -5.59 0.44 -25.20
N GLU A 230 -6.15 1.62 -24.95
CA GLU A 230 -6.40 2.06 -23.58
C GLU A 230 -7.48 1.21 -22.92
N ALA A 231 -8.54 0.89 -23.67
CA ALA A 231 -9.57 0.01 -23.15
C ALA A 231 -8.99 -1.38 -22.87
N ALA A 232 -8.18 -1.88 -23.80
CA ALA A 232 -7.56 -3.18 -23.64
C ALA A 232 -6.70 -3.24 -22.38
N GLN A 233 -5.94 -2.19 -22.13
CA GLN A 233 -5.06 -2.16 -20.96
C GLN A 233 -5.86 -2.20 -19.66
N ALA A 234 -7.04 -1.58 -19.64
CA ALA A 234 -7.91 -1.64 -18.48
C ALA A 234 -8.38 -3.06 -18.19
N PHE A 235 -8.66 -3.83 -19.25
CA PHE A 235 -9.00 -5.24 -19.07
C PHE A 235 -7.81 -6.02 -18.53
N ARG A 236 -6.61 -5.70 -19.01
CA ARG A 236 -5.41 -6.38 -18.51
C ARG A 236 -5.14 -5.99 -17.06
N ASP A 237 -5.36 -4.72 -16.72
CA ASP A 237 -5.23 -4.29 -15.33
C ASP A 237 -6.22 -5.05 -14.45
N GLN A 238 -7.43 -5.25 -14.94
CA GLN A 238 -8.44 -5.99 -14.20
C GLN A 238 -8.01 -7.42 -13.94
N GLU A 239 -7.50 -8.10 -14.96
CA GLU A 239 -7.02 -9.46 -14.82
C GLU A 239 -5.91 -9.54 -13.77
N ALA A 240 -5.11 -8.49 -13.66
CA ALA A 240 -3.99 -8.48 -12.72
C ALA A 240 -4.39 -8.03 -11.31
N SER A 241 -5.67 -7.74 -11.12
N SER A 241 -5.67 -7.73 -11.11
CA SER A 241 -6.16 -7.21 -9.85
CA SER A 241 -6.13 -7.23 -9.83
C SER A 241 -6.69 -8.30 -8.92
C SER A 241 -6.44 -8.36 -8.86
N THR A 242 -6.72 -9.55 -9.39
CA THR A 242 -7.20 -10.66 -8.58
C THR A 242 -6.70 -12.00 -9.09
N ASP A 243 -6.54 -12.97 -8.20
N ASP A 243 -6.53 -12.95 -8.18
CA ASP A 243 -6.28 -14.34 -8.62
CA ASP A 243 -6.26 -14.33 -8.53
C ASP A 243 -7.57 -15.16 -8.51
C ASP A 243 -7.50 -15.20 -8.26
N LEU A 244 -8.62 -14.54 -7.98
CA LEU A 244 -9.90 -15.22 -7.82
C LEU A 244 -10.61 -15.34 -9.17
N PRO A 245 -11.49 -16.35 -9.30
CA PRO A 245 -12.40 -16.35 -10.44
C PRO A 245 -13.22 -15.08 -10.48
N TYR A 246 -13.43 -14.51 -11.66
CA TYR A 246 -14.37 -13.40 -11.77
C TYR A 246 -15.22 -13.53 -13.01
N ILE A 247 -16.44 -13.00 -12.90
CA ILE A 247 -17.42 -13.10 -13.96
C ILE A 247 -18.07 -11.76 -14.18
N TYR A 248 -18.49 -11.50 -15.42
CA TYR A 248 -19.05 -10.21 -15.77
C TYR A 248 -20.57 -10.16 -15.67
N LEU A 249 -21.06 -9.03 -15.17
CA LEU A 249 -22.46 -8.67 -15.24
C LEU A 249 -22.67 -7.86 -16.52
N SER A 250 -23.91 -7.80 -17.01
CA SER A 250 -24.19 -7.13 -18.27
C SER A 250 -24.53 -5.65 -18.10
N ALA A 251 -24.98 -5.26 -16.91
CA ALA A 251 -25.35 -3.87 -16.63
C ALA A 251 -26.48 -3.39 -17.54
N GLY A 252 -27.20 -4.33 -18.15
CA GLY A 252 -28.37 -4.00 -18.94
C GLY A 252 -28.10 -3.43 -20.32
N VAL A 253 -26.87 -3.58 -20.81
CA VAL A 253 -26.59 -3.16 -22.20
C VAL A 253 -27.27 -4.14 -23.14
N SER A 254 -27.24 -3.84 -24.43
CA SER A 254 -27.86 -4.71 -25.41
C SER A 254 -27.14 -6.06 -25.41
N ALA A 255 -27.84 -7.11 -25.85
CA ALA A 255 -27.23 -8.42 -25.93
C ALA A 255 -26.00 -8.37 -26.84
N LYS A 256 -26.12 -7.63 -27.94
CA LYS A 256 -25.03 -7.53 -28.92
C LYS A 256 -23.80 -6.83 -28.33
N LEU A 257 -24.02 -5.70 -27.65
CA LEU A 257 -22.89 -4.98 -27.07
C LEU A 257 -22.19 -5.80 -26.00
N PHE A 258 -22.95 -6.54 -25.20
CA PHE A 258 -22.35 -7.37 -24.17
C PHE A 258 -21.51 -8.47 -24.82
N GLN A 259 -22.05 -9.10 -25.86
CA GLN A 259 -21.32 -10.12 -26.61
C GLN A 259 -20.01 -9.56 -27.18
N ASP A 260 -20.08 -8.43 -27.87
CA ASP A 260 -18.89 -7.80 -28.44
C ASP A 260 -17.88 -7.41 -27.37
N THR A 261 -18.39 -7.03 -26.19
CA THR A 261 -17.53 -6.69 -25.06
C THR A 261 -16.74 -7.91 -24.58
N LEU A 262 -17.38 -9.06 -24.51
CA LEU A 262 -16.71 -10.28 -24.08
C LEU A 262 -15.59 -10.65 -25.06
N VAL A 263 -15.86 -10.49 -26.34
CA VAL A 263 -14.87 -10.78 -27.36
C VAL A 263 -13.68 -9.83 -27.19
N PHE A 264 -13.97 -8.57 -26.94
CA PHE A 264 -12.92 -7.58 -26.77
C PHE A 264 -12.11 -7.88 -25.51
N ALA A 265 -12.80 -8.27 -24.44
CA ALA A 265 -12.15 -8.62 -23.19
C ALA A 265 -11.15 -9.75 -23.40
N ALA A 266 -11.59 -10.82 -24.08
CA ALA A 266 -10.73 -11.97 -24.33
C ALA A 266 -9.52 -11.61 -25.19
N GLU A 267 -9.77 -10.85 -26.26
CA GLU A 267 -8.69 -10.42 -27.15
C GLU A 267 -7.68 -9.56 -26.41
N SER A 268 -8.16 -8.80 -25.43
CA SER A 268 -7.30 -7.89 -24.66
C SER A 268 -6.43 -8.61 -23.64
N GLY A 269 -6.86 -9.81 -23.24
CA GLY A 269 -6.09 -10.62 -22.31
C GLY A 269 -6.78 -10.91 -21.00
N ALA A 270 -8.05 -10.53 -20.89
CA ALA A 270 -8.82 -10.84 -19.68
C ALA A 270 -9.10 -12.34 -19.65
N LYS A 271 -8.84 -12.96 -18.50
CA LYS A 271 -9.12 -14.37 -18.31
C LYS A 271 -10.34 -14.53 -17.39
N PHE A 272 -11.43 -13.86 -17.77
CA PHE A 272 -12.67 -13.94 -17.00
C PHE A 272 -13.26 -15.33 -17.15
N ASN A 273 -14.04 -15.75 -16.16
CA ASN A 273 -14.44 -17.14 -16.04
C ASN A 273 -15.92 -17.38 -16.29
N GLY A 274 -16.56 -16.43 -16.94
CA GLY A 274 -17.96 -16.54 -17.28
C GLY A 274 -18.72 -15.27 -17.02
N VAL A 275 -20.03 -15.41 -16.89
CA VAL A 275 -20.90 -14.27 -16.67
C VAL A 275 -21.99 -14.61 -15.65
N LEU A 276 -22.53 -13.57 -15.03
CA LEU A 276 -23.83 -13.64 -14.39
C LEU A 276 -24.65 -12.58 -15.07
N CYS A 277 -25.35 -13.00 -16.12
CA CYS A 277 -25.97 -12.09 -17.07
C CYS A 277 -27.47 -12.16 -16.97
N GLY A 278 -28.08 -11.01 -16.70
CA GLY A 278 -29.52 -10.92 -16.53
C GLY A 278 -30.21 -10.16 -17.65
N ARG A 279 -30.25 -8.84 -17.50
CA ARG A 279 -31.06 -8.00 -18.37
C ARG A 279 -30.71 -8.13 -19.85
N ALA A 280 -29.42 -8.23 -20.18
CA ALA A 280 -29.02 -8.35 -21.58
C ALA A 280 -29.72 -9.55 -22.26
N THR A 281 -30.09 -10.55 -21.45
CA THR A 281 -30.74 -11.74 -21.98
C THR A 281 -32.27 -11.63 -22.00
N TRP A 282 -32.89 -11.31 -20.86
CA TRP A 282 -34.36 -11.41 -20.74
C TRP A 282 -35.12 -10.08 -20.71
N ALA A 283 -34.42 -8.95 -20.82
CA ALA A 283 -35.05 -7.64 -20.63
C ALA A 283 -36.34 -7.44 -21.42
N GLY A 284 -36.34 -7.89 -22.67
CA GLY A 284 -37.49 -7.68 -23.55
C GLY A 284 -38.73 -8.46 -23.15
N SER A 285 -38.58 -9.43 -22.26
CA SER A 285 -39.71 -10.24 -21.82
C SER A 285 -40.65 -9.46 -20.90
N VAL A 286 -40.11 -8.46 -20.22
CA VAL A 286 -40.88 -7.70 -19.24
C VAL A 286 -42.03 -6.98 -19.92
N LYS A 287 -41.73 -6.26 -21.01
CA LYS A 287 -42.75 -5.53 -21.74
C LYS A 287 -43.84 -6.47 -22.27
N VAL A 288 -43.40 -7.61 -22.80
CA VAL A 288 -44.33 -8.60 -23.35
C VAL A 288 -45.22 -9.19 -22.28
N TYR A 289 -44.61 -9.55 -21.14
CA TYR A 289 -45.37 -10.16 -20.05
C TYR A 289 -46.44 -9.23 -19.51
N ILE A 290 -46.08 -7.97 -19.30
CA ILE A 290 -47.02 -6.99 -18.77
C ILE A 290 -48.17 -6.74 -19.74
N GLU A 291 -47.83 -6.49 -21.00
CA GLU A 291 -48.81 -6.05 -21.98
C GLU A 291 -49.59 -7.19 -22.62
N GLU A 292 -48.95 -8.34 -22.81
CA GLU A 292 -49.55 -9.45 -23.56
C GLU A 292 -49.83 -10.68 -22.70
N GLY A 293 -49.19 -10.76 -21.54
CA GLY A 293 -49.44 -11.84 -20.60
C GLY A 293 -48.39 -12.94 -20.64
N PRO A 294 -48.56 -13.95 -19.77
CA PRO A 294 -47.56 -15.02 -19.57
C PRO A 294 -47.28 -15.88 -20.81
N GLN A 295 -48.31 -16.27 -21.55
CA GLN A 295 -48.10 -17.14 -22.70
C GLN A 295 -47.28 -16.43 -23.78
N ALA A 296 -47.60 -15.17 -24.04
CA ALA A 296 -46.83 -14.35 -24.98
C ALA A 296 -45.38 -14.21 -24.50
N ALA A 297 -45.22 -13.92 -23.21
CA ALA A 297 -43.90 -13.81 -22.61
C ALA A 297 -43.14 -15.13 -22.78
N ARG A 298 -43.84 -16.24 -22.59
CA ARG A 298 -43.24 -17.56 -22.73
C ARG A 298 -42.74 -17.76 -24.16
N GLU A 299 -43.51 -17.24 -25.12
CA GLU A 299 -43.19 -17.40 -26.52
C GLU A 299 -42.02 -16.49 -26.91
N TRP A 300 -41.93 -15.34 -26.26
CA TRP A 300 -40.79 -14.43 -26.47
C TRP A 300 -39.52 -15.09 -25.96
N LEU A 301 -39.60 -15.69 -24.78
CA LEU A 301 -38.46 -16.37 -24.16
C LEU A 301 -37.98 -17.54 -25.02
N ARG A 302 -38.91 -18.25 -25.62
CA ARG A 302 -38.57 -19.41 -26.45
C ARG A 302 -37.93 -19.00 -27.78
N THR A 303 -38.09 -17.73 -28.15
CA THR A 303 -37.59 -17.21 -29.42
C THR A 303 -36.48 -16.18 -29.23
N GLU A 304 -36.87 -14.98 -28.83
CA GLU A 304 -35.91 -13.89 -28.65
C GLU A 304 -35.02 -14.13 -27.44
N GLY A 305 -35.61 -14.62 -26.37
CA GLY A 305 -34.86 -14.94 -25.16
C GLY A 305 -33.82 -16.01 -25.46
N PHE A 306 -34.25 -17.08 -26.13
CA PHE A 306 -33.34 -18.15 -26.47
C PHE A 306 -32.22 -17.65 -27.37
N LYS A 307 -32.58 -16.84 -28.35
CA LYS A 307 -31.60 -16.31 -29.30
C LYS A 307 -30.54 -15.51 -28.56
N ASN A 308 -30.98 -14.69 -27.60
CA ASN A 308 -30.05 -13.91 -26.79
C ASN A 308 -29.10 -14.81 -26.01
N ILE A 309 -29.63 -15.82 -25.33
CA ILE A 309 -28.80 -16.64 -24.47
C ILE A 309 -27.97 -17.62 -25.29
N ASP A 310 -28.50 -18.05 -26.43
CA ASP A 310 -27.78 -18.95 -27.30
C ASP A 310 -26.55 -18.28 -27.92
N GLU A 311 -26.73 -17.06 -28.41
CA GLU A 311 -25.63 -16.31 -28.99
C GLU A 311 -24.62 -15.93 -27.92
N LEU A 312 -25.10 -15.65 -26.71
CA LEU A 312 -24.20 -15.40 -25.60
C LEU A 312 -23.36 -16.63 -25.29
N ASN A 313 -23.99 -17.79 -25.24
CA ASN A 313 -23.26 -19.02 -24.95
C ASN A 313 -22.20 -19.32 -26.00
N LYS A 314 -22.51 -19.04 -27.25
CA LYS A 314 -21.55 -19.26 -28.32
C LYS A 314 -20.33 -18.36 -28.10
N VAL A 315 -20.58 -17.12 -27.70
CA VAL A 315 -19.50 -16.17 -27.43
C VAL A 315 -18.69 -16.61 -26.21
N LEU A 316 -19.35 -17.09 -25.18
CA LEU A 316 -18.69 -17.56 -23.99
C LEU A 316 -17.78 -18.72 -24.29
N ASP A 317 -18.21 -19.58 -25.18
CA ASP A 317 -17.47 -20.76 -25.57
C ASP A 317 -16.11 -20.39 -26.14
N LYS A 318 -16.01 -19.29 -26.85
CA LYS A 318 -14.76 -18.82 -27.43
C LYS A 318 -14.04 -17.69 -26.71
N THR A 319 -14.54 -17.27 -25.57
CA THR A 319 -13.93 -16.15 -24.85
C THR A 319 -13.56 -16.46 -23.40
N ALA A 320 -14.43 -17.15 -22.69
CA ALA A 320 -14.23 -17.41 -21.29
C ALA A 320 -13.10 -18.40 -21.00
N SER A 321 -12.48 -18.17 -19.86
CA SER A 321 -11.49 -19.05 -19.33
C SER A 321 -11.98 -19.85 -18.12
N PRO A 322 -11.54 -21.10 -18.06
CA PRO A 322 -11.95 -22.00 -16.98
C PRO A 322 -11.36 -21.61 -15.64
N TRP A 323 -12.18 -21.66 -14.60
CA TRP A 323 -11.72 -21.48 -13.23
C TRP A 323 -10.90 -22.65 -12.75
N THR A 324 -11.11 -23.79 -13.34
CA THR A 324 -10.50 -25.01 -12.95
C THR A 324 -9.07 -25.03 -13.30
N GLU A 325 -8.61 -24.08 -14.10
CA GLU A 325 -7.17 -23.91 -14.27
C GLU A 325 -6.56 -22.94 -13.28
N LYS A 326 -6.57 -23.32 -12.01
CA LYS A 326 -6.10 -22.42 -10.96
C LYS A 326 -5.66 -23.20 -9.71
N THR B 2 -1.99 9.39 1.55
CA THR B 2 -1.59 9.10 0.20
C THR B 2 -0.28 9.81 0.01
N ILE B 3 -0.32 11.05 0.45
CA ILE B 3 0.73 12.04 0.26
C ILE B 3 0.40 12.74 -1.06
N THR B 4 1.21 13.71 -1.42
CA THR B 4 1.08 14.30 -2.72
C THR B 4 1.78 13.36 -3.70
N LEU B 5 1.03 12.79 -4.62
CA LEU B 5 1.57 11.93 -5.65
C LEU B 5 1.08 12.34 -7.05
N THR B 6 1.95 12.27 -8.03
CA THR B 6 1.53 12.38 -9.41
C THR B 6 0.70 11.17 -9.77
N GLU B 7 -0.04 11.28 -10.84
CA GLU B 7 -0.93 10.24 -11.28
C GLU B 7 -0.21 8.93 -11.52
N ASN B 8 0.90 8.95 -12.21
CA ASN B 8 1.68 7.76 -12.43
C ASN B 8 2.34 7.16 -11.18
N LYS B 9 2.81 8.02 -10.29
CA LYS B 9 3.37 7.55 -9.04
C LYS B 9 2.29 6.83 -8.22
N ARG B 10 1.10 7.36 -8.22
CA ARG B 10 -0.01 6.76 -7.51
C ARG B 10 -0.36 5.41 -8.06
N LYS B 11 -0.37 5.31 -9.36
CA LYS B 11 -0.67 4.06 -10.02
C LYS B 11 0.37 3.02 -9.67
N SER B 12 1.60 3.42 -9.64
CA SER B 12 2.68 2.56 -9.28
C SER B 12 2.56 2.12 -7.82
N MET B 13 2.27 3.05 -6.95
CA MET B 13 2.06 2.74 -5.54
C MET B 13 0.92 1.73 -5.37
N GLU B 14 -0.13 1.88 -6.16
CA GLU B 14 -1.25 0.95 -6.12
C GLU B 14 -0.83 -0.45 -6.54
N LYS B 15 0.10 -0.54 -7.49
CA LYS B 15 0.55 -1.84 -7.99
C LYS B 15 1.45 -2.56 -6.99
N LEU B 16 2.00 -1.80 -6.06
CA LEU B 16 2.91 -2.35 -5.05
C LEU B 16 2.22 -2.69 -3.73
N SER B 17 0.93 -2.35 -3.61
N SER B 17 0.93 -2.35 -3.63
CA SER B 17 0.24 -2.49 -2.34
CA SER B 17 0.19 -2.40 -2.38
C SER B 17 -1.17 -3.05 -2.51
C SER B 17 -1.14 -3.13 -2.52
N VAL B 18 -1.77 -3.47 -1.41
CA VAL B 18 -3.15 -3.92 -1.39
C VAL B 18 -3.88 -3.18 -0.28
N ASP B 19 -4.93 -2.48 -0.67
CA ASP B 19 -5.74 -1.65 0.24
C ASP B 19 -4.83 -0.76 1.10
N GLY B 20 -3.83 -0.16 0.46
CA GLY B 20 -2.96 0.82 1.10
C GLY B 20 -1.87 0.23 1.97
N VAL B 21 -1.70 -1.09 1.92
CA VAL B 21 -0.70 -1.76 2.75
C VAL B 21 0.30 -2.49 1.87
N ILE B 22 1.58 -2.27 2.15
CA ILE B 22 2.66 -2.85 1.39
C ILE B 22 3.13 -4.12 2.08
N SER B 23 2.87 -5.26 1.46
CA SER B 23 3.33 -6.55 1.98
C SER B 23 4.37 -7.10 1.03
N ALA B 24 5.52 -6.44 1.00
CA ALA B 24 6.52 -6.67 -0.02
C ALA B 24 7.57 -7.69 0.41
N LEU B 25 7.91 -8.57 -0.52
CA LEU B 25 8.97 -9.56 -0.33
C LEU B 25 10.30 -8.97 -0.75
N ALA B 26 11.27 -8.97 0.16
CA ALA B 26 12.59 -8.42 -0.14
C ALA B 26 13.54 -9.54 -0.56
N PHE B 27 14.04 -9.47 -1.79
CA PHE B 27 15.02 -10.45 -2.24
C PHE B 27 16.01 -9.87 -3.23
N ASP B 28 16.56 -8.71 -2.89
CA ASP B 28 17.60 -8.08 -3.69
C ASP B 28 18.98 -8.41 -3.13
N GLN B 29 19.04 -9.34 -2.19
CA GLN B 29 20.33 -9.80 -1.66
C GLN B 29 21.21 -10.33 -2.78
N ARG B 30 22.49 -9.95 -2.74
CA ARG B 30 23.43 -10.35 -3.78
C ARG B 30 24.61 -11.09 -3.16
N GLY B 31 25.57 -10.34 -2.62
CA GLY B 31 26.72 -10.93 -1.98
C GLY B 31 26.33 -11.83 -0.83
N ALA B 32 25.33 -11.41 -0.08
CA ALA B 32 24.86 -12.16 1.08
C ALA B 32 24.26 -13.51 0.67
N LEU B 33 23.48 -13.52 -0.40
CA LEU B 33 22.90 -14.76 -0.90
C LEU B 33 24.00 -15.69 -1.42
N LYS B 34 24.95 -15.12 -2.16
CA LYS B 34 26.03 -15.90 -2.73
C LYS B 34 26.83 -16.59 -1.63
N ARG B 35 27.03 -15.89 -0.52
CA ARG B 35 27.78 -16.44 0.61
C ARG B 35 27.02 -17.62 1.23
N MET B 36 25.70 -17.48 1.37
CA MET B 36 24.88 -18.57 1.88
C MET B 36 25.05 -19.82 1.01
N MET B 37 24.99 -19.64 -0.31
CA MET B 37 25.09 -20.74 -1.26
C MET B 37 26.44 -21.44 -1.20
N ALA B 38 27.51 -20.66 -1.04
CA ALA B 38 28.88 -21.20 -1.06
C ALA B 38 29.13 -22.15 0.10
N GLN B 39 28.31 -22.08 1.14
CA GLN B 39 28.49 -22.90 2.32
C GLN B 39 28.18 -24.38 2.08
N HIS B 40 27.34 -24.65 1.09
CA HIS B 40 26.77 -25.98 0.90
C HIS B 40 27.26 -26.68 -0.38
N GLN B 41 28.27 -26.09 -1.02
CA GLN B 41 28.91 -26.72 -2.17
C GLN B 41 30.36 -26.28 -2.29
N THR B 42 31.17 -27.08 -2.96
CA THR B 42 32.59 -26.77 -3.12
C THR B 42 32.81 -25.68 -4.17
N LYS B 43 32.12 -25.82 -5.30
CA LYS B 43 32.29 -24.89 -6.41
C LYS B 43 31.74 -23.51 -6.08
N GLU B 44 32.27 -22.49 -6.76
CA GLU B 44 31.76 -21.14 -6.62
C GLU B 44 30.30 -21.10 -7.04
N PRO B 45 29.43 -20.44 -6.25
CA PRO B 45 28.05 -20.29 -6.71
C PRO B 45 27.99 -19.55 -8.04
N THR B 46 27.31 -20.13 -9.02
CA THR B 46 27.31 -19.60 -10.38
C THR B 46 26.19 -18.59 -10.59
N VAL B 47 26.36 -17.71 -11.57
CA VAL B 47 25.32 -16.79 -11.99
C VAL B 47 24.03 -17.56 -12.25
N GLU B 48 24.16 -18.71 -12.90
CA GLU B 48 23.01 -19.54 -13.25
C GLU B 48 22.29 -20.02 -11.99
N GLN B 49 23.05 -20.43 -10.99
CA GLN B 49 22.49 -20.91 -9.73
C GLN B 49 21.72 -19.80 -9.01
N ILE B 50 22.37 -18.65 -8.86
CA ILE B 50 21.79 -17.53 -8.13
C ILE B 50 20.51 -17.04 -8.82
N GLU B 51 20.55 -16.92 -10.14
CA GLU B 51 19.40 -16.46 -10.90
C GLU B 51 18.23 -17.43 -10.81
N GLU B 52 18.52 -18.73 -10.81
CA GLU B 52 17.47 -19.74 -10.76
C GLU B 52 16.77 -19.74 -9.41
N LEU B 53 17.55 -19.65 -8.33
CA LEU B 53 16.98 -19.64 -6.99
C LEU B 53 16.08 -18.42 -6.81
N LYS B 54 16.50 -17.27 -7.30
CA LYS B 54 15.69 -16.07 -7.19
C LYS B 54 14.40 -16.24 -7.98
N SER B 55 14.46 -16.93 -9.11
CA SER B 55 13.29 -17.20 -9.92
C SER B 55 12.33 -18.15 -9.20
N LEU B 56 12.88 -19.14 -8.50
CA LEU B 56 12.06 -20.08 -7.74
C LEU B 56 11.29 -19.38 -6.63
N VAL B 57 11.99 -18.51 -5.89
CA VAL B 57 11.39 -17.78 -4.79
C VAL B 57 10.31 -16.85 -5.30
N SER B 58 10.62 -16.14 -6.38
CA SER B 58 9.66 -15.24 -7.01
C SER B 58 8.41 -15.98 -7.45
N GLU B 59 8.61 -17.11 -8.13
CA GLU B 59 7.49 -17.91 -8.63
C GLU B 59 6.59 -18.43 -7.51
N GLU B 60 7.19 -18.93 -6.44
CA GLU B 60 6.44 -19.63 -5.40
C GLU B 60 5.84 -18.71 -4.34
N LEU B 61 6.48 -17.58 -4.06
CA LEU B 61 6.05 -16.74 -2.94
C LEU B 61 5.34 -15.42 -3.33
N THR B 62 5.54 -14.93 -4.54
CA THR B 62 4.91 -13.65 -4.91
C THR B 62 3.37 -13.74 -5.04
N PRO B 63 2.80 -14.96 -5.16
CA PRO B 63 1.33 -14.97 -5.07
C PRO B 63 0.80 -14.47 -3.71
N PHE B 64 1.69 -14.43 -2.71
CA PHE B 64 1.30 -14.08 -1.35
C PHE B 64 1.84 -12.73 -0.91
N ALA B 65 2.39 -11.97 -1.85
CA ALA B 65 2.96 -10.65 -1.57
C ALA B 65 2.39 -9.60 -2.51
N SER B 66 2.30 -8.35 -2.06
CA SER B 66 1.76 -7.29 -2.89
C SER B 66 2.79 -6.84 -3.92
N SER B 67 4.05 -7.15 -3.65
CA SER B 67 5.14 -6.83 -4.58
C SER B 67 6.43 -7.53 -4.15
N ILE B 68 7.43 -7.52 -5.02
CA ILE B 68 8.70 -8.13 -4.71
C ILE B 68 9.81 -7.16 -5.08
N LEU B 69 10.78 -7.04 -4.20
CA LEU B 69 11.98 -6.24 -4.45
C LEU B 69 13.09 -7.17 -4.93
N LEU B 70 13.62 -6.89 -6.11
CA LEU B 70 14.69 -7.68 -6.70
C LEU B 70 15.85 -6.78 -7.10
N ASP B 71 16.99 -7.39 -7.39
CA ASP B 71 18.19 -6.66 -7.80
C ASP B 71 18.39 -6.81 -9.32
N PRO B 72 18.88 -5.76 -9.98
CA PRO B 72 19.12 -5.90 -11.44
C PRO B 72 20.22 -6.89 -11.81
N GLU B 73 21.14 -7.18 -10.90
CA GLU B 73 22.28 -8.05 -11.22
C GLU B 73 21.89 -9.51 -11.46
N TYR B 74 21.05 -10.06 -10.59
CA TYR B 74 20.66 -11.48 -10.65
C TYR B 74 19.15 -11.67 -10.76
N GLY B 75 18.38 -10.60 -10.61
CA GLY B 75 16.96 -10.71 -10.38
C GLY B 75 16.03 -10.43 -11.54
N LEU B 76 16.56 -10.09 -12.72
CA LEU B 76 15.67 -9.74 -13.82
C LEU B 76 14.88 -10.96 -14.33
N PRO B 77 15.52 -12.12 -14.48
CA PRO B 77 14.70 -13.28 -14.83
C PRO B 77 13.60 -13.55 -13.80
N ALA B 78 13.94 -13.50 -12.51
CA ALA B 78 12.96 -13.68 -11.45
C ALA B 78 11.84 -12.65 -11.55
N SER B 79 12.17 -11.42 -11.92
CA SER B 79 11.17 -10.37 -12.01
C SER B 79 10.10 -10.69 -13.06
N ARG B 80 10.50 -11.41 -14.10
CA ARG B 80 9.60 -11.70 -15.22
C ARG B 80 8.67 -12.89 -14.95
N VAL B 81 8.93 -13.65 -13.89
CA VAL B 81 8.11 -14.81 -13.55
C VAL B 81 7.36 -14.61 -12.23
N ARG B 82 7.35 -13.38 -11.73
CA ARG B 82 6.57 -13.07 -10.54
C ARG B 82 5.08 -13.19 -10.87
N SER B 83 4.27 -13.42 -9.84
CA SER B 83 2.82 -13.42 -9.98
C SER B 83 2.34 -12.16 -10.68
N GLU B 84 1.36 -12.28 -11.56
CA GLU B 84 0.87 -11.09 -12.27
C GLU B 84 0.14 -10.15 -11.31
N GLU B 85 -0.23 -10.64 -10.13
CA GLU B 85 -0.86 -9.81 -9.12
C GLU B 85 0.15 -8.99 -8.29
N ALA B 86 1.43 -9.28 -8.44
CA ALA B 86 2.47 -8.66 -7.61
C ALA B 86 3.26 -7.60 -8.38
N GLY B 87 3.55 -6.49 -7.73
CA GLY B 87 4.33 -5.42 -8.32
C GLY B 87 5.82 -5.66 -8.17
N LEU B 88 6.63 -4.77 -8.75
CA LEU B 88 8.08 -4.94 -8.78
C LEU B 88 8.81 -3.67 -8.35
N LEU B 89 9.75 -3.84 -7.41
CA LEU B 89 10.74 -2.82 -7.09
C LEU B 89 12.12 -3.34 -7.49
N LEU B 90 12.99 -2.46 -7.98
CA LEU B 90 14.36 -2.84 -8.27
C LEU B 90 15.35 -2.00 -7.46
N ALA B 91 16.35 -2.68 -6.89
CA ALA B 91 17.41 -2.01 -6.16
C ALA B 91 18.34 -1.25 -7.10
N TYR B 92 18.87 -0.14 -6.60
CA TYR B 92 19.66 0.78 -7.41
C TYR B 92 21.07 0.95 -6.81
N GLU B 93 21.28 0.49 -5.58
CA GLU B 93 22.58 0.66 -4.91
C GLU B 93 23.48 -0.57 -5.03
N LYS B 94 24.79 -0.32 -5.01
CA LYS B 94 25.76 -1.39 -4.83
C LYS B 94 25.67 -1.90 -3.39
N THR B 95 25.91 -3.20 -3.21
CA THR B 95 25.78 -3.81 -1.89
C THR B 95 26.94 -3.49 -0.96
N GLY B 96 26.64 -3.55 0.34
CA GLY B 96 27.65 -3.45 1.38
C GLY B 96 28.25 -2.07 1.52
N TYR B 97 29.41 -2.04 2.16
CA TYR B 97 30.14 -0.79 2.35
C TYR B 97 31.60 -1.10 2.58
N ASP B 98 32.44 -0.10 2.33
CA ASP B 98 33.87 -0.18 2.59
C ASP B 98 34.10 -0.24 4.10
N ALA B 99 34.54 -1.40 4.58
CA ALA B 99 34.74 -1.62 6.01
C ALA B 99 36.06 -1.04 6.50
N THR B 100 36.91 -0.59 5.57
CA THR B 100 38.19 0.00 5.95
C THR B 100 38.01 1.44 6.45
N THR B 101 36.81 1.98 6.27
CA THR B 101 36.50 3.33 6.75
C THR B 101 35.10 3.37 7.37
N THR B 102 34.75 4.51 7.95
CA THR B 102 33.49 4.66 8.68
C THR B 102 32.43 5.45 7.90
N SER B 103 32.75 5.88 6.68
CA SER B 103 31.88 6.80 5.96
C SER B 103 30.69 6.11 5.29
N ARG B 104 30.85 4.84 4.94
CA ARG B 104 29.80 4.04 4.26
C ARG B 104 29.05 4.83 3.20
N LEU B 105 29.79 5.35 2.23
CA LEU B 105 29.21 6.23 1.22
C LEU B 105 28.39 5.46 0.20
N PRO B 106 27.26 6.04 -0.26
CA PRO B 106 26.39 5.38 -1.24
C PRO B 106 26.93 5.40 -2.66
N ASP B 107 26.58 4.39 -3.44
CA ASP B 107 27.03 4.31 -4.83
C ASP B 107 26.01 3.53 -5.66
N CYS B 108 25.50 4.17 -6.71
CA CYS B 108 24.57 3.51 -7.63
C CYS B 108 25.26 2.44 -8.45
N LEU B 109 24.50 1.44 -8.86
CA LEU B 109 25.01 0.43 -9.79
C LEU B 109 25.50 1.10 -11.07
N ASP B 110 26.64 0.64 -11.58
CA ASP B 110 27.38 1.37 -12.60
C ASP B 110 26.67 1.58 -13.94
N VAL B 111 25.90 0.59 -14.41
CA VAL B 111 25.25 0.73 -15.71
C VAL B 111 23.73 0.89 -15.59
N TRP B 112 23.29 1.39 -14.44
CA TRP B 112 21.87 1.64 -14.23
C TRP B 112 21.58 3.10 -13.97
N SER B 113 20.32 3.45 -14.19
CA SER B 113 19.78 4.78 -13.96
C SER B 113 18.32 4.57 -13.61
N ALA B 114 17.67 5.58 -13.05
CA ALA B 114 16.25 5.46 -12.74
C ALA B 114 15.48 5.16 -14.00
N LYS B 115 15.92 5.75 -15.11
CA LYS B 115 15.28 5.52 -16.39
C LYS B 115 15.39 4.06 -16.81
N ARG B 116 16.57 3.47 -16.65
CA ARG B 116 16.77 2.07 -17.02
C ARG B 116 16.00 1.13 -16.10
N ILE B 117 15.86 1.50 -14.84
CA ILE B 117 15.10 0.70 -13.89
C ILE B 117 13.63 0.68 -14.30
N LYS B 118 13.11 1.83 -14.70
CA LYS B 118 11.73 1.93 -15.16
C LYS B 118 11.56 1.14 -16.45
N GLU B 119 12.54 1.23 -17.33
CA GLU B 119 12.51 0.51 -18.59
C GLU B 119 12.57 -0.99 -18.35
N ALA B 120 13.12 -1.40 -17.21
CA ALA B 120 13.22 -2.82 -16.88
C ALA B 120 11.93 -3.34 -16.23
N GLY B 121 10.92 -2.47 -16.13
CA GLY B 121 9.59 -2.87 -15.70
C GLY B 121 9.29 -2.61 -14.24
N ALA B 122 10.18 -1.93 -13.53
CA ALA B 122 9.97 -1.66 -12.11
C ALA B 122 8.88 -0.61 -11.88
N GLU B 123 8.15 -0.76 -10.78
CA GLU B 123 7.18 0.24 -10.35
C GLU B 123 7.72 1.06 -9.20
N ALA B 124 8.98 0.81 -8.83
CA ALA B 124 9.66 1.64 -7.85
C ALA B 124 11.16 1.44 -7.94
N VAL B 125 11.88 2.53 -7.64
CA VAL B 125 13.33 2.51 -7.45
C VAL B 125 13.60 2.39 -5.96
N LYS B 126 14.38 1.37 -5.57
CA LYS B 126 14.78 1.21 -4.18
C LYS B 126 16.27 1.51 -4.04
N PHE B 127 16.63 2.24 -2.99
CA PHE B 127 18.02 2.58 -2.71
C PHE B 127 18.31 2.52 -1.22
N LEU B 128 19.38 1.81 -0.85
N LEU B 128 19.40 1.84 -0.85
CA LEU B 128 19.80 1.71 0.54
CA LEU B 128 19.80 1.69 0.55
C LEU B 128 20.87 2.73 0.85
C LEU B 128 20.91 2.67 0.90
N LEU B 129 20.65 3.47 1.93
CA LEU B 129 21.63 4.43 2.45
C LEU B 129 21.96 4.08 3.90
N TYR B 130 23.25 3.97 4.19
CA TYR B 130 23.72 3.92 5.57
C TYR B 130 23.88 5.35 6.08
N TYR B 131 23.31 5.63 7.26
CA TYR B 131 23.32 6.98 7.78
C TYR B 131 23.52 7.04 9.29
N ASP B 132 24.51 7.83 9.69
CA ASP B 132 24.75 8.17 11.09
C ASP B 132 24.48 9.66 11.26
N ILE B 133 23.31 9.99 11.80
CA ILE B 133 22.91 11.38 12.01
C ILE B 133 23.96 12.17 12.78
N ASP B 134 24.73 11.48 13.62
CA ASP B 134 25.72 12.13 14.46
C ASP B 134 27.14 12.07 13.86
N GLY B 135 27.25 11.53 12.65
CA GLY B 135 28.54 11.31 12.03
C GLY B 135 29.17 12.56 11.43
N ASP B 136 30.27 12.36 10.71
CA ASP B 136 30.98 13.45 10.06
C ASP B 136 30.06 14.29 9.17
N GLN B 137 30.10 15.60 9.34
CA GLN B 137 29.11 16.46 8.68
C GLN B 137 29.33 16.53 7.17
N ASP B 138 30.59 16.50 6.73
CA ASP B 138 30.91 16.53 5.31
C ASP B 138 30.50 15.22 4.64
N VAL B 139 30.65 14.11 5.35
CA VAL B 139 30.20 12.82 4.83
C VAL B 139 28.69 12.86 4.62
N ASN B 140 27.96 13.40 5.60
CA ASN B 140 26.51 13.47 5.49
C ASN B 140 26.06 14.46 4.44
N GLU B 141 26.84 15.52 4.22
CA GLU B 141 26.53 16.44 3.14
C GLU B 141 26.64 15.72 1.79
N GLN B 142 27.66 14.87 1.65
CA GLN B 142 27.83 14.09 0.42
C GLN B 142 26.68 13.11 0.26
N LYS B 143 26.25 12.50 1.35
CA LYS B 143 25.15 11.56 1.31
C LYS B 143 23.85 12.25 0.92
N LYS B 144 23.59 13.41 1.51
CA LYS B 144 22.37 14.15 1.24
C LYS B 144 22.34 14.62 -0.22
N ALA B 145 23.48 15.07 -0.73
CA ALA B 145 23.55 15.45 -2.13
C ALA B 145 23.22 14.26 -3.03
N TYR B 146 23.72 13.08 -2.65
CA TYR B 146 23.52 11.89 -3.45
C TYR B 146 22.04 11.51 -3.53
N ILE B 147 21.35 11.56 -2.39
CA ILE B 147 19.93 11.22 -2.36
C ILE B 147 19.11 12.27 -3.13
N GLU B 148 19.52 13.54 -3.07
CA GLU B 148 18.87 14.57 -3.87
C GLU B 148 18.88 14.20 -5.35
N ARG B 149 20.03 13.73 -5.84
CA ARG B 149 20.16 13.33 -7.25
C ARG B 149 19.17 12.22 -7.58
N ILE B 150 19.13 11.18 -6.75
CA ILE B 150 18.27 10.04 -7.00
C ILE B 150 16.80 10.45 -6.94
N GLY B 151 16.44 11.24 -5.94
CA GLY B 151 15.09 11.75 -5.81
C GLY B 151 14.68 12.57 -7.01
N SER B 152 15.60 13.35 -7.56
CA SER B 152 15.34 14.12 -8.76
C SER B 152 15.13 13.20 -9.96
N GLU B 153 15.99 12.19 -10.10
CA GLU B 153 15.83 11.21 -11.18
C GLU B 153 14.43 10.63 -11.16
N CYS B 154 13.97 10.25 -9.98
CA CYS B 154 12.70 9.55 -9.83
C CYS B 154 11.53 10.47 -10.10
N ARG B 155 11.68 11.74 -9.76
CA ARG B 155 10.69 12.75 -10.13
C ARG B 155 10.57 12.85 -11.63
N ALA B 156 11.70 12.95 -12.31
CA ALA B 156 11.73 13.09 -13.77
C ALA B 156 11.18 11.87 -14.48
N GLU B 157 11.51 10.68 -13.98
CA GLU B 157 11.07 9.45 -14.61
C GLU B 157 9.70 9.03 -14.07
N ASP B 158 9.22 9.78 -13.07
CA ASP B 158 7.87 9.63 -12.57
C ASP B 158 7.65 8.22 -12.03
N ILE B 159 8.59 7.79 -11.20
CA ILE B 159 8.58 6.46 -10.60
C ILE B 159 8.83 6.59 -9.10
N PRO B 160 8.03 5.90 -8.27
CA PRO B 160 8.20 6.02 -6.81
C PRO B 160 9.61 5.73 -6.31
N PHE B 161 10.06 6.55 -5.37
CA PHE B 161 11.37 6.44 -4.75
C PHE B 161 11.23 5.83 -3.36
N TYR B 162 11.68 4.59 -3.20
CA TYR B 162 11.72 3.93 -1.90
C TYR B 162 13.13 4.03 -1.32
N LEU B 163 13.28 4.81 -0.25
CA LEU B 163 14.58 4.98 0.38
C LEU B 163 14.67 4.12 1.63
N GLN B 164 15.63 3.20 1.64
CA GLN B 164 15.93 2.41 2.82
C GLN B 164 17.05 3.09 3.61
N ILE B 165 16.83 3.23 4.91
CA ILE B 165 17.85 3.77 5.79
C ILE B 165 18.29 2.70 6.79
N LEU B 166 19.58 2.42 6.82
CA LEU B 166 20.16 1.60 7.87
C LEU B 166 21.06 2.50 8.68
N THR B 167 20.81 2.55 9.98
CA THR B 167 21.57 3.44 10.84
C THR B 167 22.78 2.73 11.41
N TYR B 168 23.76 3.53 11.82
CA TYR B 168 24.94 3.01 12.46
C TYR B 168 25.61 4.15 13.20
N ASP B 169 26.65 3.81 13.96
CA ASP B 169 27.45 4.81 14.65
C ASP B 169 28.91 4.61 14.24
N GLU B 170 29.54 5.70 13.80
CA GLU B 170 30.94 5.65 13.38
C GLU B 170 31.86 5.04 14.45
N LYS B 171 31.46 5.14 15.71
CA LYS B 171 32.32 4.74 16.83
C LYS B 171 31.82 3.51 17.59
N ILE B 172 30.70 2.93 17.15
CA ILE B 172 30.20 1.69 17.73
C ILE B 172 30.28 0.57 16.70
N ALA B 173 31.07 -0.45 17.00
CA ALA B 173 31.33 -1.53 16.05
C ALA B 173 30.09 -2.40 15.80
N ASP B 174 29.36 -2.72 16.88
CA ASP B 174 28.27 -3.70 16.81
C ASP B 174 26.92 -3.05 17.09
N ASN B 175 26.08 -2.99 16.05
N ASN B 175 26.07 -2.99 16.07
CA ASN B 175 24.73 -2.46 16.16
CA ASN B 175 24.75 -2.38 16.24
C ASN B 175 23.87 -3.22 17.15
C ASN B 175 23.79 -3.28 17.00
N ALA B 176 24.24 -4.47 17.39
CA ALA B 176 23.46 -5.36 18.26
C ALA B 176 23.84 -5.17 19.72
N SER B 177 24.84 -4.33 19.98
CA SER B 177 25.35 -4.11 21.33
C SER B 177 24.36 -3.29 22.15
N PRO B 178 24.42 -3.41 23.49
CA PRO B 178 23.62 -2.52 24.33
C PRO B 178 23.99 -1.05 24.14
N GLU B 179 25.26 -0.76 23.85
CA GLU B 179 25.66 0.63 23.63
C GLU B 179 24.90 1.25 22.46
N PHE B 180 24.73 0.49 21.38
CA PHE B 180 24.00 1.01 20.23
C PHE B 180 22.50 1.07 20.51
N ALA B 181 21.99 0.08 21.23
CA ALA B 181 20.57 0.03 21.56
C ALA B 181 20.13 1.35 22.21
N LYS B 182 21.00 1.88 23.06
CA LYS B 182 20.70 3.09 23.81
C LYS B 182 20.56 4.33 22.92
N VAL B 183 21.17 4.31 21.74
CA VAL B 183 21.10 5.45 20.83
C VAL B 183 20.30 5.15 19.56
N LYS B 184 19.78 3.94 19.44
CA LYS B 184 19.13 3.55 18.19
C LYS B 184 17.92 4.41 17.81
N ALA B 185 17.06 4.72 18.78
CA ALA B 185 15.87 5.49 18.49
C ALA B 185 16.26 6.86 17.92
N HIS B 186 17.28 7.46 18.51
CA HIS B 186 17.82 8.73 18.02
C HIS B 186 18.29 8.61 16.58
N LYS B 187 19.08 7.58 16.30
CA LYS B 187 19.63 7.38 14.97
C LYS B 187 18.53 7.20 13.92
N VAL B 188 17.55 6.37 14.24
CA VAL B 188 16.50 6.03 13.30
C VAL B 188 15.56 7.20 13.08
N ASN B 189 15.06 7.76 14.17
CA ASN B 189 14.00 8.75 14.06
C ASN B 189 14.49 10.07 13.50
N GLU B 190 15.70 10.49 13.86
CA GLU B 190 16.22 11.75 13.34
C GLU B 190 16.58 11.61 11.87
N ALA B 191 17.07 10.44 11.46
CA ALA B 191 17.37 10.20 10.04
C ALA B 191 16.09 10.23 9.20
N MET B 192 15.01 9.69 9.74
CA MET B 192 13.72 9.73 9.05
C MET B 192 13.25 11.16 8.88
N LYS B 193 13.50 11.98 9.90
CA LYS B 193 13.08 13.37 9.83
C LYS B 193 13.85 14.11 8.75
N VAL B 194 15.16 13.88 8.67
CA VAL B 194 15.98 14.49 7.63
C VAL B 194 15.48 14.13 6.23
N PHE B 195 15.28 12.83 5.99
CA PHE B 195 15.02 12.39 4.63
C PHE B 195 13.55 12.40 4.26
N SER B 196 12.72 12.89 5.17
CA SER B 196 11.35 13.25 4.86
C SER B 196 11.24 14.66 4.28
N LYS B 197 12.36 15.40 4.26
CA LYS B 197 12.35 16.73 3.67
C LYS B 197 12.01 16.63 2.18
N GLU B 198 11.24 17.60 1.70
CA GLU B 198 10.79 17.61 0.31
C GLU B 198 11.92 17.45 -0.70
N ARG B 199 13.08 18.04 -0.39
CA ARG B 199 14.18 18.09 -1.36
C ARG B 199 14.75 16.72 -1.73
N PHE B 200 14.43 15.68 -0.95
CA PHE B 200 14.98 14.35 -1.23
C PHE B 200 14.05 13.48 -2.07
N GLY B 201 12.82 13.94 -2.29
CA GLY B 201 11.92 13.31 -3.24
C GLY B 201 11.52 11.88 -2.89
N VAL B 202 11.57 11.53 -1.61
CA VAL B 202 11.21 10.18 -1.17
C VAL B 202 9.69 9.99 -1.17
N ASP B 203 9.25 8.83 -1.65
CA ASP B 203 7.83 8.47 -1.60
C ASP B 203 7.52 7.50 -0.46
N VAL B 204 8.44 6.58 -0.17
CA VAL B 204 8.28 5.64 0.93
C VAL B 204 9.62 5.41 1.61
N LEU B 205 9.62 5.45 2.95
CA LEU B 205 10.79 5.11 3.73
C LEU B 205 10.74 3.66 4.19
N LYS B 206 11.82 2.92 3.95
CA LYS B 206 11.97 1.57 4.50
C LYS B 206 12.96 1.69 5.65
N VAL B 207 12.49 1.42 6.86
CA VAL B 207 13.24 1.76 8.07
C VAL B 207 13.26 0.64 9.09
N GLU B 208 14.20 0.75 10.02
CA GLU B 208 14.28 -0.15 11.17
C GLU B 208 13.22 0.25 12.18
N VAL B 209 12.80 -0.71 13.00
CA VAL B 209 12.02 -0.36 14.17
C VAL B 209 12.97 0.41 15.09
N PRO B 210 12.47 1.43 15.79
CA PRO B 210 13.36 2.38 16.48
C PRO B 210 13.90 1.87 17.82
N VAL B 211 13.80 0.57 18.06
CA VAL B 211 14.28 -0.03 19.29
C VAL B 211 14.83 -1.43 19.02
N ASN B 212 15.82 -1.84 19.81
CA ASN B 212 16.25 -3.23 19.82
C ASN B 212 15.40 -4.00 20.82
N MET B 213 14.40 -4.71 20.32
CA MET B 213 13.42 -5.38 21.17
C MET B 213 14.03 -6.41 22.11
N LYS B 214 15.23 -6.90 21.78
CA LYS B 214 15.89 -7.90 22.61
C LYS B 214 16.36 -7.33 23.95
N PHE B 215 16.25 -6.02 24.11
CA PHE B 215 16.60 -5.35 25.38
C PHE B 215 15.38 -4.73 26.05
N VAL B 216 14.19 -5.00 25.52
CA VAL B 216 12.95 -4.49 26.09
C VAL B 216 12.32 -5.51 27.04
N GLU B 217 11.85 -5.03 28.20
CA GLU B 217 11.21 -5.90 29.19
C GLU B 217 10.07 -6.69 28.56
N GLY B 218 9.98 -7.97 28.89
CA GLY B 218 8.96 -8.83 28.34
C GLY B 218 9.41 -9.53 27.07
N PHE B 219 10.34 -8.90 26.36
CA PHE B 219 10.90 -9.48 25.14
C PHE B 219 12.33 -9.96 25.36
N ALA B 220 13.00 -9.38 26.35
CA ALA B 220 14.42 -9.63 26.56
C ALA B 220 14.70 -10.97 27.22
N ASP B 221 15.70 -11.68 26.70
CA ASP B 221 16.20 -12.91 27.32
C ASP B 221 17.40 -12.61 28.21
N GLY B 222 18.02 -11.46 28.00
CA GLY B 222 19.17 -11.03 28.77
C GLY B 222 18.88 -9.79 29.58
N GLU B 223 19.83 -8.87 29.64
CA GLU B 223 19.66 -7.64 30.39
C GLU B 223 18.57 -6.76 29.77
N VAL B 224 17.85 -6.05 30.62
CA VAL B 224 16.76 -5.18 30.18
C VAL B 224 17.20 -3.73 30.26
N LEU B 225 17.11 -3.02 29.14
CA LEU B 225 17.53 -1.63 29.06
C LEU B 225 16.33 -0.69 29.04
N PHE B 226 15.19 -1.18 28.56
CA PHE B 226 14.00 -0.35 28.40
C PHE B 226 12.75 -1.02 28.96
N THR B 227 11.89 -0.21 29.55
CA THR B 227 10.55 -0.66 29.92
C THR B 227 9.72 -0.75 28.65
N LYS B 228 8.52 -1.31 28.73
CA LYS B 228 7.64 -1.35 27.57
C LYS B 228 7.18 0.06 27.21
N GLU B 229 6.94 0.88 28.23
CA GLU B 229 6.49 2.25 27.98
C GLU B 229 7.55 3.05 27.22
N GLU B 230 8.81 2.85 27.56
CA GLU B 230 9.90 3.55 26.88
C GLU B 230 10.02 3.10 25.43
N ALA B 231 9.88 1.80 25.19
CA ALA B 231 9.89 1.28 23.83
C ALA B 231 8.68 1.80 23.05
N ALA B 232 7.52 1.82 23.70
CA ALA B 232 6.30 2.31 23.07
C ALA B 232 6.48 3.77 22.63
N GLN B 233 7.12 4.56 23.47
CA GLN B 233 7.31 5.98 23.17
C GLN B 233 8.20 6.17 21.95
N ALA B 234 9.18 5.28 21.77
CA ALA B 234 10.08 5.36 20.63
C ALA B 234 9.32 5.11 19.33
N PHE B 235 8.35 4.21 19.37
CA PHE B 235 7.51 3.98 18.20
C PHE B 235 6.64 5.19 17.90
N ARG B 236 6.14 5.84 18.94
CA ARG B 236 5.32 7.03 18.75
C ARG B 236 6.18 8.19 18.24
N ASP B 237 7.41 8.31 18.74
CA ASP B 237 8.34 9.30 18.25
C ASP B 237 8.63 9.06 16.77
N GLN B 238 8.77 7.80 16.40
CA GLN B 238 9.01 7.45 14.99
C GLN B 238 7.85 7.89 14.11
N GLU B 239 6.63 7.61 14.57
CA GLU B 239 5.43 8.00 13.82
C GLU B 239 5.38 9.51 13.61
N ALA B 240 5.86 10.26 14.60
CA ALA B 240 5.80 11.72 14.54
C ALA B 240 6.99 12.32 13.78
N SER B 241 7.88 11.47 13.29
N SER B 241 7.89 11.48 13.30
CA SER B 241 9.11 11.91 12.64
CA SER B 241 9.10 11.95 12.64
C SER B 241 8.98 12.03 11.13
C SER B 241 8.85 12.27 11.17
N THR B 242 7.83 11.64 10.59
CA THR B 242 7.59 11.73 9.16
C THR B 242 6.12 11.79 8.82
N ASP B 243 5.77 12.45 7.74
N ASP B 243 5.80 12.44 7.71
CA ASP B 243 4.46 12.32 7.16
CA ASP B 243 4.45 12.42 7.16
C ASP B 243 4.37 11.37 5.99
C ASP B 243 4.43 11.58 5.87
N LEU B 244 5.52 10.85 5.63
CA LEU B 244 5.59 9.91 4.53
C LEU B 244 5.15 8.52 4.96
N PRO B 245 4.67 7.71 4.00
CA PRO B 245 4.50 6.30 4.32
C PRO B 245 5.84 5.69 4.74
N TYR B 246 5.83 4.81 5.72
CA TYR B 246 7.04 4.07 6.06
C TYR B 246 6.72 2.61 6.32
N ILE B 247 7.68 1.76 6.02
CA ILE B 247 7.53 0.32 6.16
C ILE B 247 8.76 -0.26 6.85
N TYR B 248 8.54 -1.36 7.57
CA TYR B 248 9.61 -1.97 8.35
C TYR B 248 10.37 -3.06 7.62
N LEU B 249 11.68 -3.09 7.87
CA LEU B 249 12.54 -4.21 7.51
C LEU B 249 12.68 -5.08 8.76
N SER B 250 12.97 -6.36 8.56
N SER B 250 13.06 -6.35 8.60
CA SER B 250 12.99 -7.33 9.65
CA SER B 250 13.17 -7.26 9.75
C SER B 250 14.40 -7.63 10.16
C SER B 250 14.54 -7.19 10.45
N ALA B 251 15.41 -7.19 9.42
N ALA B 251 15.62 -7.27 9.68
CA ALA B 251 16.79 -7.31 9.85
CA ALA B 251 16.99 -7.18 10.21
C ALA B 251 17.21 -8.76 10.06
C ALA B 251 17.37 -8.36 11.12
N GLY B 252 16.42 -9.70 9.54
N GLY B 252 17.72 -8.07 12.38
CA GLY B 252 16.74 -11.11 9.61
CA GLY B 252 18.37 -9.03 13.24
C GLY B 252 16.67 -11.71 11.01
C GLY B 252 17.49 -9.64 14.31
N VAL B 253 15.99 -11.04 11.94
N VAL B 253 16.31 -10.09 13.92
CA VAL B 253 15.80 -11.59 13.27
CA VAL B 253 15.40 -10.79 14.83
C VAL B 253 14.81 -12.74 13.20
C VAL B 253 14.74 -11.96 14.10
N SER B 254 14.53 -13.36 14.34
N SER B 254 14.33 -12.98 14.85
CA SER B 254 13.56 -14.44 14.38
CA SER B 254 13.62 -14.13 14.27
C SER B 254 12.21 -13.89 13.91
C SER B 254 12.29 -13.68 13.68
N ALA B 255 11.65 -14.57 12.92
CA ALA B 255 10.36 -14.22 12.33
C ALA B 255 9.28 -14.01 13.39
N LYS B 256 9.37 -14.78 14.48
CA LYS B 256 8.40 -14.67 15.56
C LYS B 256 8.56 -13.33 16.27
N LEU B 257 9.81 -12.95 16.55
CA LEU B 257 10.07 -11.69 17.24
C LEU B 257 9.66 -10.50 16.37
N PHE B 258 9.82 -10.65 15.06
CA PHE B 258 9.44 -9.57 14.16
C PHE B 258 7.92 -9.40 14.17
N GLN B 259 7.20 -10.52 14.09
CA GLN B 259 5.75 -10.50 14.14
C GLN B 259 5.26 -9.89 15.45
N ASP B 260 5.85 -10.31 16.57
CA ASP B 260 5.50 -9.75 17.87
C ASP B 260 5.85 -8.26 17.94
N THR B 261 6.90 -7.85 17.24
CA THR B 261 7.27 -6.44 17.17
C THR B 261 6.22 -5.62 16.42
N LEU B 262 5.66 -6.18 15.36
CA LEU B 262 4.64 -5.48 14.58
C LEU B 262 3.42 -5.23 15.44
N VAL B 263 3.06 -6.24 16.24
CA VAL B 263 1.91 -6.14 17.14
C VAL B 263 2.20 -5.03 18.15
N PHE B 264 3.38 -5.05 18.73
CA PHE B 264 3.78 -4.04 19.72
C PHE B 264 3.78 -2.65 19.11
N ALA B 265 4.30 -2.54 17.88
CA ALA B 265 4.33 -1.27 17.17
C ALA B 265 2.93 -0.69 17.04
N ALA B 266 2.01 -1.52 16.59
CA ALA B 266 0.63 -1.08 16.36
C ALA B 266 -0.05 -0.69 17.67
N GLU B 267 0.13 -1.50 18.71
CA GLU B 267 -0.44 -1.21 20.02
C GLU B 267 0.12 0.08 20.60
N SER B 268 1.35 0.41 20.21
CA SER B 268 2.04 1.58 20.75
C SER B 268 1.59 2.87 20.07
N GLY B 269 1.06 2.76 18.86
CA GLY B 269 0.58 3.92 18.12
C GLY B 269 1.31 4.16 16.81
N ALA B 270 2.21 3.26 16.43
CA ALA B 270 2.87 3.36 15.13
C ALA B 270 1.86 3.09 14.01
N LYS B 271 1.80 3.99 13.04
CA LYS B 271 0.95 3.81 11.87
C LYS B 271 1.80 3.43 10.67
N PHE B 272 2.62 2.39 10.83
CA PHE B 272 3.45 1.92 9.74
C PHE B 272 2.57 1.30 8.65
N ASN B 273 3.06 1.31 7.42
CA ASN B 273 2.21 1.05 6.27
C ASN B 273 2.54 -0.26 5.56
N GLY B 274 3.22 -1.13 6.23
CA GLY B 274 3.68 -2.36 5.67
C GLY B 274 5.09 -2.75 6.02
N VAL B 275 5.60 -3.69 5.26
CA VAL B 275 6.92 -4.23 5.43
C VAL B 275 7.62 -4.48 4.09
N LEU B 276 8.94 -4.50 4.12
CA LEU B 276 9.71 -5.06 3.04
C LEU B 276 10.60 -6.09 3.67
N CYS B 277 10.11 -7.22 3.34
N CYS B 277 9.98 -7.23 3.70
CA CYS B 277 10.35 -8.29 4.17
CA CYS B 277 10.47 -8.26 4.53
C CYS B 277 10.91 -9.42 3.38
C CYS B 277 10.77 -9.50 3.70
N GLY B 278 11.97 -9.98 3.94
CA GLY B 278 12.84 -10.97 3.29
C GLY B 278 13.32 -12.19 4.05
N ARG B 279 14.43 -12.01 4.75
CA ARG B 279 15.20 -13.10 5.25
C ARG B 279 14.36 -13.90 6.18
N ALA B 280 13.55 -13.24 6.98
CA ALA B 280 12.77 -13.94 7.99
C ALA B 280 11.97 -15.01 7.25
N THR B 281 11.43 -14.65 6.10
CA THR B 281 10.80 -15.61 5.16
C THR B 281 11.50 -16.73 4.36
N TRP B 282 12.59 -16.52 3.60
CA TRP B 282 13.00 -17.50 2.54
C TRP B 282 14.33 -18.28 2.68
N ALA B 283 14.98 -18.15 3.80
CA ALA B 283 16.34 -18.67 3.93
C ALA B 283 16.53 -20.18 3.73
N GLY B 284 15.65 -20.97 4.29
CA GLY B 284 15.82 -22.40 4.29
C GLY B 284 15.87 -22.94 2.89
N SER B 285 15.32 -22.18 1.98
CA SER B 285 15.26 -22.57 0.59
C SER B 285 16.65 -22.80 0.04
N VAL B 286 17.60 -22.03 0.52
CA VAL B 286 18.91 -21.99 -0.10
C VAL B 286 19.71 -23.28 0.01
N LYS B 287 19.77 -23.82 1.19
CA LYS B 287 20.40 -25.11 1.44
C LYS B 287 19.71 -26.17 0.64
N VAL B 288 18.41 -26.13 0.65
CA VAL B 288 17.67 -27.15 -0.11
C VAL B 288 18.00 -27.05 -1.59
N TYR B 289 17.97 -25.84 -2.14
CA TYR B 289 18.24 -25.65 -3.56
C TYR B 289 19.62 -26.18 -3.96
N ILE B 290 20.64 -25.81 -3.18
CA ILE B 290 22.01 -26.20 -3.50
C ILE B 290 22.20 -27.71 -3.36
N GLU B 291 21.77 -28.25 -2.22
CA GLU B 291 22.02 -29.65 -1.91
C GLU B 291 21.05 -30.60 -2.60
N GLU B 292 19.78 -30.19 -2.69
CA GLU B 292 18.72 -31.08 -3.15
C GLU B 292 18.10 -30.66 -4.48
N GLY B 293 18.51 -29.51 -5.00
CA GLY B 293 18.07 -29.06 -6.31
C GLY B 293 16.79 -28.25 -6.28
N PRO B 294 16.35 -27.77 -7.46
CA PRO B 294 15.21 -26.85 -7.59
C PRO B 294 13.87 -27.45 -7.15
N GLN B 295 13.60 -28.70 -7.50
CA GLN B 295 12.31 -29.31 -7.16
C GLN B 295 12.12 -29.37 -5.65
N ALA B 296 13.17 -29.78 -4.94
CA ALA B 296 13.13 -29.82 -3.48
C ALA B 296 12.94 -28.41 -2.93
N ALA B 297 13.60 -27.44 -3.55
CA ALA B 297 13.50 -26.05 -3.12
C ALA B 297 12.08 -25.52 -3.28
N ARG B 298 11.46 -25.82 -4.42
CA ARG B 298 10.06 -25.45 -4.65
C ARG B 298 9.17 -26.01 -3.56
N GLU B 299 9.42 -27.25 -3.17
CA GLU B 299 8.55 -27.92 -2.20
C GLU B 299 8.74 -27.31 -0.82
N TRP B 300 9.97 -26.87 -0.53
CA TRP B 300 10.23 -26.18 0.73
C TRP B 300 9.49 -24.86 0.75
N LEU B 301 9.52 -24.15 -0.37
CA LEU B 301 8.88 -22.85 -0.49
C LEU B 301 7.36 -22.99 -0.40
N ARG B 302 6.83 -24.10 -0.89
CA ARG B 302 5.40 -24.35 -0.90
C ARG B 302 4.87 -24.74 0.48
N THR B 303 5.79 -25.16 1.36
CA THR B 303 5.40 -25.59 2.70
C THR B 303 5.89 -24.61 3.78
N GLU B 304 7.17 -24.69 4.12
CA GLU B 304 7.74 -23.85 5.16
C GLU B 304 7.77 -22.38 4.74
N GLY B 305 8.11 -22.15 3.48
CA GLY B 305 8.15 -20.79 2.96
C GLY B 305 6.78 -20.16 3.04
N PHE B 306 5.76 -20.88 2.57
CA PHE B 306 4.40 -20.37 2.62
C PHE B 306 3.93 -20.13 4.05
N LYS B 307 4.29 -21.04 4.94
CA LYS B 307 3.89 -20.93 6.34
C LYS B 307 4.44 -19.64 6.94
N ASN B 308 5.70 -19.34 6.68
CA ASN B 308 6.32 -18.11 7.15
C ASN B 308 5.62 -16.86 6.62
N ILE B 309 5.36 -16.83 5.31
CA ILE B 309 4.80 -15.64 4.71
C ILE B 309 3.32 -15.50 5.06
N ASP B 310 2.65 -16.64 5.26
CA ASP B 310 1.25 -16.61 5.63
C ASP B 310 1.06 -16.05 7.04
N GLU B 311 1.88 -16.51 7.98
CA GLU B 311 1.79 -16.04 9.35
C GLU B 311 2.13 -14.55 9.42
N LEU B 312 3.11 -14.13 8.61
CA LEU B 312 3.46 -12.72 8.54
C LEU B 312 2.29 -11.89 8.01
N ASN B 313 1.64 -12.37 6.95
CA ASN B 313 0.55 -11.63 6.33
C ASN B 313 -0.64 -11.47 7.28
N LYS B 314 -0.91 -12.50 8.06
CA LYS B 314 -1.99 -12.46 9.03
C LYS B 314 -1.71 -11.36 10.07
N VAL B 315 -0.46 -11.24 10.50
CA VAL B 315 -0.09 -10.23 11.49
C VAL B 315 -0.14 -8.83 10.87
N LEU B 316 0.32 -8.70 9.62
CA LEU B 316 0.23 -7.44 8.91
C LEU B 316 -1.21 -6.98 8.79
N ASP B 317 -2.09 -7.93 8.51
CA ASP B 317 -3.51 -7.64 8.31
C ASP B 317 -4.13 -6.94 9.50
N LYS B 318 -3.66 -7.25 10.71
CA LYS B 318 -4.24 -6.69 11.92
C LYS B 318 -3.37 -5.62 12.59
N THR B 319 -2.28 -5.22 11.94
CA THR B 319 -1.37 -4.23 12.54
C THR B 319 -1.07 -3.03 11.64
N ALA B 320 -0.93 -3.26 10.34
CA ALA B 320 -0.55 -2.22 9.43
C ALA B 320 -1.64 -1.23 9.20
N SER B 321 -1.24 -0.02 8.91
CA SER B 321 -2.12 1.03 8.52
C SER B 321 -1.93 1.44 7.05
N PRO B 322 -3.03 1.86 6.43
CA PRO B 322 -3.02 2.16 5.00
C PRO B 322 -2.43 3.52 4.65
N TRP B 323 -1.56 3.55 3.65
CA TRP B 323 -0.94 4.78 3.18
C TRP B 323 -1.97 5.70 2.55
N THR B 324 -3.10 5.14 2.16
CA THR B 324 -4.17 5.85 1.49
C THR B 324 -4.93 6.76 2.43
N GLU B 325 -4.66 6.69 3.71
CA GLU B 325 -5.09 7.72 4.62
C GLU B 325 -3.95 8.66 4.96
N LYS B 326 -2.86 8.58 4.23
CA LYS B 326 -1.66 9.31 4.57
C LYS B 326 -0.87 9.68 3.33
N THR C 4 -20.30 -30.70 21.09
CA THR C 4 -18.90 -31.01 20.97
C THR C 4 -18.06 -29.73 20.79
N LEU C 5 -16.76 -29.78 21.04
CA LEU C 5 -15.92 -28.62 20.81
C LEU C 5 -14.72 -28.99 20.00
N THR C 6 -14.34 -28.12 19.09
CA THR C 6 -13.12 -28.22 18.37
C THR C 6 -11.98 -27.96 19.32
N GLU C 7 -10.80 -28.35 18.91
CA GLU C 7 -9.63 -28.25 19.74
C GLU C 7 -9.34 -26.81 20.11
N ASN C 8 -9.41 -25.91 19.16
CA ASN C 8 -9.17 -24.52 19.44
C ASN C 8 -10.24 -23.93 20.35
N LYS C 9 -11.50 -24.28 20.12
CA LYS C 9 -12.55 -23.80 20.98
C LYS C 9 -12.36 -24.32 22.38
N ARG C 10 -11.97 -25.56 22.53
CA ARG C 10 -11.72 -26.10 23.86
C ARG C 10 -10.62 -25.35 24.53
N LYS C 11 -9.54 -25.11 23.82
CA LYS C 11 -8.42 -24.42 24.39
C LYS C 11 -8.81 -23.03 24.82
N SER C 12 -9.62 -22.38 24.01
CA SER C 12 -10.08 -21.05 24.32
C SER C 12 -10.96 -21.04 25.58
N MET C 13 -11.80 -22.04 25.69
CA MET C 13 -12.66 -22.18 26.84
C MET C 13 -11.81 -22.38 28.09
N GLU C 14 -10.75 -23.13 27.97
CA GLU C 14 -9.85 -23.37 29.08
C GLU C 14 -9.22 -22.10 29.56
N LYS C 15 -8.95 -21.19 28.65
CA LYS C 15 -8.30 -19.94 28.98
C LYS C 15 -9.26 -18.96 29.66
N LEU C 16 -10.56 -19.24 29.55
CA LEU C 16 -11.58 -18.36 30.12
C LEU C 16 -12.08 -18.85 31.49
N SER C 17 -11.58 -20.01 31.91
CA SER C 17 -12.07 -20.64 33.14
C SER C 17 -10.95 -21.24 33.97
N VAL C 18 -11.29 -21.63 35.19
CA VAL C 18 -10.37 -22.33 36.08
C VAL C 18 -11.03 -23.61 36.56
N ASP C 19 -10.42 -24.74 36.24
CA ASP C 19 -10.93 -26.06 36.63
C ASP C 19 -12.36 -26.24 36.16
N GLY C 20 -12.66 -25.72 34.97
CA GLY C 20 -13.96 -25.89 34.36
C GLY C 20 -15.03 -24.95 34.87
N VAL C 21 -14.63 -23.99 35.71
CA VAL C 21 -15.56 -22.99 36.23
C VAL C 21 -15.22 -21.61 35.68
N ILE C 22 -16.24 -20.92 35.19
CA ILE C 22 -16.08 -19.58 34.65
C ILE C 22 -16.35 -18.55 35.73
N SER C 23 -15.29 -17.91 36.22
CA SER C 23 -15.42 -16.84 37.21
C SER C 23 -14.99 -15.54 36.54
N ALA C 24 -15.82 -15.10 35.61
CA ALA C 24 -15.46 -14.01 34.70
C ALA C 24 -15.93 -12.66 35.21
N LEU C 25 -15.09 -11.65 35.00
CA LEU C 25 -15.40 -10.29 35.38
C LEU C 25 -16.02 -9.56 34.19
N ALA C 26 -17.22 -9.04 34.38
CA ALA C 26 -17.93 -8.35 33.31
C ALA C 26 -17.70 -6.85 33.40
N PHE C 27 -17.07 -6.27 32.38
CA PHE C 27 -16.86 -4.84 32.36
C PHE C 27 -16.90 -4.28 30.94
N ASP C 28 -17.92 -4.67 30.19
CA ASP C 28 -18.12 -4.14 28.84
C ASP C 28 -19.17 -3.03 28.85
N GLN C 29 -19.53 -2.56 30.06
CA GLN C 29 -20.44 -1.44 30.18
C GLN C 29 -19.89 -0.22 29.45
N ARG C 30 -20.77 0.47 28.72
CA ARG C 30 -20.38 1.66 27.98
C ARG C 30 -21.20 2.85 28.43
N GLY C 31 -22.42 2.98 27.91
CA GLY C 31 -23.31 4.05 28.33
C GLY C 31 -23.58 4.01 29.82
N ALA C 32 -23.70 2.80 30.36
CA ALA C 32 -23.99 2.62 31.78
C ALA C 32 -22.87 3.18 32.65
N LEU C 33 -21.62 2.88 32.28
CA LEU C 33 -20.47 3.36 33.03
C LEU C 33 -20.38 4.88 32.97
N LYS C 34 -20.65 5.43 31.80
CA LYS C 34 -20.49 6.84 31.60
C LYS C 34 -21.45 7.58 32.50
N ARG C 35 -22.66 7.07 32.55
CA ARG C 35 -23.71 7.65 33.36
C ARG C 35 -23.36 7.64 34.83
N MET C 36 -22.76 6.57 35.28
CA MET C 36 -22.40 6.44 36.67
C MET C 36 -21.42 7.53 36.92
N MET C 37 -20.54 7.71 35.99
CA MET C 37 -19.50 8.71 36.11
C MET C 37 -20.13 10.08 36.15
N ALA C 38 -21.20 10.22 35.40
CA ALA C 38 -21.83 11.51 35.27
C ALA C 38 -22.26 11.97 36.65
N GLN C 39 -22.46 11.04 37.56
CA GLN C 39 -23.03 11.33 38.85
C GLN C 39 -22.20 12.24 39.72
N HIS C 40 -20.93 12.38 39.43
CA HIS C 40 -20.16 13.42 40.10
C HIS C 40 -19.38 14.23 39.10
N GLN C 41 -20.12 14.98 38.28
CA GLN C 41 -19.57 15.50 37.05
C GLN C 41 -19.15 16.95 36.95
N THR C 42 -17.85 17.12 37.02
CA THR C 42 -17.25 18.39 36.75
C THR C 42 -17.53 18.71 35.30
N LYS C 43 -17.43 17.71 34.44
CA LYS C 43 -17.69 17.88 33.02
C LYS C 43 -18.31 16.59 32.48
N GLU C 44 -18.54 16.55 31.16
CA GLU C 44 -18.87 15.30 30.51
C GLU C 44 -17.69 14.34 30.66
N PRO C 45 -17.94 13.10 31.10
CA PRO C 45 -16.78 12.21 31.28
C PRO C 45 -16.11 11.86 29.96
N THR C 46 -14.78 11.97 29.94
CA THR C 46 -14.00 11.83 28.71
C THR C 46 -13.76 10.38 28.33
N VAL C 47 -13.30 10.17 27.10
CA VAL C 47 -12.86 8.85 26.66
C VAL C 47 -11.67 8.42 27.50
N GLU C 48 -10.79 9.37 27.78
CA GLU C 48 -9.59 9.10 28.56
C GLU C 48 -9.95 8.59 29.94
N GLN C 49 -10.96 9.19 30.55
CA GLN C 49 -11.41 8.79 31.88
C GLN C 49 -12.01 7.38 31.86
N ILE C 50 -12.90 7.13 30.90
CA ILE C 50 -13.56 5.83 30.79
C ILE C 50 -12.54 4.72 30.57
N GLU C 51 -11.63 4.93 29.62
CA GLU C 51 -10.62 3.93 29.29
C GLU C 51 -9.66 3.69 30.45
N GLU C 52 -9.37 4.74 31.22
CA GLU C 52 -8.43 4.60 32.33
C GLU C 52 -9.03 3.76 33.45
N LEU C 53 -10.31 3.98 33.75
CA LEU C 53 -10.97 3.25 34.83
C LEU C 53 -11.11 1.78 34.49
N LYS C 54 -11.32 1.48 33.22
CA LYS C 54 -11.39 0.10 32.77
C LYS C 54 -10.02 -0.56 32.92
N SER C 55 -8.97 0.21 32.68
CA SER C 55 -7.62 -0.32 32.80
C SER C 55 -7.26 -0.58 34.27
N LEU C 56 -7.68 0.33 35.15
CA LEU C 56 -7.44 0.16 36.59
C LEU C 56 -8.11 -1.11 37.13
N VAL C 57 -9.38 -1.28 36.80
CA VAL C 57 -10.13 -2.46 37.19
C VAL C 57 -9.48 -3.72 36.62
N SER C 58 -9.13 -3.68 35.35
CA SER C 58 -8.48 -4.81 34.69
C SER C 58 -7.18 -5.19 35.39
N GLU C 59 -6.33 -4.20 35.66
CA GLU C 59 -5.03 -4.43 36.29
C GLU C 59 -5.16 -5.04 37.68
N GLU C 60 -6.09 -4.54 38.47
CA GLU C 60 -6.15 -4.88 39.89
C GLU C 60 -6.99 -6.12 40.18
N LEU C 61 -8.03 -6.38 39.38
CA LEU C 61 -8.96 -7.46 39.70
C LEU C 61 -8.85 -8.72 38.84
N THR C 62 -8.26 -8.64 37.65
CA THR C 62 -8.15 -9.83 36.81
C THR C 62 -7.20 -10.90 37.36
N PRO C 63 -6.32 -10.54 38.32
CA PRO C 63 -5.57 -11.66 38.92
C PRO C 63 -6.46 -12.62 39.71
N PHE C 64 -7.70 -12.23 39.99
CA PHE C 64 -8.62 -13.02 40.80
C PHE C 64 -9.84 -13.48 40.01
N ALA C 65 -9.79 -13.28 38.69
CA ALA C 65 -10.86 -13.71 37.80
C ALA C 65 -10.29 -14.62 36.72
N SER C 66 -11.09 -15.58 36.27
CA SER C 66 -10.63 -16.51 35.24
C SER C 66 -10.53 -15.82 33.88
N SER C 67 -11.31 -14.76 33.71
CA SER C 67 -11.31 -14.00 32.47
C SER C 67 -12.04 -12.69 32.66
N ILE C 68 -11.94 -11.81 31.67
CA ILE C 68 -12.60 -10.51 31.74
C ILE C 68 -13.28 -10.17 30.42
N LEU C 69 -14.50 -9.67 30.53
CA LEU C 69 -15.29 -9.26 29.38
C LEU C 69 -15.19 -7.75 29.19
N LEU C 70 -14.72 -7.34 28.01
CA LEU C 70 -14.55 -5.92 27.72
C LEU C 70 -15.22 -5.53 26.40
N ASP C 71 -15.46 -4.24 26.23
CA ASP C 71 -16.02 -3.70 25.00
C ASP C 71 -14.90 -3.21 24.10
N PRO C 72 -15.04 -3.39 22.77
CA PRO C 72 -14.00 -2.87 21.88
C PRO C 72 -13.91 -1.34 21.84
N GLU C 73 -14.97 -0.65 22.27
CA GLU C 73 -15.01 0.80 22.19
C GLU C 73 -14.04 1.48 23.17
N TYR C 74 -14.11 1.10 24.45
CA TYR C 74 -13.27 1.71 25.48
C TYR C 74 -12.27 0.73 26.08
N GLY C 75 -12.44 -0.57 25.79
CA GLY C 75 -11.81 -1.60 26.60
C GLY C 75 -10.54 -2.24 26.08
N LEU C 76 -10.06 -1.84 24.90
CA LEU C 76 -8.91 -2.53 24.34
C LEU C 76 -7.63 -2.22 25.11
N PRO C 77 -7.42 -0.96 25.52
CA PRO C 77 -6.29 -0.72 26.41
C PRO C 77 -6.35 -1.57 27.67
N ALA C 78 -7.51 -1.59 28.33
CA ALA C 78 -7.71 -2.41 29.53
C ALA C 78 -7.42 -3.88 29.26
N SER C 79 -7.74 -4.36 28.06
CA SER C 79 -7.56 -5.77 27.74
C SER C 79 -6.08 -6.15 27.70
N ARG C 80 -5.22 -5.21 27.33
CA ARG C 80 -3.80 -5.49 27.19
C ARG C 80 -3.04 -5.44 28.52
N VAL C 81 -3.69 -4.92 29.57
CA VAL C 81 -3.07 -4.84 30.88
C VAL C 81 -3.75 -5.78 31.87
N ARG C 82 -4.50 -6.75 31.36
CA ARG C 82 -5.11 -7.77 32.21
C ARG C 82 -4.04 -8.76 32.67
N SER C 83 -4.29 -9.44 33.76
CA SER C 83 -3.39 -10.47 34.27
C SER C 83 -3.14 -11.56 33.21
N GLU C 84 -1.93 -12.08 33.20
CA GLU C 84 -1.55 -13.10 32.23
C GLU C 84 -2.28 -14.43 32.46
N GLU C 85 -2.93 -14.55 33.61
CA GLU C 85 -3.68 -15.77 33.94
C GLU C 85 -5.15 -15.65 33.56
N ALA C 86 -5.57 -14.46 33.14
CA ALA C 86 -6.98 -14.20 32.83
C ALA C 86 -7.23 -14.17 31.32
N GLY C 87 -8.28 -14.83 30.88
CA GLY C 87 -8.69 -14.82 29.48
C GLY C 87 -9.45 -13.56 29.14
N LEU C 88 -9.80 -13.41 27.86
CA LEU C 88 -10.49 -12.23 27.36
C LEU C 88 -11.69 -12.59 26.51
N LEU C 89 -12.82 -11.97 26.84
CA LEU C 89 -14.01 -11.96 25.98
C LEU C 89 -14.24 -10.55 25.50
N LEU C 90 -14.70 -10.38 24.26
CA LEU C 90 -15.03 -9.06 23.75
C LEU C 90 -16.48 -9.00 23.30
N ALA C 91 -17.16 -7.92 23.68
CA ALA C 91 -18.56 -7.71 23.31
C ALA C 91 -18.67 -7.35 21.83
N TYR C 92 -19.74 -7.82 21.20
CA TYR C 92 -19.93 -7.69 19.75
C TYR C 92 -21.17 -6.84 19.44
N GLU C 93 -22.05 -6.67 20.41
CA GLU C 93 -23.32 -5.96 20.17
C GLU C 93 -23.24 -4.48 20.51
N LYS C 94 -24.06 -3.70 19.82
CA LYS C 94 -24.34 -2.32 20.21
C LYS C 94 -25.18 -2.32 21.47
N THR C 95 -24.98 -1.34 22.35
CA THR C 95 -25.68 -1.30 23.62
C THR C 95 -27.11 -0.79 23.51
N GLY C 96 -27.96 -1.25 24.42
CA GLY C 96 -29.28 -0.69 24.62
C GLY C 96 -30.31 -1.14 23.61
N TYR C 97 -31.44 -0.43 23.58
CA TYR C 97 -32.51 -0.70 22.65
C TYR C 97 -33.39 0.52 22.48
N ASP C 98 -34.14 0.54 21.38
CA ASP C 98 -35.06 1.62 21.08
C ASP C 98 -36.31 1.54 21.96
N ALA C 99 -36.50 2.54 22.81
CA ALA C 99 -37.61 2.54 23.75
C ALA C 99 -38.95 2.86 23.07
N THR C 100 -38.88 3.35 21.84
CA THR C 100 -40.08 3.73 21.11
C THR C 100 -40.81 2.51 20.53
N THR C 101 -40.07 1.42 20.36
CA THR C 101 -40.64 0.16 19.87
C THR C 101 -40.41 -0.96 20.87
N THR C 102 -41.04 -2.11 20.62
CA THR C 102 -40.95 -3.25 21.52
C THR C 102 -40.08 -4.38 20.96
N SER C 103 -39.53 -4.16 19.76
CA SER C 103 -38.80 -5.21 19.04
C SER C 103 -37.42 -5.51 19.63
N ARG C 104 -36.72 -4.48 20.09
CA ARG C 104 -35.38 -4.62 20.66
C ARG C 104 -34.45 -5.46 19.77
N LEU C 105 -34.36 -5.11 18.51
CA LEU C 105 -33.59 -5.89 17.55
C LEU C 105 -32.08 -5.78 17.80
N PRO C 106 -31.35 -6.89 17.60
CA PRO C 106 -29.91 -6.91 17.80
C PRO C 106 -29.16 -6.22 16.66
N ASP C 107 -27.99 -5.68 16.96
CA ASP C 107 -27.15 -5.04 15.95
C ASP C 107 -25.68 -5.12 16.36
N CYS C 108 -24.86 -5.71 15.50
CA CYS C 108 -23.42 -5.80 15.74
C CYS C 108 -22.77 -4.42 15.65
N LEU C 109 -21.68 -4.23 16.39
CA LEU C 109 -20.85 -3.03 16.26
C LEU C 109 -20.40 -2.86 14.80
N ASP C 110 -20.53 -1.65 14.29
CA ASP C 110 -20.41 -1.39 12.86
C ASP C 110 -19.09 -1.80 12.20
N VAL C 111 -17.95 -1.57 12.85
CA VAL C 111 -16.66 -1.90 12.23
C VAL C 111 -16.02 -3.13 12.84
N TRP C 112 -16.85 -4.02 13.38
CA TRP C 112 -16.34 -5.25 13.96
C TRP C 112 -16.94 -6.48 13.30
N SER C 113 -16.23 -7.60 13.47
CA SER C 113 -16.63 -8.90 12.97
C SER C 113 -16.03 -9.93 13.92
N ALA C 114 -16.48 -11.17 13.87
CA ALA C 114 -15.89 -12.20 14.72
C ALA C 114 -14.40 -12.30 14.44
N LYS C 115 -14.02 -12.18 13.17
CA LYS C 115 -12.63 -12.21 12.77
C LYS C 115 -11.82 -11.11 13.48
N ARG C 116 -12.35 -9.89 13.46
CA ARG C 116 -11.66 -8.77 14.08
C ARG C 116 -11.61 -8.92 15.60
N ILE C 117 -12.63 -9.52 16.19
CA ILE C 117 -12.61 -9.76 17.62
C ILE C 117 -11.50 -10.76 17.97
N LYS C 118 -11.38 -11.81 17.17
CA LYS C 118 -10.31 -12.79 17.36
C LYS C 118 -8.94 -12.14 17.14
N GLU C 119 -8.84 -11.26 16.15
CA GLU C 119 -7.58 -10.58 15.87
C GLU C 119 -7.18 -9.62 16.99
N ALA C 120 -8.17 -9.14 17.75
CA ALA C 120 -7.92 -8.24 18.86
C ALA C 120 -7.52 -8.99 20.13
N GLY C 121 -7.41 -10.32 20.04
CA GLY C 121 -6.89 -11.14 21.12
C GLY C 121 -7.94 -11.85 21.97
N ALA C 122 -9.20 -11.77 21.57
CA ALA C 122 -10.27 -12.36 22.37
C ALA C 122 -10.28 -13.89 22.27
N GLU C 123 -10.64 -14.54 23.36
CA GLU C 123 -10.86 -15.99 23.38
C GLU C 123 -12.33 -16.32 23.35
N ALA C 124 -13.17 -15.29 23.24
CA ALA C 124 -14.60 -15.52 23.02
C ALA C 124 -15.26 -14.27 22.45
N VAL C 125 -16.28 -14.51 21.64
CA VAL C 125 -17.19 -13.47 21.17
C VAL C 125 -18.42 -13.49 22.06
N LYS C 126 -18.73 -12.34 22.65
CA LYS C 126 -19.93 -12.21 23.49
C LYS C 126 -20.95 -11.36 22.74
N PHE C 127 -22.21 -11.79 22.75
CA PHE C 127 -23.28 -11.02 22.13
C PHE C 127 -24.53 -11.04 23.00
N LEU C 128 -25.11 -9.85 23.20
N LEU C 128 -25.11 -9.85 23.20
CA LEU C 128 -26.33 -9.70 23.98
CA LEU C 128 -26.33 -9.70 23.99
C LEU C 128 -27.54 -9.66 23.06
C LEU C 128 -27.56 -9.62 23.10
N LEU C 129 -28.53 -10.49 23.37
CA LEU C 129 -29.81 -10.51 22.66
C LEU C 129 -30.95 -10.31 23.65
N TYR C 130 -31.84 -9.36 23.37
CA TYR C 130 -33.11 -9.27 24.09
C TYR C 130 -34.12 -10.18 23.39
N TYR C 131 -34.80 -11.01 24.16
CA TYR C 131 -35.73 -11.98 23.59
C TYR C 131 -37.00 -12.13 24.42
N ASP C 132 -38.14 -11.93 23.76
CA ASP C 132 -39.43 -12.27 24.34
C ASP C 132 -40.00 -13.46 23.57
N ILE C 133 -39.91 -14.64 24.18
CA ILE C 133 -40.39 -15.89 23.57
C ILE C 133 -41.83 -15.77 23.09
N ASP C 134 -42.62 -14.95 23.76
CA ASP C 134 -44.04 -14.78 23.45
C ASP C 134 -44.28 -13.60 22.52
N GLY C 135 -43.21 -12.97 22.07
CA GLY C 135 -43.30 -11.76 21.26
C GLY C 135 -43.68 -12.00 19.82
N ASP C 136 -43.63 -10.92 19.03
CA ASP C 136 -43.96 -10.96 17.61
C ASP C 136 -43.13 -12.02 16.89
N GLN C 137 -43.80 -12.88 16.13
CA GLN C 137 -43.14 -14.03 15.52
C GLN C 137 -42.14 -13.62 14.43
N ASP C 138 -42.41 -12.54 13.72
CA ASP C 138 -41.53 -12.07 12.66
C ASP C 138 -40.28 -11.43 13.25
N VAL C 139 -40.46 -10.70 14.34
CA VAL C 139 -39.35 -10.11 15.07
C VAL C 139 -38.41 -11.21 15.54
N ASN C 140 -38.97 -12.28 16.07
CA ASN C 140 -38.16 -13.37 16.59
C ASN C 140 -37.49 -14.16 15.48
N GLU C 141 -38.11 -14.19 14.31
CA GLU C 141 -37.49 -14.81 13.14
C GLU C 141 -36.26 -14.03 12.72
N GLN C 142 -36.38 -12.70 12.73
CA GLN C 142 -35.26 -11.84 12.41
C GLN C 142 -34.15 -12.01 13.43
N LYS C 143 -34.53 -12.15 14.70
CA LYS C 143 -33.55 -12.34 15.76
C LYS C 143 -32.84 -13.68 15.62
N LYS C 144 -33.60 -14.74 15.39
CA LYS C 144 -33.01 -16.07 15.24
C LYS C 144 -32.06 -16.10 14.06
N ALA C 145 -32.44 -15.48 12.94
CA ALA C 145 -31.56 -15.41 11.78
C ALA C 145 -30.26 -14.68 12.13
N TYR C 146 -30.37 -13.61 12.91
CA TYR C 146 -29.19 -12.81 13.26
C TYR C 146 -28.22 -13.64 14.08
N ILE C 147 -28.75 -14.42 15.03
CA ILE C 147 -27.90 -15.24 15.88
C ILE C 147 -27.27 -16.39 15.08
N GLU C 148 -28.01 -16.95 14.12
CA GLU C 148 -27.46 -17.97 13.23
C GLU C 148 -26.19 -17.44 12.54
N ARG C 149 -26.26 -16.20 12.07
CA ARG C 149 -25.13 -15.58 11.37
C ARG C 149 -23.90 -15.50 12.26
N ILE C 150 -24.11 -15.02 13.48
CA ILE C 150 -23.01 -14.85 14.43
C ILE C 150 -22.43 -16.20 14.82
N GLY C 151 -23.30 -17.17 15.07
CA GLY C 151 -22.88 -18.53 15.35
C GLY C 151 -22.04 -19.10 14.23
N SER C 152 -22.41 -18.79 13.00
CA SER C 152 -21.66 -19.26 11.84
C SER C 152 -20.29 -18.58 11.79
N GLU C 153 -20.25 -17.27 12.02
CA GLU C 153 -18.99 -16.54 12.11
C GLU C 153 -18.02 -17.18 13.08
N CYS C 154 -18.53 -17.48 14.28
CA CYS C 154 -17.69 -18.01 15.34
C CYS C 154 -17.20 -19.42 15.04
N ARG C 155 -18.03 -20.21 14.36
CA ARG C 155 -17.62 -21.52 13.90
C ARG C 155 -16.44 -21.38 12.92
N ALA C 156 -16.57 -20.44 11.99
CA ALA C 156 -15.54 -20.26 10.96
C ALA C 156 -14.23 -19.75 11.55
N GLU C 157 -14.34 -18.81 12.48
CA GLU C 157 -13.18 -18.23 13.14
C GLU C 157 -12.69 -19.11 14.29
N ASP C 158 -13.46 -20.15 14.62
CA ASP C 158 -13.09 -21.14 15.62
C ASP C 158 -12.84 -20.49 16.98
N ILE C 159 -13.80 -19.67 17.39
CA ILE C 159 -13.73 -18.93 18.64
C ILE C 159 -15.06 -19.11 19.39
N PRO C 160 -15.01 -19.41 20.70
CA PRO C 160 -16.25 -19.63 21.46
C PRO C 160 -17.28 -18.51 21.31
N PHE C 161 -18.54 -18.90 21.15
CA PHE C 161 -19.66 -17.97 21.06
C PHE C 161 -20.42 -17.95 22.39
N TYR C 162 -20.27 -16.86 23.14
CA TYR C 162 -21.03 -16.63 24.38
C TYR C 162 -22.25 -15.78 24.06
N LEU C 163 -23.44 -16.39 24.15
CA LEU C 163 -24.67 -15.67 23.88
C LEU C 163 -25.32 -15.28 25.19
N GLN C 164 -25.49 -13.97 25.39
CA GLN C 164 -26.20 -13.48 26.56
C GLN C 164 -27.65 -13.22 26.18
N ILE C 165 -28.58 -13.77 26.97
CA ILE C 165 -29.99 -13.52 26.75
C ILE C 165 -30.57 -12.74 27.92
N LEU C 166 -31.18 -11.60 27.61
CA LEU C 166 -31.98 -10.85 28.58
C LEU C 166 -33.42 -10.92 28.13
N THR C 167 -34.30 -11.40 29.00
CA THR C 167 -35.68 -11.61 28.62
C THR C 167 -36.52 -10.37 28.92
N TYR C 168 -37.65 -10.26 28.24
CA TYR C 168 -38.59 -9.19 28.50
C TYR C 168 -39.95 -9.57 27.95
N ASP C 169 -40.92 -8.69 28.16
CA ASP C 169 -42.27 -8.86 27.64
C ASP C 169 -42.64 -7.59 26.91
N GLU C 170 -43.08 -7.72 25.67
CA GLU C 170 -43.41 -6.56 24.85
C GLU C 170 -44.43 -5.66 25.52
N LYS C 171 -45.24 -6.23 26.42
CA LYS C 171 -46.36 -5.52 27.03
C LYS C 171 -46.19 -5.22 28.52
N ILE C 172 -45.13 -5.74 29.13
CA ILE C 172 -44.84 -5.43 30.53
C ILE C 172 -43.67 -4.45 30.62
N ALA C 173 -43.95 -3.23 31.04
CA ALA C 173 -42.97 -2.17 31.06
C ALA C 173 -41.79 -2.44 31.99
N ASP C 174 -42.09 -2.96 33.18
CA ASP C 174 -41.08 -3.08 34.23
C ASP C 174 -40.70 -4.54 34.51
N ASN C 175 -39.45 -4.88 34.22
CA ASN C 175 -38.92 -6.22 34.48
C ASN C 175 -38.89 -6.58 35.96
N ALA C 176 -38.96 -5.56 36.82
CA ALA C 176 -38.92 -5.77 38.26
C ALA C 176 -40.32 -5.90 38.86
N SER C 177 -41.34 -5.79 38.02
CA SER C 177 -42.72 -5.83 38.49
C SER C 177 -43.11 -7.24 38.92
N PRO C 178 -44.12 -7.35 39.80
CA PRO C 178 -44.64 -8.68 40.10
C PRO C 178 -45.23 -9.34 38.86
N GLU C 179 -45.78 -8.54 37.96
CA GLU C 179 -46.38 -9.04 36.73
C GLU C 179 -45.36 -9.81 35.89
N PHE C 180 -44.15 -9.27 35.77
CA PHE C 180 -43.13 -9.95 34.99
C PHE C 180 -42.56 -11.15 35.75
N ALA C 181 -42.45 -11.01 37.07
CA ALA C 181 -41.96 -12.07 37.93
C ALA C 181 -42.72 -13.38 37.70
N LYS C 182 -44.03 -13.27 37.47
CA LYS C 182 -44.89 -14.44 37.31
C LYS C 182 -44.57 -15.23 36.03
N VAL C 183 -44.00 -14.55 35.04
CA VAL C 183 -43.71 -15.19 33.75
C VAL C 183 -42.21 -15.33 33.46
N LYS C 184 -41.37 -14.88 34.40
CA LYS C 184 -39.93 -14.86 34.14
C LYS C 184 -39.36 -16.27 33.87
N ALA C 185 -39.79 -17.26 34.66
CA ALA C 185 -39.28 -18.62 34.49
C ALA C 185 -39.56 -19.10 33.07
N HIS C 186 -40.76 -18.78 32.58
CA HIS C 186 -41.18 -19.12 31.23
C HIS C 186 -40.33 -18.40 30.17
N LYS C 187 -40.11 -17.11 30.35
CA LYS C 187 -39.32 -16.32 29.40
C LYS C 187 -37.89 -16.83 29.31
N VAL C 188 -37.29 -17.10 30.45
CA VAL C 188 -35.89 -17.49 30.51
C VAL C 188 -35.67 -18.90 29.95
N ASN C 189 -36.43 -19.85 30.47
CA ASN C 189 -36.21 -21.25 30.18
C ASN C 189 -36.56 -21.62 28.74
N GLU C 190 -37.62 -21.01 28.20
CA GLU C 190 -38.00 -21.27 26.82
C GLU C 190 -37.00 -20.64 25.85
N ALA C 191 -36.47 -19.47 26.21
CA ALA C 191 -35.47 -18.82 25.35
C ALA C 191 -34.20 -19.66 25.31
N MET C 192 -33.84 -20.25 26.45
CA MET C 192 -32.68 -21.13 26.51
C MET C 192 -32.88 -22.38 25.65
N LYS C 193 -34.10 -22.90 25.60
CA LYS C 193 -34.39 -24.05 24.76
C LYS C 193 -34.21 -23.72 23.29
N VAL C 194 -34.66 -22.53 22.90
CA VAL C 194 -34.53 -22.10 21.52
C VAL C 194 -33.06 -22.03 21.12
N PHE C 195 -32.25 -21.31 21.90
CA PHE C 195 -30.90 -21.00 21.44
C PHE C 195 -29.87 -22.04 21.86
N SER C 196 -30.36 -23.13 22.43
CA SER C 196 -29.54 -24.34 22.64
C SER C 196 -29.55 -25.22 21.39
N LYS C 197 -30.47 -24.95 20.46
CA LYS C 197 -30.53 -25.70 19.23
C LYS C 197 -29.22 -25.56 18.46
N GLU C 198 -28.77 -26.65 17.85
CA GLU C 198 -27.46 -26.69 17.20
C GLU C 198 -27.25 -25.56 16.19
N ARG C 199 -28.32 -25.17 15.50
CA ARG C 199 -28.19 -24.25 14.38
C ARG C 199 -27.71 -22.85 14.78
N PHE C 200 -27.75 -22.54 16.07
CA PHE C 200 -27.35 -21.21 16.53
C PHE C 200 -25.88 -21.12 16.94
N GLY C 201 -25.22 -22.27 17.02
CA GLY C 201 -23.78 -22.30 17.23
C GLY C 201 -23.29 -21.76 18.56
N VAL C 202 -24.14 -21.78 19.58
CA VAL C 202 -23.76 -21.22 20.89
C VAL C 202 -22.88 -22.20 21.66
N ASP C 203 -21.85 -21.67 22.32
CA ASP C 203 -20.96 -22.49 23.15
C ASP C 203 -21.26 -22.32 24.64
N VAL C 204 -21.62 -21.11 25.04
CA VAL C 204 -22.02 -20.85 26.42
C VAL C 204 -23.18 -19.86 26.46
N LEU C 205 -24.18 -20.15 27.28
CA LEU C 205 -25.29 -19.24 27.51
C LEU C 205 -25.06 -18.41 28.77
N LYS C 206 -25.13 -17.09 28.63
CA LYS C 206 -25.12 -16.19 29.78
C LYS C 206 -26.56 -15.75 30.02
N VAL C 207 -27.13 -16.20 31.14
CA VAL C 207 -28.56 -16.05 31.36
C VAL C 207 -28.90 -15.54 32.75
N GLU C 208 -30.12 -15.07 32.89
CA GLU C 208 -30.67 -14.67 34.19
C GLU C 208 -31.03 -15.90 34.99
N VAL C 209 -31.03 -15.78 36.31
CA VAL C 209 -31.68 -16.78 37.13
C VAL C 209 -33.16 -16.73 36.76
N PRO C 210 -33.84 -17.88 36.72
CA PRO C 210 -35.20 -17.97 36.18
C PRO C 210 -36.29 -17.52 37.15
N VAL C 211 -35.91 -16.76 38.17
CA VAL C 211 -36.85 -16.26 39.15
C VAL C 211 -36.39 -14.91 39.71
N ASN C 212 -37.35 -14.07 40.06
CA ASN C 212 -37.07 -12.86 40.82
C ASN C 212 -37.12 -13.22 42.30
N MET C 213 -35.95 -13.35 42.92
CA MET C 213 -35.84 -13.83 44.29
C MET C 213 -36.54 -12.91 45.28
N LYS C 214 -36.75 -11.66 44.90
CA LYS C 214 -37.41 -10.70 45.78
C LYS C 214 -38.89 -10.99 46.00
N PHE C 215 -39.40 -12.03 45.33
CA PHE C 215 -40.79 -12.46 45.52
C PHE C 215 -40.87 -13.91 46.01
N VAL C 216 -39.71 -14.48 46.34
CA VAL C 216 -39.65 -15.85 46.87
C VAL C 216 -39.65 -15.83 48.40
N GLU C 217 -40.41 -16.76 48.99
CA GLU C 217 -40.49 -16.90 50.43
C GLU C 217 -39.11 -17.01 51.06
N GLY C 218 -38.85 -16.18 52.07
CA GLY C 218 -37.58 -16.17 52.77
C GLY C 218 -36.60 -15.15 52.22
N PHE C 219 -36.87 -14.67 51.00
CA PHE C 219 -36.02 -13.67 50.35
C PHE C 219 -36.77 -12.38 50.08
N ALA C 220 -38.09 -12.40 50.28
CA ALA C 220 -38.95 -11.26 49.98
C ALA C 220 -39.11 -10.34 51.18
N ASP C 221 -39.05 -9.04 50.91
CA ASP C 221 -39.28 -8.01 51.92
C ASP C 221 -40.72 -7.49 51.83
N GLY C 222 -41.37 -7.78 50.71
CA GLY C 222 -42.75 -7.39 50.49
C GLY C 222 -43.63 -8.56 50.11
N GLU C 223 -44.37 -8.39 49.02
CA GLU C 223 -45.27 -9.43 48.51
C GLU C 223 -44.51 -10.73 48.22
N VAL C 224 -45.19 -11.86 48.47
CA VAL C 224 -44.61 -13.17 48.19
C VAL C 224 -45.40 -13.87 47.10
N LEU C 225 -44.71 -14.27 46.03
CA LEU C 225 -45.33 -14.90 44.88
C LEU C 225 -45.03 -16.39 44.80
N PHE C 226 -43.90 -16.80 45.39
CA PHE C 226 -43.43 -18.17 45.25
C PHE C 226 -42.88 -18.75 46.55
N THR C 227 -43.08 -20.05 46.73
CA THR C 227 -42.46 -20.78 47.82
C THR C 227 -41.04 -21.14 47.45
N LYS C 228 -40.23 -21.54 48.43
CA LYS C 228 -38.87 -21.98 48.16
C LYS C 228 -38.88 -23.18 47.22
N GLU C 229 -39.90 -24.02 47.31
CA GLU C 229 -39.97 -25.22 46.48
C GLU C 229 -40.28 -24.88 45.03
N GLU C 230 -41.15 -23.91 44.81
CA GLU C 230 -41.51 -23.50 43.45
C GLU C 230 -40.32 -22.82 42.77
N ALA C 231 -39.58 -22.03 43.54
CA ALA C 231 -38.38 -21.38 43.04
C ALA C 231 -37.32 -22.43 42.71
N ALA C 232 -37.19 -23.42 43.60
CA ALA C 232 -36.22 -24.49 43.39
C ALA C 232 -36.52 -25.26 42.11
N GLN C 233 -37.80 -25.44 41.82
CA GLN C 233 -38.21 -26.16 40.62
C GLN C 233 -37.87 -25.38 39.36
N ALA C 234 -37.93 -24.05 39.45
CA ALA C 234 -37.60 -23.19 38.31
C ALA C 234 -36.14 -23.33 37.94
N PHE C 235 -35.28 -23.46 38.95
CA PHE C 235 -33.86 -23.67 38.73
C PHE C 235 -33.61 -25.03 38.07
N ARG C 236 -34.36 -26.04 38.50
CA ARG C 236 -34.23 -27.37 37.92
C ARG C 236 -34.78 -27.42 36.50
N ASP C 237 -35.84 -26.66 36.25
CA ASP C 237 -36.38 -26.56 34.89
C ASP C 237 -35.35 -25.92 33.97
N GLN C 238 -34.68 -24.89 34.48
CA GLN C 238 -33.64 -24.20 33.73
C GLN C 238 -32.48 -25.15 33.40
N GLU C 239 -32.04 -25.90 34.40
CA GLU C 239 -30.99 -26.90 34.19
C GLU C 239 -31.38 -27.85 33.07
N ALA C 240 -32.67 -28.16 32.97
CA ALA C 240 -33.17 -29.11 31.99
C ALA C 240 -33.47 -28.46 30.64
N SER C 241 -33.32 -27.15 30.55
CA SER C 241 -33.65 -26.41 29.33
C SER C 241 -32.49 -26.37 28.35
N THR C 242 -31.30 -26.78 28.79
CA THR C 242 -30.13 -26.77 27.94
C THR C 242 -29.11 -27.83 28.35
N ASP C 243 -28.37 -28.34 27.36
CA ASP C 243 -27.22 -29.21 27.63
C ASP C 243 -25.92 -28.43 27.46
N LEU C 244 -26.04 -27.15 27.12
CA LEU C 244 -24.87 -26.28 27.00
C LEU C 244 -24.36 -25.83 28.36
N PRO C 245 -23.07 -25.48 28.44
CA PRO C 245 -22.67 -24.77 29.66
C PRO C 245 -23.47 -23.47 29.77
N TYR C 246 -23.86 -23.09 30.98
CA TYR C 246 -24.49 -21.78 31.17
C TYR C 246 -23.97 -21.13 32.44
N ILE C 247 -23.98 -19.81 32.45
CA ILE C 247 -23.45 -19.01 33.55
C ILE C 247 -24.42 -17.89 33.86
N TYR C 248 -24.46 -17.46 35.12
CA TYR C 248 -25.43 -16.45 35.53
C TYR C 248 -24.89 -15.03 35.42
N LEU C 249 -25.78 -14.13 35.02
CA LEU C 249 -25.57 -12.70 35.14
C LEU C 249 -26.31 -12.18 36.37
N SER C 250 -25.86 -11.05 36.90
N SER C 250 -25.86 -11.05 36.91
CA SER C 250 -26.53 -10.41 38.03
CA SER C 250 -26.54 -10.41 38.02
C SER C 250 -27.32 -9.18 37.55
C SER C 250 -27.33 -9.20 37.50
N ALA C 251 -28.60 -9.13 37.88
CA ALA C 251 -29.47 -8.05 37.43
C ALA C 251 -30.52 -7.67 38.47
N GLY C 252 -30.45 -6.42 38.93
CA GLY C 252 -31.42 -5.90 39.86
C GLY C 252 -31.22 -6.39 41.28
N VAL C 253 -30.10 -7.05 41.54
CA VAL C 253 -29.80 -7.57 42.87
C VAL C 253 -28.44 -7.12 43.38
N SER C 254 -28.33 -7.05 44.71
CA SER C 254 -27.08 -6.74 45.38
C SER C 254 -26.10 -7.90 45.30
N ALA C 255 -24.84 -7.62 45.59
CA ALA C 255 -23.81 -8.64 45.65
C ALA C 255 -24.22 -9.76 46.60
N LYS C 256 -24.73 -9.38 47.76
CA LYS C 256 -25.12 -10.37 48.77
C LYS C 256 -26.28 -11.25 48.29
N LEU C 257 -27.31 -10.63 47.73
CA LEU C 257 -28.46 -11.38 47.26
C LEU C 257 -28.06 -12.28 46.09
N PHE C 258 -27.17 -11.80 45.24
CA PHE C 258 -26.70 -12.60 44.13
C PHE C 258 -26.00 -13.84 44.64
N GLN C 259 -25.08 -13.64 45.59
CA GLN C 259 -24.33 -14.74 46.17
C GLN C 259 -25.25 -15.71 46.91
N ASP C 260 -26.25 -15.18 47.62
CA ASP C 260 -27.23 -16.02 48.29
C ASP C 260 -28.02 -16.84 47.27
N THR C 261 -28.22 -16.25 46.10
CA THR C 261 -28.98 -16.92 45.03
C THR C 261 -28.17 -18.06 44.42
N LEU C 262 -26.87 -17.86 44.29
CA LEU C 262 -25.99 -18.92 43.82
C LEU C 262 -26.05 -20.10 44.78
N VAL C 263 -26.09 -19.80 46.08
CA VAL C 263 -26.23 -20.84 47.09
C VAL C 263 -27.57 -21.56 46.91
N PHE C 264 -28.65 -20.79 46.75
CA PHE C 264 -29.97 -21.35 46.57
C PHE C 264 -30.06 -22.16 45.28
N ALA C 265 -29.44 -21.64 44.22
CA ALA C 265 -29.42 -22.30 42.92
C ALA C 265 -28.80 -23.69 43.05
N ALA C 266 -27.62 -23.75 43.63
CA ALA C 266 -26.91 -25.00 43.84
C ALA C 266 -27.72 -25.96 44.72
N GLU C 267 -28.28 -25.42 45.80
CA GLU C 267 -29.10 -26.21 46.71
C GLU C 267 -30.29 -26.84 45.99
N SER C 268 -30.83 -26.10 45.02
CA SER C 268 -32.02 -26.54 44.30
C SER C 268 -31.72 -27.60 43.24
N GLY C 269 -30.47 -27.68 42.80
CA GLY C 269 -30.04 -28.68 41.84
C GLY C 269 -29.54 -28.12 40.52
N ALA C 270 -29.49 -26.79 40.42
CA ALA C 270 -28.95 -26.14 39.23
C ALA C 270 -27.46 -26.45 39.11
N LYS C 271 -27.05 -26.87 37.91
CA LYS C 271 -25.64 -27.15 37.66
C LYS C 271 -25.04 -26.05 36.79
N PHE C 272 -25.17 -24.81 37.25
CA PHE C 272 -24.61 -23.68 36.53
C PHE C 272 -23.09 -23.76 36.58
N ASN C 273 -22.43 -23.18 35.58
CA ASN C 273 -20.99 -23.39 35.39
C ASN C 273 -20.17 -22.14 35.64
N GLY C 274 -20.75 -21.21 36.38
CA GLY C 274 -20.04 -20.01 36.78
C GLY C 274 -20.88 -18.76 36.57
N VAL C 275 -20.19 -17.62 36.49
CA VAL C 275 -20.85 -16.33 36.36
C VAL C 275 -20.08 -15.40 35.43
N LEU C 276 -20.80 -14.43 34.87
CA LEU C 276 -20.19 -13.28 34.22
C LEU C 276 -20.75 -12.05 34.94
N CYS C 277 -20.16 -11.76 36.10
CA CYS C 277 -20.61 -10.69 36.98
C CYS C 277 -19.55 -9.61 37.09
N GLY C 278 -19.98 -8.37 37.29
CA GLY C 278 -19.05 -7.26 37.36
C GLY C 278 -19.46 -6.11 38.25
N ARG C 279 -20.59 -5.51 37.93
CA ARG C 279 -20.98 -4.21 38.49
C ARG C 279 -20.79 -4.13 40.00
N ALA C 280 -21.38 -5.07 40.72
CA ALA C 280 -21.31 -5.08 42.19
C ALA C 280 -19.87 -5.09 42.69
N THR C 281 -18.99 -5.74 41.93
CA THR C 281 -17.59 -5.89 42.34
C THR C 281 -16.81 -4.59 42.26
N TRP C 282 -17.00 -3.83 41.19
CA TRP C 282 -16.18 -2.63 40.94
C TRP C 282 -16.97 -1.32 41.00
N ALA C 283 -18.26 -1.39 41.34
CA ALA C 283 -19.11 -0.19 41.34
C ALA C 283 -18.52 0.92 42.19
N GLY C 284 -18.13 0.59 43.41
CA GLY C 284 -17.62 1.57 44.35
C GLY C 284 -16.41 2.36 43.86
N SER C 285 -15.59 1.72 43.04
CA SER C 285 -14.37 2.36 42.53
C SER C 285 -14.69 3.58 41.68
N VAL C 286 -15.91 3.63 41.14
CA VAL C 286 -16.30 4.67 40.21
C VAL C 286 -16.42 6.04 40.88
N LYS C 287 -17.16 6.12 41.98
CA LYS C 287 -17.25 7.36 42.74
C LYS C 287 -15.86 7.81 43.15
N VAL C 288 -15.07 6.87 43.64
CA VAL C 288 -13.72 7.16 44.12
C VAL C 288 -12.84 7.70 42.99
N TYR C 289 -12.96 7.12 41.80
CA TYR C 289 -12.12 7.50 40.69
C TYR C 289 -12.38 8.94 40.23
N ILE C 290 -13.64 9.28 40.03
CA ILE C 290 -14.02 10.62 39.60
C ILE C 290 -13.62 11.66 40.64
N GLU C 291 -13.93 11.36 41.90
CA GLU C 291 -13.69 12.31 42.99
C GLU C 291 -12.23 12.36 43.43
N GLU C 292 -11.67 11.21 43.75
CA GLU C 292 -10.40 11.13 44.47
C GLU C 292 -9.22 10.76 43.57
N GLY C 293 -9.49 10.52 42.30
CA GLY C 293 -8.43 10.26 41.34
C GLY C 293 -8.09 8.79 41.18
N PRO C 294 -7.21 8.47 40.23
CA PRO C 294 -6.88 7.08 39.87
C PRO C 294 -6.10 6.33 40.95
N GLN C 295 -5.24 7.04 41.68
CA GLN C 295 -4.42 6.40 42.70
C GLN C 295 -5.30 5.93 43.86
N ALA C 296 -6.33 6.72 44.18
CA ALA C 296 -7.29 6.34 45.20
C ALA C 296 -8.12 5.14 44.74
N ALA C 297 -8.55 5.18 43.49
CA ALA C 297 -9.34 4.10 42.90
C ALA C 297 -8.57 2.80 42.92
N ARG C 298 -7.29 2.87 42.56
CA ARG C 298 -6.43 1.71 42.56
C ARG C 298 -6.38 1.10 43.96
N GLU C 299 -6.34 1.96 44.97
CA GLU C 299 -6.29 1.51 46.35
C GLU C 299 -7.61 0.89 46.77
N TRP C 300 -8.72 1.46 46.31
CA TRP C 300 -10.05 0.91 46.60
C TRP C 300 -10.16 -0.49 46.00
N LEU C 301 -9.67 -0.62 44.78
CA LEU C 301 -9.74 -1.89 44.06
C LEU C 301 -8.84 -2.94 44.73
N ARG C 302 -7.71 -2.51 45.25
CA ARG C 302 -6.77 -3.40 45.92
C ARG C 302 -7.33 -3.92 47.24
N THR C 303 -8.24 -3.15 47.83
CA THR C 303 -8.76 -3.44 49.17
C THR C 303 -10.22 -3.89 49.13
N GLU C 304 -11.13 -2.94 48.98
CA GLU C 304 -12.55 -3.25 48.88
C GLU C 304 -12.84 -4.09 47.64
N GLY C 305 -12.16 -3.77 46.55
CA GLY C 305 -12.31 -4.49 45.30
C GLY C 305 -11.98 -5.96 45.47
N PHE C 306 -10.81 -6.25 46.03
CA PHE C 306 -10.39 -7.62 46.25
C PHE C 306 -11.35 -8.37 47.16
N LYS C 307 -11.77 -7.69 48.23
CA LYS C 307 -12.73 -8.26 49.17
C LYS C 307 -13.98 -8.74 48.44
N ASN C 308 -14.52 -7.89 47.58
CA ASN C 308 -15.72 -8.20 46.82
C ASN C 308 -15.59 -9.45 45.96
N ILE C 309 -14.53 -9.47 45.14
CA ILE C 309 -14.38 -10.55 44.18
C ILE C 309 -13.98 -11.85 44.89
N ASP C 310 -13.22 -11.72 45.97
CA ASP C 310 -12.80 -12.89 46.74
C ASP C 310 -14.01 -13.56 47.42
N GLU C 311 -14.91 -12.76 47.97
CA GLU C 311 -16.13 -13.30 48.58
C GLU C 311 -16.92 -14.07 47.53
N LEU C 312 -16.96 -13.54 46.31
CA LEU C 312 -17.69 -14.16 45.22
C LEU C 312 -17.06 -15.50 44.85
N ASN C 313 -15.74 -15.51 44.69
CA ASN C 313 -15.01 -16.72 44.33
C ASN C 313 -15.19 -17.84 45.35
N LYS C 314 -15.25 -17.48 46.64
CA LYS C 314 -15.44 -18.49 47.67
C LYS C 314 -16.85 -19.08 47.60
N VAL C 315 -17.82 -18.28 47.17
CA VAL C 315 -19.18 -18.79 46.97
C VAL C 315 -19.20 -19.70 45.74
N LEU C 316 -18.53 -19.28 44.68
CA LEU C 316 -18.46 -20.08 43.46
C LEU C 316 -17.83 -21.44 43.73
N ASP C 317 -16.80 -21.45 44.58
CA ASP C 317 -16.09 -22.69 44.90
C ASP C 317 -17.01 -23.74 45.50
N LYS C 318 -18.11 -23.31 46.12
CA LYS C 318 -19.03 -24.24 46.78
C LYS C 318 -20.42 -24.28 46.13
N THR C 319 -20.54 -23.78 44.92
CA THR C 319 -21.82 -23.79 44.25
C THR C 319 -21.79 -24.12 42.76
N ALA C 320 -20.72 -23.74 42.08
CA ALA C 320 -20.57 -23.94 40.66
C ALA C 320 -20.18 -25.34 40.32
N SER C 321 -20.59 -25.78 39.14
CA SER C 321 -20.19 -27.03 38.59
C SER C 321 -19.39 -26.83 37.34
N PRO C 322 -18.38 -27.67 37.15
CA PRO C 322 -17.50 -27.55 35.98
C PRO C 322 -18.22 -27.84 34.66
N TRP C 323 -17.90 -27.07 33.62
CA TRP C 323 -18.46 -27.28 32.31
C TRP C 323 -17.89 -28.51 31.65
N THR C 324 -16.74 -28.93 32.10
CA THR C 324 -16.15 -30.15 31.64
C THR C 324 -17.05 -31.32 32.00
N GLU C 325 -17.69 -31.21 33.14
CA GLU C 325 -18.54 -32.26 33.65
C GLU C 325 -19.84 -32.14 32.86
N LYS C 326 -19.75 -32.36 31.57
CA LYS C 326 -20.94 -32.39 30.76
C LYS C 326 -21.14 -33.85 30.33
N THR D 4 13.76 18.61 -25.44
CA THR D 4 13.47 19.99 -25.79
C THR D 4 13.06 20.75 -24.57
N LEU D 5 12.51 21.93 -24.76
CA LEU D 5 12.38 22.87 -23.68
C LEU D 5 11.12 22.83 -22.82
N THR D 6 11.13 23.68 -21.84
CA THR D 6 10.01 23.93 -20.98
C THR D 6 10.00 25.41 -20.79
N GLU D 7 8.96 25.92 -20.17
CA GLU D 7 8.86 27.35 -20.02
C GLU D 7 10.01 27.92 -19.22
N ASN D 8 10.36 27.28 -18.14
CA ASN D 8 11.48 27.72 -17.34
C ASN D 8 12.82 27.51 -18.03
N LYS D 9 12.97 26.39 -18.70
CA LYS D 9 14.18 26.11 -19.38
C LYS D 9 14.42 27.14 -20.50
N ARG D 10 13.36 27.51 -21.18
CA ARG D 10 13.42 28.51 -22.21
C ARG D 10 13.81 29.84 -21.63
N LYS D 11 13.23 30.22 -20.51
CA LYS D 11 13.60 31.44 -19.84
C LYS D 11 15.05 31.43 -19.42
N SER D 12 15.52 30.32 -18.93
CA SER D 12 16.93 30.19 -18.55
C SER D 12 17.83 30.32 -19.78
N MET D 13 17.47 29.64 -20.86
CA MET D 13 18.23 29.72 -22.11
C MET D 13 18.35 31.17 -22.58
N GLU D 14 17.27 31.92 -22.45
CA GLU D 14 17.25 33.32 -22.85
C GLU D 14 18.18 34.15 -21.98
N LYS D 15 18.28 33.79 -20.70
CA LYS D 15 19.15 34.50 -19.77
C LYS D 15 20.62 34.21 -20.02
N LEU D 16 20.89 33.15 -20.79
CA LEU D 16 22.25 32.74 -21.12
C LEU D 16 22.68 33.26 -22.48
N SER D 17 21.78 33.95 -23.19
CA SER D 17 22.02 34.31 -24.58
C SER D 17 21.61 35.75 -24.90
N VAL D 18 22.03 36.20 -26.08
CA VAL D 18 21.58 37.46 -26.66
C VAL D 18 21.12 37.19 -28.08
N ASP D 19 19.86 37.50 -28.38
CA ASP D 19 19.30 37.29 -29.71
C ASP D 19 19.53 35.86 -30.21
N GLY D 20 19.44 34.90 -29.29
CA GLY D 20 19.57 33.50 -29.64
C GLY D 20 20.99 33.00 -29.82
N VAL D 21 21.98 33.84 -29.54
CA VAL D 21 23.38 33.44 -29.62
C VAL D 21 24.00 33.39 -28.23
N ILE D 22 24.67 32.28 -27.95
CA ILE D 22 25.39 32.10 -26.69
C ILE D 22 26.82 32.60 -26.83
N SER D 23 27.09 33.75 -26.24
CA SER D 23 28.44 34.31 -26.23
C SER D 23 28.98 34.21 -24.81
N ALA D 24 29.20 32.97 -24.38
CA ALA D 24 29.47 32.67 -22.98
C ALA D 24 30.95 32.66 -22.68
N LEU D 25 31.30 33.19 -21.51
CA LEU D 25 32.67 33.23 -21.04
C LEU D 25 32.92 32.04 -20.13
N ALA D 26 33.87 31.19 -20.52
CA ALA D 26 34.17 29.98 -19.77
C ALA D 26 35.28 30.22 -18.76
N PHE D 27 34.96 30.15 -17.47
CA PHE D 27 35.99 30.29 -16.44
C PHE D 27 35.74 29.35 -15.26
N ASP D 28 35.51 28.07 -15.55
CA ASP D 28 35.36 27.07 -14.50
C ASP D 28 36.65 26.27 -14.29
N GLN D 29 37.73 26.74 -14.92
CA GLN D 29 39.05 26.13 -14.73
C GLN D 29 39.44 26.14 -13.25
N ARG D 30 39.97 25.02 -12.79
CA ARG D 30 40.37 24.87 -11.39
C ARG D 30 41.84 24.50 -11.30
N GLY D 31 42.15 23.24 -11.61
CA GLY D 31 43.53 22.79 -11.63
C GLY D 31 44.36 23.55 -12.65
N ALA D 32 43.74 23.85 -13.79
CA ALA D 32 44.45 24.53 -14.87
C ALA D 32 44.84 25.95 -14.49
N LEU D 33 43.93 26.65 -13.81
CA LEU D 33 44.19 28.03 -13.40
C LEU D 33 45.27 28.07 -12.33
N LYS D 34 45.21 27.14 -11.40
CA LYS D 34 46.17 27.08 -10.31
C LYS D 34 47.59 26.91 -10.87
N ARG D 35 47.72 26.07 -11.89
CA ARG D 35 49.00 25.84 -12.55
C ARG D 35 49.51 27.12 -13.22
N MET D 36 48.62 27.87 -13.80
CA MET D 36 49.00 29.03 -14.52
C MET D 36 49.64 29.97 -13.58
N MET D 37 49.00 30.11 -12.46
CA MET D 37 49.42 31.10 -11.50
C MET D 37 50.76 30.76 -10.96
N ALA D 38 50.95 29.48 -10.75
CA ALA D 38 52.08 28.96 -9.99
C ALA D 38 53.36 29.34 -10.66
N GLN D 39 53.31 29.43 -11.97
CA GLN D 39 54.46 29.67 -12.79
C GLN D 39 55.12 30.98 -12.41
N HIS D 40 54.33 31.95 -12.03
CA HIS D 40 54.85 33.29 -11.85
C HIS D 40 55.07 33.67 -10.40
N GLN D 41 54.91 32.73 -9.49
CA GLN D 41 55.10 33.02 -8.08
C GLN D 41 55.67 31.79 -7.38
N THR D 42 56.42 32.03 -6.32
CA THR D 42 56.98 30.95 -5.54
C THR D 42 55.97 30.20 -4.67
N LYS D 43 55.12 30.95 -3.98
CA LYS D 43 54.23 30.39 -2.97
C LYS D 43 53.08 29.63 -3.60
N GLU D 44 52.44 28.77 -2.82
CA GLU D 44 51.27 28.04 -3.29
C GLU D 44 50.22 29.04 -3.61
N PRO D 45 49.63 28.95 -4.79
CA PRO D 45 48.53 29.85 -5.12
C PRO D 45 47.42 29.56 -4.12
N THR D 46 46.87 30.62 -3.53
CA THR D 46 45.90 30.45 -2.48
C THR D 46 44.46 30.44 -2.95
N VAL D 47 43.58 29.85 -2.16
CA VAL D 47 42.15 29.91 -2.48
C VAL D 47 41.75 31.36 -2.67
N GLU D 48 42.33 32.24 -1.86
CA GLU D 48 42.05 33.66 -1.92
C GLU D 48 42.43 34.23 -3.28
N GLN D 49 43.64 33.90 -3.73
CA GLN D 49 44.14 34.37 -5.01
C GLN D 49 43.31 33.85 -6.18
N ILE D 50 42.98 32.56 -6.12
CA ILE D 50 42.17 31.93 -7.16
C ILE D 50 40.79 32.58 -7.25
N GLU D 51 40.16 32.77 -6.09
CA GLU D 51 38.81 33.31 -6.07
C GLU D 51 38.78 34.77 -6.51
N GLU D 52 39.81 35.54 -6.15
CA GLU D 52 39.85 36.95 -6.50
C GLU D 52 39.96 37.17 -8.00
N LEU D 53 40.80 36.36 -8.66
CA LEU D 53 41.02 36.53 -10.09
C LEU D 53 39.75 36.21 -10.87
N LYS D 54 39.03 35.19 -10.41
CA LYS D 54 37.75 34.85 -11.02
C LYS D 54 36.76 35.99 -10.85
N SER D 55 36.82 36.66 -9.69
CA SER D 55 35.92 37.77 -9.42
C SER D 55 36.27 38.99 -10.29
N LEU D 56 37.56 39.27 -10.46
CA LEU D 56 37.98 40.38 -11.31
C LEU D 56 37.56 40.16 -12.75
N VAL D 57 37.77 38.95 -13.25
CA VAL D 57 37.37 38.61 -14.62
C VAL D 57 35.86 38.71 -14.78
N SER D 58 35.13 38.19 -13.80
CA SER D 58 33.69 38.23 -13.82
C SER D 58 33.20 39.69 -13.88
N GLU D 59 33.70 40.52 -12.98
CA GLU D 59 33.25 41.91 -12.89
C GLU D 59 33.51 42.70 -14.17
N GLU D 60 34.69 42.51 -14.76
CA GLU D 60 35.14 43.38 -15.84
C GLU D 60 34.69 42.91 -17.23
N LEU D 61 34.54 41.61 -17.42
CA LEU D 61 34.24 41.07 -18.75
C LEU D 61 32.80 40.59 -18.97
N THR D 62 32.07 40.26 -17.90
CA THR D 62 30.71 39.77 -18.08
C THR D 62 29.74 40.84 -18.61
N PRO D 63 30.09 42.14 -18.51
CA PRO D 63 29.24 43.10 -19.22
C PRO D 63 29.21 42.89 -20.73
N PHE D 64 30.16 42.12 -21.26
CA PHE D 64 30.29 41.94 -22.70
C PHE D 64 30.06 40.49 -23.13
N ALA D 65 29.54 39.70 -22.19
CA ALA D 65 29.24 38.29 -22.43
C ALA D 65 27.80 38.02 -22.08
N SER D 66 27.17 37.07 -22.77
CA SER D 66 25.77 36.76 -22.53
C SER D 66 25.60 35.96 -21.25
N SER D 67 26.67 35.28 -20.86
CA SER D 67 26.70 34.53 -19.61
C SER D 67 28.12 34.16 -19.25
N ILE D 68 28.30 33.59 -18.06
CA ILE D 68 29.59 33.13 -17.61
C ILE D 68 29.46 31.76 -16.96
N LEU D 69 30.39 30.87 -17.31
CA LEU D 69 30.45 29.55 -16.71
C LEU D 69 31.49 29.55 -15.59
N LEU D 70 31.07 29.15 -14.39
CA LEU D 70 31.95 29.12 -13.23
C LEU D 70 31.91 27.77 -12.54
N ASP D 71 32.86 27.54 -11.66
CA ASP D 71 32.93 26.31 -10.87
C ASP D 71 32.41 26.59 -9.46
N PRO D 72 31.70 25.62 -8.85
CA PRO D 72 31.24 25.84 -7.48
C PRO D 72 32.37 25.93 -6.46
N GLU D 73 33.53 25.36 -6.77
CA GLU D 73 34.63 25.32 -5.81
C GLU D 73 35.21 26.70 -5.53
N TYR D 74 35.56 27.43 -6.60
CA TYR D 74 36.21 28.74 -6.47
C TYR D 74 35.34 29.90 -6.95
N GLY D 75 34.30 29.60 -7.74
CA GLY D 75 33.64 30.62 -8.53
C GLY D 75 32.36 31.23 -7.99
N LEU D 76 31.95 30.87 -6.78
CA LEU D 76 30.67 31.36 -6.29
C LEU D 76 30.74 32.85 -5.94
N PRO D 77 31.81 33.29 -5.26
CA PRO D 77 31.92 34.75 -5.09
C PRO D 77 31.92 35.49 -6.42
N ALA D 78 32.66 34.97 -7.40
CA ALA D 78 32.70 35.58 -8.73
C ALA D 78 31.32 35.62 -9.38
N SER D 79 30.50 34.60 -9.13
CA SER D 79 29.19 34.52 -9.76
C SER D 79 28.28 35.64 -9.28
N ARG D 80 28.45 36.06 -8.03
CA ARG D 80 27.59 37.07 -7.43
C ARG D 80 27.94 38.49 -7.86
N VAL D 81 29.15 38.68 -8.40
CA VAL D 81 29.57 40.00 -8.86
C VAL D 81 29.59 40.09 -10.39
N ARG D 82 28.94 39.15 -11.05
CA ARG D 82 28.81 39.21 -12.51
C ARG D 82 27.83 40.30 -12.89
N SER D 83 27.91 40.76 -14.13
CA SER D 83 27.01 41.77 -14.65
C SER D 83 25.56 41.27 -14.58
N GLU D 84 24.62 42.18 -14.33
CA GLU D 84 23.22 41.81 -14.19
C GLU D 84 22.62 41.38 -15.53
N GLU D 85 23.31 41.68 -16.63
CA GLU D 85 22.89 41.27 -17.96
C GLU D 85 23.48 39.93 -18.39
N ALA D 86 24.31 39.33 -17.53
CA ALA D 86 24.94 38.04 -17.85
C ALA D 86 24.34 36.89 -17.04
N GLY D 87 24.02 35.80 -17.72
CA GLY D 87 23.53 34.61 -17.07
C GLY D 87 24.66 33.80 -16.45
N LEU D 88 24.31 32.72 -15.77
CA LEU D 88 25.29 31.90 -15.06
C LEU D 88 25.12 30.41 -15.35
N LEU D 89 26.24 29.76 -15.68
CA LEU D 89 26.30 28.30 -15.72
C LEU D 89 27.27 27.83 -14.65
N LEU D 90 26.97 26.70 -14.02
CA LEU D 90 27.87 26.12 -13.02
C LEU D 90 28.28 24.70 -13.43
N ALA D 91 29.57 24.42 -13.30
CA ALA D 91 30.11 23.10 -13.61
C ALA D 91 29.75 22.09 -12.52
N TYR D 92 29.52 20.85 -12.95
CA TYR D 92 29.00 19.80 -12.07
C TYR D 92 30.02 18.66 -11.96
N GLU D 93 31.00 18.62 -12.86
CA GLU D 93 31.97 17.53 -12.88
C GLU D 93 33.23 17.83 -12.09
N LYS D 94 33.83 16.77 -11.55
CA LYS D 94 35.18 16.83 -11.03
C LYS D 94 36.15 17.03 -12.20
N THR D 95 37.23 17.76 -11.97
N THR D 95 37.24 17.75 -11.97
CA THR D 95 38.18 18.06 -13.04
CA THR D 95 38.17 18.10 -13.03
C THR D 95 39.09 16.89 -13.38
C THR D 95 39.16 16.97 -13.35
N GLY D 96 39.59 16.91 -14.62
CA GLY D 96 40.63 16.00 -15.02
C GLY D 96 40.21 14.57 -15.22
N TYR D 97 41.18 13.67 -15.26
CA TYR D 97 40.93 12.25 -15.37
C TYR D 97 42.11 11.46 -14.86
N ASP D 98 41.85 10.20 -14.52
CA ASP D 98 42.89 9.29 -14.07
C ASP D 98 43.78 8.90 -15.24
N ALA D 99 45.03 9.35 -15.21
CA ALA D 99 45.95 9.14 -16.32
C ALA D 99 46.52 7.73 -16.34
N THR D 100 46.23 6.95 -15.31
CA THR D 100 46.75 5.59 -15.19
C THR D 100 45.90 4.57 -15.95
N THR D 101 44.69 4.99 -16.34
CA THR D 101 43.81 4.14 -17.13
C THR D 101 43.25 4.91 -18.32
N THR D 102 42.58 4.20 -19.22
CA THR D 102 42.03 4.80 -20.44
C THR D 102 40.53 5.11 -20.34
N SER D 103 39.92 4.80 -19.20
CA SER D 103 38.46 4.86 -19.10
C SER D 103 37.92 6.29 -18.94
N ARG D 104 38.67 7.15 -18.27
CA ARG D 104 38.27 8.55 -18.06
C ARG D 104 36.80 8.67 -17.63
N LEU D 105 36.43 7.95 -16.58
CA LEU D 105 35.03 7.90 -16.16
C LEU D 105 34.59 9.22 -15.52
N PRO D 106 33.32 9.61 -15.74
CA PRO D 106 32.79 10.86 -15.20
C PRO D 106 32.45 10.76 -13.71
N ASP D 107 32.53 11.87 -13.00
CA ASP D 107 32.24 11.88 -11.58
C ASP D 107 31.77 13.28 -11.17
N CYS D 108 30.56 13.36 -10.66
CA CYS D 108 29.99 14.62 -10.17
C CYS D 108 30.71 15.09 -8.91
N LEU D 109 30.77 16.41 -8.72
CA LEU D 109 31.28 16.98 -7.48
C LEU D 109 30.55 16.39 -6.27
N ASP D 110 31.30 16.01 -5.23
CA ASP D 110 30.78 15.24 -4.10
C ASP D 110 29.57 15.84 -3.38
N VAL D 111 29.56 17.15 -3.11
CA VAL D 111 28.46 17.74 -2.33
C VAL D 111 27.52 18.58 -3.18
N TRP D 112 27.46 18.28 -4.48
CA TRP D 112 26.57 18.99 -5.38
C TRP D 112 25.56 18.08 -6.03
N SER D 113 24.48 18.69 -6.50
CA SER D 113 23.39 18.02 -7.20
C SER D 113 22.81 19.07 -8.13
N ALA D 114 22.02 18.66 -9.11
CA ALA D 114 21.41 19.63 -10.03
C ALA D 114 20.57 20.61 -9.23
N LYS D 115 19.89 20.10 -8.20
CA LYS D 115 19.08 20.94 -7.34
C LYS D 115 19.92 22.03 -6.67
N ARG D 116 21.08 21.64 -6.13
CA ARG D 116 21.96 22.60 -5.46
C ARG D 116 22.56 23.60 -6.43
N ILE D 117 22.81 23.16 -7.66
CA ILE D 117 23.32 24.07 -8.69
C ILE D 117 22.27 25.13 -8.98
N LYS D 118 21.01 24.69 -9.13
CA LYS D 118 19.92 25.63 -9.33
C LYS D 118 19.76 26.57 -8.15
N GLU D 119 19.89 26.03 -6.95
CA GLU D 119 19.76 26.83 -5.73
C GLU D 119 20.88 27.85 -5.60
N ALA D 120 22.02 27.61 -6.24
CA ALA D 120 23.15 28.53 -6.19
C ALA D 120 23.01 29.65 -7.23
N GLY D 121 21.90 29.64 -7.98
CA GLY D 121 21.59 30.72 -8.89
C GLY D 121 21.86 30.43 -10.35
N ALA D 122 22.30 29.21 -10.67
CA ALA D 122 22.64 28.85 -12.04
C ALA D 122 21.41 28.78 -12.93
N GLU D 123 21.57 29.19 -14.19
CA GLU D 123 20.55 29.00 -15.21
C GLU D 123 20.91 27.84 -16.11
N ALA D 124 22.01 27.15 -15.80
CA ALA D 124 22.36 25.93 -16.52
C ALA D 124 23.31 25.07 -15.69
N VAL D 125 23.14 23.76 -15.84
CA VAL D 125 24.06 22.77 -15.32
C VAL D 125 25.01 22.37 -16.45
N LYS D 126 26.30 22.52 -16.20
CA LYS D 126 27.31 22.14 -17.19
C LYS D 126 28.03 20.89 -16.71
N PHE D 127 28.20 19.91 -17.60
CA PHE D 127 28.96 18.70 -17.26
C PHE D 127 29.90 18.31 -18.39
N LEU D 128 31.15 18.05 -18.04
N LEU D 128 31.14 18.03 -18.03
CA LEU D 128 32.16 17.60 -19.00
CA LEU D 128 32.16 17.62 -19.00
C LEU D 128 32.25 16.08 -19.00
C LEU D 128 32.30 16.09 -19.02
N LEU D 129 32.15 15.50 -20.20
CA LEU D 129 32.32 14.06 -20.39
C LEU D 129 33.43 13.79 -21.41
N TYR D 130 34.38 12.94 -21.03
CA TYR D 130 35.35 12.40 -21.96
C TYR D 130 34.76 11.17 -22.66
N TYR D 131 34.75 11.16 -23.98
CA TYR D 131 34.13 10.06 -24.72
C TYR D 131 34.92 9.61 -25.95
N ASP D 132 35.23 8.32 -25.98
CA ASP D 132 35.79 7.66 -27.15
C ASP D 132 34.75 6.71 -27.71
N ILE D 133 34.07 7.15 -28.77
CA ILE D 133 33.03 6.37 -29.43
C ILE D 133 33.51 4.95 -29.76
N ASP D 134 34.82 4.80 -29.99
CA ASP D 134 35.40 3.52 -30.39
C ASP D 134 35.96 2.74 -29.21
N GLY D 135 35.83 3.29 -28.00
CA GLY D 135 36.44 2.69 -26.83
C GLY D 135 35.69 1.49 -26.26
N ASP D 136 36.11 1.06 -25.08
CA ASP D 136 35.53 -0.12 -24.42
C ASP D 136 34.02 0.03 -24.26
N GLN D 137 33.27 -1.00 -24.66
CA GLN D 137 31.81 -0.90 -24.69
C GLN D 137 31.20 -0.82 -23.29
N ASP D 138 31.80 -1.51 -22.32
CA ASP D 138 31.29 -1.49 -20.96
C ASP D 138 31.55 -0.13 -20.31
N VAL D 139 32.69 0.46 -20.63
CA VAL D 139 33.00 1.81 -20.15
C VAL D 139 31.96 2.79 -20.67
N ASN D 140 31.63 2.70 -21.95
CA ASN D 140 30.70 3.64 -22.56
C ASN D 140 29.27 3.43 -22.06
N GLU D 141 28.95 2.19 -21.70
CA GLU D 141 27.66 1.91 -21.10
C GLU D 141 27.53 2.61 -19.75
N GLN D 142 28.59 2.53 -18.95
CA GLN D 142 28.64 3.23 -17.67
C GLN D 142 28.54 4.74 -17.87
N LYS D 143 29.20 5.26 -18.91
CA LYS D 143 29.14 6.68 -19.19
C LYS D 143 27.74 7.10 -19.61
N LYS D 144 27.12 6.32 -20.49
CA LYS D 144 25.79 6.65 -20.96
C LYS D 144 24.79 6.62 -19.80
N ALA D 145 24.89 5.63 -18.93
CA ALA D 145 24.03 5.56 -17.76
C ALA D 145 24.23 6.81 -16.89
N TYR D 146 25.47 7.24 -16.73
CA TYR D 146 25.77 8.40 -15.90
C TYR D 146 25.12 9.67 -16.46
N ILE D 147 25.18 9.86 -17.78
CA ILE D 147 24.58 11.05 -18.38
C ILE D 147 23.06 11.01 -18.33
N GLU D 148 22.48 9.83 -18.47
CA GLU D 148 21.04 9.66 -18.29
C GLU D 148 20.59 10.18 -16.92
N ARG D 149 21.36 9.86 -15.88
CA ARG D 149 21.04 10.31 -14.53
C ARG D 149 21.02 11.82 -14.44
N ILE D 150 22.06 12.45 -14.98
CA ILE D 150 22.19 13.90 -14.93
C ILE D 150 21.10 14.56 -15.76
N GLY D 151 20.82 14.00 -16.93
CA GLY D 151 19.75 14.49 -17.77
C GLY D 151 18.41 14.43 -17.05
N SER D 152 18.19 13.36 -16.28
CA SER D 152 16.94 13.20 -15.54
C SER D 152 16.85 14.22 -14.42
N GLU D 153 17.93 14.39 -13.67
CA GLU D 153 18.04 15.45 -12.64
C GLU D 153 17.63 16.80 -13.17
N CYS D 154 18.22 17.18 -14.31
CA CYS D 154 18.01 18.51 -14.86
C CYS D 154 16.59 18.68 -15.36
N ARG D 155 15.98 17.59 -15.83
CA ARG D 155 14.58 17.63 -16.21
C ARG D 155 13.72 17.92 -14.98
N ALA D 156 14.02 17.24 -13.88
CA ALA D 156 13.22 17.37 -12.66
C ALA D 156 13.36 18.75 -12.02
N GLU D 157 14.59 19.26 -12.03
CA GLU D 157 14.88 20.58 -11.47
C GLU D 157 14.56 21.69 -12.48
N ASP D 158 14.22 21.28 -13.70
CA ASP D 158 13.78 22.21 -14.73
C ASP D 158 14.86 23.25 -15.06
N ILE D 159 16.08 22.77 -15.30
CA ILE D 159 17.23 23.63 -15.57
C ILE D 159 17.96 23.08 -16.79
N PRO D 160 18.37 23.96 -17.72
CA PRO D 160 19.06 23.48 -18.93
C PRO D 160 20.30 22.65 -18.62
N PHE D 161 20.47 21.56 -19.38
CA PHE D 161 21.61 20.67 -19.26
C PHE D 161 22.57 20.95 -20.43
N TYR D 162 23.70 21.57 -20.13
CA TYR D 162 24.77 21.76 -21.11
C TYR D 162 25.79 20.63 -20.97
N LEU D 163 25.87 19.77 -21.97
CA LEU D 163 26.83 18.67 -21.95
C LEU D 163 28.04 19.03 -22.80
N GLN D 164 29.20 19.08 -22.16
CA GLN D 164 30.46 19.25 -22.88
C GLN D 164 31.06 17.89 -23.19
N ILE D 165 31.43 17.66 -24.45
CA ILE D 165 32.09 16.43 -24.83
C ILE D 165 33.51 16.71 -25.31
N LEU D 166 34.48 16.07 -24.67
CA LEU D 166 35.86 16.08 -25.14
C LEU D 166 36.18 14.67 -25.63
N THR D 167 36.62 14.57 -26.87
CA THR D 167 36.88 13.27 -27.46
C THR D 167 38.33 12.85 -27.26
N TYR D 168 38.56 11.55 -27.32
CA TYR D 168 39.90 11.01 -27.22
C TYR D 168 39.92 9.60 -27.78
N ASP D 169 41.10 9.03 -27.86
CA ASP D 169 41.27 7.65 -28.27
C ASP D 169 42.07 6.92 -27.21
N GLU D 170 41.55 5.78 -26.76
CA GLU D 170 42.20 5.01 -25.70
C GLU D 170 43.64 4.65 -26.06
N LYS D 171 43.92 4.57 -27.37
CA LYS D 171 45.23 4.10 -27.85
C LYS D 171 46.03 5.18 -28.58
N ILE D 172 45.59 6.43 -28.52
CA ILE D 172 46.37 7.54 -29.07
C ILE D 172 46.66 8.55 -27.97
N ALA D 173 47.94 8.71 -27.65
CA ALA D 173 48.35 9.51 -26.49
C ALA D 173 48.08 11.00 -26.66
N ASP D 174 48.38 11.53 -27.85
CA ASP D 174 48.35 12.97 -28.07
C ASP D 174 47.20 13.39 -28.99
N ASN D 175 46.28 14.19 -28.44
CA ASN D 175 45.14 14.70 -29.19
C ASN D 175 45.55 15.66 -30.30
N ALA D 176 46.76 16.21 -30.20
CA ALA D 176 47.25 17.17 -31.18
C ALA D 176 48.04 16.49 -32.30
N SER D 177 48.15 15.17 -32.22
CA SER D 177 48.95 14.42 -33.20
C SER D 177 48.23 14.27 -34.53
N PRO D 178 48.99 14.04 -35.62
CA PRO D 178 48.34 13.77 -36.90
C PRO D 178 47.49 12.51 -36.87
N GLU D 179 47.91 11.51 -36.10
CA GLU D 179 47.17 10.26 -35.99
C GLU D 179 45.76 10.51 -35.45
N PHE D 180 45.63 11.37 -34.45
CA PHE D 180 44.33 11.66 -33.88
C PHE D 180 43.52 12.56 -34.82
N ALA D 181 44.22 13.48 -35.50
CA ALA D 181 43.58 14.41 -36.41
C ALA D 181 42.76 13.68 -37.46
N LYS D 182 43.27 12.53 -37.90
CA LYS D 182 42.64 11.76 -38.97
C LYS D 182 41.29 11.17 -38.56
N VAL D 183 41.11 10.93 -37.26
CA VAL D 183 39.86 10.32 -36.77
C VAL D 183 39.01 11.29 -35.96
N LYS D 184 39.47 12.52 -35.77
CA LYS D 184 38.76 13.46 -34.91
C LYS D 184 37.33 13.70 -35.37
N ALA D 185 37.13 13.84 -36.68
CA ALA D 185 35.79 14.08 -37.22
C ALA D 185 34.85 12.95 -36.79
N HIS D 186 35.33 11.72 -36.92
CA HIS D 186 34.58 10.54 -36.49
C HIS D 186 34.28 10.56 -34.99
N LYS D 187 35.29 10.87 -34.18
CA LYS D 187 35.12 10.91 -32.73
C LYS D 187 34.07 11.93 -32.29
N VAL D 188 34.15 13.12 -32.87
CA VAL D 188 33.30 14.23 -32.44
C VAL D 188 31.88 14.04 -32.93
N ASN D 189 31.72 13.83 -34.23
CA ASN D 189 30.40 13.75 -34.83
C ASN D 189 29.58 12.56 -34.33
N GLU D 190 30.23 11.42 -34.14
CA GLU D 190 29.51 10.23 -33.68
C GLU D 190 29.11 10.35 -32.21
N ALA D 191 29.97 10.97 -31.40
CA ALA D 191 29.64 11.21 -30.00
C ALA D 191 28.44 12.15 -29.88
N MET D 192 28.39 13.14 -30.76
CA MET D 192 27.25 14.06 -30.80
C MET D 192 25.96 13.32 -31.16
N LYS D 193 26.05 12.38 -32.09
CA LYS D 193 24.88 11.59 -32.47
C LYS D 193 24.35 10.79 -31.27
N VAL D 194 25.26 10.19 -30.51
CA VAL D 194 24.86 9.38 -29.36
C VAL D 194 24.13 10.24 -28.33
N PHE D 195 24.72 11.36 -27.94
CA PHE D 195 24.20 12.13 -26.82
C PHE D 195 23.17 13.17 -27.23
N SER D 196 22.80 13.14 -28.51
CA SER D 196 21.65 13.90 -29.02
C SER D 196 20.37 13.08 -28.87
N LYS D 197 20.51 11.81 -28.52
CA LYS D 197 19.34 10.95 -28.30
C LYS D 197 18.55 11.46 -27.11
N GLU D 198 17.22 11.42 -27.24
CA GLU D 198 16.32 11.98 -26.24
C GLU D 198 16.59 11.51 -24.81
N ARG D 199 16.98 10.25 -24.64
CA ARG D 199 17.12 9.67 -23.31
C ARG D 199 18.19 10.35 -22.44
N PHE D 200 19.06 11.17 -23.05
CA PHE D 200 20.14 11.78 -22.28
C PHE D 200 19.78 13.17 -21.79
N GLY D 201 18.67 13.72 -22.29
CA GLY D 201 18.12 14.95 -21.76
C GLY D 201 18.98 16.19 -21.97
N VAL D 202 19.83 16.18 -22.99
CA VAL D 202 20.71 17.31 -23.25
C VAL D 202 19.97 18.47 -23.91
N ASP D 203 20.28 19.70 -23.49
CA ASP D 203 19.68 20.90 -24.08
C ASP D 203 20.65 21.62 -25.01
N VAL D 204 21.92 21.67 -24.62
CA VAL D 204 22.96 22.26 -25.46
C VAL D 204 24.21 21.40 -25.40
N LEU D 205 24.80 21.15 -26.56
CA LEU D 205 26.09 20.46 -26.64
C LEU D 205 27.22 21.48 -26.76
N LYS D 206 28.21 21.37 -25.86
CA LYS D 206 29.44 22.13 -25.98
C LYS D 206 30.47 21.18 -26.58
N VAL D 207 30.92 21.48 -27.80
CA VAL D 207 31.74 20.52 -28.53
C VAL D 207 32.95 21.14 -29.23
N GLU D 208 33.88 20.27 -29.59
CA GLU D 208 35.05 20.66 -30.39
C GLU D 208 34.63 20.86 -31.83
N VAL D 209 35.35 21.70 -32.56
CA VAL D 209 35.23 21.70 -34.01
C VAL D 209 35.72 20.32 -34.46
N PRO D 210 35.10 19.76 -35.51
CA PRO D 210 35.34 18.35 -35.89
C PRO D 210 36.64 18.14 -36.70
N VAL D 211 37.54 19.10 -36.65
CA VAL D 211 38.79 19.00 -37.40
C VAL D 211 39.88 19.75 -36.64
N ASN D 212 41.11 19.29 -36.78
CA ASN D 212 42.27 20.03 -36.31
C ASN D 212 42.72 20.95 -37.43
N MET D 213 42.45 22.24 -37.28
CA MET D 213 42.68 23.20 -38.34
C MET D 213 44.17 23.34 -38.69
N LYS D 214 45.04 22.88 -37.79
CA LYS D 214 46.48 22.95 -38.04
C LYS D 214 46.97 21.98 -39.10
N PHE D 215 46.08 21.12 -39.59
CA PHE D 215 46.41 20.15 -40.63
C PHE D 215 45.56 20.35 -41.88
N VAL D 216 44.83 21.46 -41.92
CA VAL D 216 43.98 21.78 -43.07
C VAL D 216 44.70 22.76 -43.99
N GLU D 217 44.57 22.54 -45.30
CA GLU D 217 45.18 23.39 -46.31
C GLU D 217 44.81 24.86 -46.09
N GLY D 218 45.82 25.72 -46.05
CA GLY D 218 45.61 27.14 -45.86
C GLY D 218 45.78 27.56 -44.41
N PHE D 219 45.63 26.60 -43.50
CA PHE D 219 45.75 26.86 -42.06
C PHE D 219 46.93 26.11 -41.45
N ALA D 220 47.55 25.24 -42.24
CA ALA D 220 48.67 24.44 -41.78
C ALA D 220 50.01 25.08 -42.16
N ASP D 221 50.97 25.00 -41.24
CA ASP D 221 52.33 25.47 -41.50
C ASP D 221 53.29 24.29 -41.65
N GLY D 222 52.79 23.10 -41.36
CA GLY D 222 53.57 21.88 -41.51
C GLY D 222 52.84 20.87 -42.38
N GLU D 223 52.85 19.61 -41.94
CA GLU D 223 52.17 18.53 -42.64
C GLU D 223 50.71 18.87 -42.90
N VAL D 224 50.24 18.59 -44.11
CA VAL D 224 48.85 18.84 -44.48
C VAL D 224 48.12 17.51 -44.65
N LEU D 225 46.95 17.40 -44.02
CA LEU D 225 46.17 16.18 -44.02
C LEU D 225 44.85 16.33 -44.78
N PHE D 226 44.31 17.54 -44.82
CA PHE D 226 42.98 17.76 -45.39
C PHE D 226 42.92 18.98 -46.29
N THR D 227 42.11 18.89 -47.33
CA THR D 227 41.80 20.03 -48.17
C THR D 227 40.77 20.91 -47.47
N LYS D 228 40.62 22.15 -47.94
CA LYS D 228 39.58 23.04 -47.43
C LYS D 228 38.21 22.38 -47.57
N GLU D 229 37.96 21.75 -48.70
CA GLU D 229 36.65 21.14 -48.97
C GLU D 229 36.37 19.99 -48.00
N GLU D 230 37.38 19.17 -47.74
CA GLU D 230 37.24 18.06 -46.81
C GLU D 230 36.95 18.57 -45.41
N ALA D 231 37.67 19.62 -45.00
CA ALA D 231 37.44 20.25 -43.71
C ALA D 231 36.03 20.82 -43.64
N ALA D 232 35.62 21.52 -44.69
CA ALA D 232 34.29 22.10 -44.79
C ALA D 232 33.23 21.02 -44.61
N GLN D 233 33.47 19.86 -45.21
CA GLN D 233 32.51 18.75 -45.16
C GLN D 233 32.36 18.22 -43.74
N ALA D 234 33.45 18.24 -42.97
CA ALA D 234 33.40 17.77 -41.59
C ALA D 234 32.49 18.66 -40.76
N PHE D 235 32.52 19.96 -41.04
CA PHE D 235 31.66 20.90 -40.36
C PHE D 235 30.20 20.65 -40.71
N ARG D 236 29.93 20.32 -41.98
CA ARG D 236 28.57 20.00 -42.40
C ARG D 236 28.13 18.65 -41.80
N ASP D 237 29.06 17.71 -41.68
CA ASP D 237 28.75 16.42 -41.08
C ASP D 237 28.41 16.61 -39.60
N GLN D 238 29.08 17.56 -38.96
CA GLN D 238 28.79 17.89 -37.58
C GLN D 238 27.41 18.50 -37.44
N GLU D 239 27.09 19.44 -38.33
CA GLU D 239 25.78 20.08 -38.35
C GLU D 239 24.66 19.04 -38.49
N ALA D 240 24.93 17.99 -39.26
CA ALA D 240 23.94 16.96 -39.53
C ALA D 240 23.89 15.91 -38.41
N SER D 241 24.81 15.98 -37.47
CA SER D 241 24.91 14.96 -36.43
C SER D 241 23.97 15.21 -35.24
N THR D 242 23.38 16.40 -35.17
CA THR D 242 22.51 16.75 -34.05
C THR D 242 21.44 17.75 -34.44
N ASP D 243 20.27 17.63 -33.81
CA ASP D 243 19.21 18.62 -33.95
C ASP D 243 19.24 19.62 -32.79
N LEU D 244 20.14 19.40 -31.84
CA LEU D 244 20.28 20.27 -30.68
C LEU D 244 21.07 21.53 -30.99
N PRO D 245 20.85 22.60 -30.22
CA PRO D 245 21.81 23.70 -30.29
C PRO D 245 23.19 23.22 -29.90
N TYR D 246 24.23 23.71 -30.54
CA TYR D 246 25.59 23.39 -30.12
C TYR D 246 26.49 24.61 -30.22
N ILE D 247 27.48 24.65 -29.35
CA ILE D 247 28.41 25.76 -29.25
C ILE D 247 29.83 25.21 -29.21
N TYR D 248 30.77 25.99 -29.73
CA TYR D 248 32.15 25.53 -29.82
C TYR D 248 32.97 25.91 -28.59
N LEU D 249 33.87 25.02 -28.22
CA LEU D 249 34.91 25.32 -27.24
C LEU D 249 36.22 25.56 -27.98
N SER D 250 37.07 26.40 -27.41
N SER D 250 37.06 26.41 -27.43
CA SER D 250 38.42 26.62 -27.94
CA SER D 250 38.41 26.60 -27.97
C SER D 250 39.39 25.67 -27.26
C SER D 250 39.35 25.65 -27.26
N ALA D 251 39.97 24.75 -28.02
CA ALA D 251 40.82 23.72 -27.46
C ALA D 251 42.29 24.15 -27.39
N GLY D 252 43.08 23.71 -28.36
CA GLY D 252 44.51 24.01 -28.37
C GLY D 252 44.86 25.00 -29.46
N VAL D 253 44.12 26.11 -29.51
CA VAL D 253 44.35 27.13 -30.53
C VAL D 253 44.41 28.54 -29.92
N SER D 254 45.02 29.45 -30.68
CA SER D 254 45.07 30.86 -30.31
C SER D 254 43.73 31.53 -30.56
N ALA D 255 43.53 32.70 -29.97
CA ALA D 255 42.32 33.48 -30.20
C ALA D 255 42.11 33.72 -31.69
N LYS D 256 43.19 34.07 -32.38
CA LYS D 256 43.09 34.37 -33.81
C LYS D 256 42.66 33.13 -34.61
N LEU D 257 43.28 31.99 -34.33
CA LEU D 257 42.96 30.77 -35.06
C LEU D 257 41.53 30.31 -34.74
N PHE D 258 41.14 30.47 -33.49
CA PHE D 258 39.77 30.11 -33.10
C PHE D 258 38.78 30.99 -33.87
N GLN D 259 39.03 32.29 -33.89
CA GLN D 259 38.16 33.23 -34.57
C GLN D 259 38.11 32.99 -36.08
N ASP D 260 39.25 32.67 -36.67
CA ASP D 260 39.30 32.32 -38.10
C ASP D 260 38.54 31.02 -38.37
N THR D 261 38.52 30.13 -37.37
CA THR D 261 37.84 28.85 -37.50
C THR D 261 36.33 29.04 -37.47
N LEU D 262 35.86 29.97 -36.66
CA LEU D 262 34.45 30.32 -36.63
C LEU D 262 34.01 30.84 -37.99
N VAL D 263 34.85 31.66 -38.60
CA VAL D 263 34.59 32.18 -39.93
C VAL D 263 34.51 31.03 -40.93
N PHE D 264 35.48 30.11 -40.84
CA PHE D 264 35.50 28.95 -41.73
C PHE D 264 34.27 28.08 -41.50
N ALA D 265 33.90 27.91 -40.23
CA ALA D 265 32.74 27.10 -39.88
C ALA D 265 31.48 27.64 -40.54
N ALA D 266 31.25 28.93 -40.41
CA ALA D 266 30.08 29.58 -41.00
C ALA D 266 30.11 29.48 -42.53
N GLU D 267 31.28 29.74 -43.12
CA GLU D 267 31.43 29.65 -44.57
C GLU D 267 31.12 28.24 -45.06
N SER D 268 31.45 27.24 -44.25
CA SER D 268 31.28 25.84 -44.61
C SER D 268 29.83 25.36 -44.48
N GLY D 269 29.03 26.10 -43.71
CA GLY D 269 27.61 25.79 -43.56
C GLY D 269 27.22 25.30 -42.19
N ALA D 270 28.14 25.44 -41.23
CA ALA D 270 27.83 25.09 -39.84
C ALA D 270 26.87 26.11 -39.27
N LYS D 271 25.81 25.63 -38.62
CA LYS D 271 24.85 26.51 -37.96
C LYS D 271 25.05 26.43 -36.46
N PHE D 272 26.27 26.69 -36.02
CA PHE D 272 26.59 26.67 -34.59
C PHE D 272 25.97 27.89 -33.93
N ASN D 273 25.68 27.78 -32.63
CA ASN D 273 24.84 28.74 -31.94
C ASN D 273 25.58 29.57 -30.92
N GLY D 274 26.90 29.62 -31.04
CA GLY D 274 27.71 30.42 -30.14
C GLY D 274 28.93 29.66 -29.64
N VAL D 275 29.47 30.14 -28.52
CA VAL D 275 30.71 29.61 -27.98
C VAL D 275 30.69 29.60 -26.45
N LEU D 276 31.43 28.65 -25.88
CA LEU D 276 31.80 28.71 -24.47
C LEU D 276 33.31 28.72 -24.44
N CYS D 277 33.87 29.93 -24.60
CA CYS D 277 35.31 30.12 -24.74
C CYS D 277 35.85 30.91 -23.56
N GLY D 278 37.08 30.64 -23.18
CA GLY D 278 37.65 31.23 -21.97
C GLY D 278 39.09 31.70 -22.06
N ARG D 279 40.02 30.76 -22.03
CA ARG D 279 41.43 31.04 -21.77
C ARG D 279 41.99 32.23 -22.53
N ALA D 280 41.79 32.24 -23.84
CA ALA D 280 42.38 33.26 -24.71
C ALA D 280 42.04 34.68 -24.27
N THR D 281 40.84 34.86 -23.74
CA THR D 281 40.35 36.19 -23.40
C THR D 281 40.97 36.73 -22.10
N TRP D 282 41.15 35.87 -21.10
CA TRP D 282 41.58 36.30 -19.77
C TRP D 282 42.95 35.76 -19.33
N ALA D 283 43.59 34.95 -20.17
CA ALA D 283 44.87 34.34 -19.80
C ALA D 283 45.92 35.40 -19.41
N GLY D 284 46.03 36.45 -20.21
CA GLY D 284 47.02 37.49 -19.96
C GLY D 284 46.87 38.17 -18.62
N SER D 285 45.66 38.16 -18.08
CA SER D 285 45.39 38.77 -16.78
C SER D 285 46.11 38.02 -15.67
N VAL D 286 46.37 36.73 -15.89
CA VAL D 286 46.94 35.87 -14.86
C VAL D 286 48.33 36.37 -14.45
N LYS D 287 49.21 36.56 -15.42
CA LYS D 287 50.55 37.03 -15.13
C LYS D 287 50.51 38.41 -14.47
N VAL D 288 49.70 39.31 -15.04
CA VAL D 288 49.55 40.66 -14.49
C VAL D 288 49.05 40.62 -13.06
N TYR D 289 48.07 39.77 -12.78
CA TYR D 289 47.49 39.69 -11.44
C TYR D 289 48.52 39.24 -10.40
N ILE D 290 49.20 38.13 -10.68
CA ILE D 290 50.19 37.58 -9.76
C ILE D 290 51.36 38.53 -9.53
N GLU D 291 51.83 39.16 -10.60
CA GLU D 291 53.08 39.92 -10.54
C GLU D 291 52.87 41.41 -10.23
N GLU D 292 51.72 41.96 -10.60
CA GLU D 292 51.48 43.40 -10.43
C GLU D 292 50.25 43.72 -9.58
N GLY D 293 49.49 42.69 -9.21
CA GLY D 293 48.38 42.85 -8.29
C GLY D 293 47.03 43.06 -8.95
N PRO D 294 45.97 43.16 -8.13
CA PRO D 294 44.58 43.22 -8.60
C PRO D 294 44.24 44.44 -9.45
N GLN D 295 44.63 45.64 -9.01
CA GLN D 295 44.29 46.85 -9.75
C GLN D 295 44.91 46.83 -11.13
N ALA D 296 46.12 46.29 -11.22
CA ALA D 296 46.81 46.13 -12.49
C ALA D 296 46.05 45.15 -13.38
N ALA D 297 45.59 44.05 -12.80
CA ALA D 297 44.83 43.05 -13.53
C ALA D 297 43.52 43.65 -14.03
N ARG D 298 42.85 44.39 -13.13
CA ARG D 298 41.60 45.05 -13.48
C ARG D 298 41.78 45.96 -14.68
N GLU D 299 42.90 46.67 -14.72
CA GLU D 299 43.18 47.59 -15.82
C GLU D 299 43.51 46.82 -17.10
N TRP D 300 44.16 45.68 -16.95
CA TRP D 300 44.47 44.82 -18.10
C TRP D 300 43.17 44.30 -18.72
N LEU D 301 42.26 43.84 -17.86
CA LEU D 301 41.00 43.28 -18.31
C LEU D 301 40.13 44.36 -18.95
N ARG D 302 40.24 45.57 -18.43
CA ARG D 302 39.42 46.68 -18.87
C ARG D 302 39.83 47.15 -20.26
N THR D 303 41.07 46.85 -20.64
CA THR D 303 41.64 47.30 -21.90
C THR D 303 41.85 46.14 -22.86
N GLU D 304 42.89 45.34 -22.61
CA GLU D 304 43.20 44.19 -23.47
C GLU D 304 42.14 43.10 -23.37
N GLY D 305 41.58 42.93 -22.18
CA GLY D 305 40.50 41.97 -21.99
C GLY D 305 39.30 42.36 -22.83
N PHE D 306 38.88 43.61 -22.73
CA PHE D 306 37.75 44.10 -23.50
C PHE D 306 38.01 44.00 -25.00
N LYS D 307 39.22 44.36 -25.42
CA LYS D 307 39.59 44.27 -26.83
C LYS D 307 39.43 42.83 -27.30
N ASN D 308 39.92 41.88 -26.50
CA ASN D 308 39.81 40.47 -26.82
C ASN D 308 38.38 40.01 -27.01
N ILE D 309 37.53 40.28 -26.02
CA ILE D 309 36.16 39.78 -26.05
C ILE D 309 35.33 40.55 -27.08
N ASP D 310 35.63 41.84 -27.25
CA ASP D 310 34.91 42.65 -28.23
C ASP D 310 35.17 42.12 -29.65
N GLU D 311 36.42 41.75 -29.93
CA GLU D 311 36.78 41.21 -31.24
C GLU D 311 36.07 39.88 -31.48
N LEU D 312 36.02 39.05 -30.45
CA LEU D 312 35.31 37.77 -30.52
C LEU D 312 33.83 37.97 -30.80
N ASN D 313 33.22 38.90 -30.08
CA ASN D 313 31.79 39.18 -30.26
C ASN D 313 31.46 39.68 -31.67
N LYS D 314 32.36 40.46 -32.26
CA LYS D 314 32.14 40.97 -33.60
C LYS D 314 32.22 39.83 -34.62
N VAL D 315 33.05 38.83 -34.33
CA VAL D 315 33.15 37.66 -35.19
C VAL D 315 31.92 36.78 -35.03
N LEU D 316 31.40 36.68 -33.79
CA LEU D 316 30.20 35.89 -33.55
C LEU D 316 29.01 36.51 -34.28
N ASP D 317 28.95 37.84 -34.32
CA ASP D 317 27.85 38.55 -34.95
C ASP D 317 27.71 38.18 -36.43
N LYS D 318 28.82 37.79 -37.05
CA LYS D 318 28.84 37.50 -38.49
C LYS D 318 28.96 36.00 -38.79
N THR D 319 29.01 35.20 -37.75
CA THR D 319 29.16 33.79 -37.93
C THR D 319 28.14 32.85 -37.23
N ALA D 320 27.72 33.19 -36.03
CA ALA D 320 26.82 32.34 -35.27
C ALA D 320 25.40 32.42 -35.73
N SER D 321 24.63 31.37 -35.46
CA SER D 321 23.22 31.30 -35.74
C SER D 321 22.40 31.18 -34.48
N PRO D 322 21.20 31.75 -34.48
CA PRO D 322 20.35 31.71 -33.28
C PRO D 322 19.89 30.29 -32.96
N TRP D 323 19.86 29.95 -31.68
CA TRP D 323 19.36 28.65 -31.27
C TRP D 323 17.87 28.56 -31.48
N THR D 324 17.23 29.69 -31.50
CA THR D 324 15.79 29.81 -31.65
C THR D 324 15.33 29.21 -32.98
N GLU D 325 16.22 29.25 -33.96
CA GLU D 325 15.98 28.64 -35.26
C GLU D 325 15.95 27.14 -35.19
N LYS D 326 16.50 26.57 -34.14
CA LYS D 326 16.52 25.13 -34.01
C LYS D 326 15.20 24.66 -33.43
N MET D 327 14.36 25.60 -33.02
CA MET D 327 13.02 25.25 -32.60
C MET D 327 12.24 24.84 -33.83
P1 P6F E . -27.30 -7.71 -15.01
O1P P6F E . -26.49 -6.49 -14.60
O2P P6F E . -26.59 -8.64 -15.97
O3P P6F E . -28.76 -7.45 -15.31
O1 P6F E . -27.41 -8.66 -13.48
C1 P6F E . -26.32 -9.30 -12.98
C2 P6F E . -26.28 -9.15 -11.43
C3 P6F E . -27.70 -9.13 -10.79
O3 P6F E . -27.65 -9.69 -9.51
C4 P6F E . -28.20 -7.66 -10.58
O4 P6F E . -27.07 -6.86 -10.34
C5 P6F E . -29.12 -7.58 -9.34
O5 P6F E . -30.25 -8.35 -9.70
C6 P6F E . -29.50 -6.11 -9.00
O6 P6F E . -30.86 -5.98 -9.02
P2 P6F E . -31.62 -4.95 -7.73
O4P P6F E . -31.37 -5.73 -6.46
O5P P6F E . -33.08 -4.90 -8.15
O6P P6F E . -30.85 -3.66 -7.87
CA CA F . -4.00 -14.13 -0.95
CA CA G . -5.35 -12.68 -12.30
P 13P H . 15.21 -7.65 5.48
O1P 13P H . 13.88 -7.66 6.15
O2P 13P H . 16.31 -7.30 6.54
O3P 13P H . 15.74 -9.12 5.36
O1 13P H . 15.41 -6.84 4.10
C1 13P H . 15.60 -5.45 3.99
C2 13P H . 15.39 -4.93 2.55
C3 13P H . 16.40 -5.69 1.67
O3 13P H . 16.80 -4.83 0.65
H11 13P H . 16.63 -5.21 4.33
H12 13P H . 14.95 -4.90 4.69
H31 13P H . 17.25 -6.04 2.30
H32 13P H . 15.98 -6.65 1.30
HO3 13P H . 17.68 -5.12 0.40
CA CA I . 32.63 -23.70 -0.88
CA CA J . 3.38 10.68 10.90
CA CA K . -6.46 -2.34 11.54
#